data_7WMZ
#
_entry.id   7WMZ
#
_cell.length_a   70.928
_cell.length_b   104.294
_cell.length_c   318.532
_cell.angle_alpha   90.000
_cell.angle_beta   94.080
_cell.angle_gamma   90.000
#
_symmetry.space_group_name_H-M   'I 1 2 1'
#
loop_
_entity.id
_entity.type
_entity.pdbx_description
1 polymer 'Methylenetetrahydrofolate reductase'
2 non-polymer '1,4-DIHYDRONICOTINAMIDE ADENINE DINUCLEOTIDE'
3 water water
#
_entity_poly.entity_id   1
_entity_poly.type   'polypeptide(L)'
_entity_poly.pdbx_seq_one_letter_code
;MTLNTVALELVPSNLDLGTAHALAELQKVRKLAVDAGLDGRIRHIMIPGMIEEDDGRPVEMKPKLDVLDYWELVQRELPD
VRGLCTQVTSFLGERSLRRRLTALIQHGFEGIAFVGVPRTMTDGEGAGVAPTDALSTFSHLVKHRGVILIPTRDDELSRF
GFKCKEGATFGMTQLLYSDAIVNFLTEFSRNTDHRPEILLSFGFVPKMESEVGLIDWLIQDPDNGAVATEQQFVRRLAAS
EPAQKRAQMLDLYKRVIDGVIDLGFPVSLHFEAPYGVSAPAFETFAAMLDYWAPDR
;
_entity_poly.pdbx_strand_id   E,A,B,C,D,F
#
loop_
_chem_comp.id
_chem_comp.type
_chem_comp.name
_chem_comp.formula
NAI non-polymer '1,4-DIHYDRONICOTINAMIDE ADENINE DINUCLEOTIDE' 'C21 H29 N7 O14 P2'
#
# COMPACT_ATOMS: atom_id res chain seq x y z
N MET A 1 7.05 -5.13 -14.22
CA MET A 1 5.70 -5.69 -14.24
C MET A 1 4.72 -4.76 -13.52
N THR A 2 5.26 -3.82 -12.77
CA THR A 2 4.50 -2.65 -12.37
C THR A 2 4.91 -1.49 -13.26
N LEU A 3 4.06 -0.46 -13.31
CA LEU A 3 4.40 0.74 -14.07
C LEU A 3 5.04 1.81 -13.19
N ASN A 4 4.49 2.02 -11.99
CA ASN A 4 5.02 2.95 -11.00
C ASN A 4 5.37 4.28 -11.66
N THR A 5 4.36 4.86 -12.30
CA THR A 5 4.54 6.00 -13.18
C THR A 5 3.61 7.14 -12.80
N VAL A 6 3.93 8.30 -13.37
CA VAL A 6 3.02 9.43 -13.49
C VAL A 6 2.58 9.48 -14.95
N ALA A 7 1.27 9.44 -15.18
CA ALA A 7 0.71 9.48 -16.53
C ALA A 7 -0.08 10.78 -16.71
N LEU A 8 0.20 11.47 -17.81
CA LEU A 8 -0.55 12.65 -18.22
C LEU A 8 -1.53 12.26 -19.31
N GLU A 9 -2.80 12.58 -19.12
CA GLU A 9 -3.80 12.32 -20.15
C GLU A 9 -3.71 13.40 -21.22
N LEU A 10 -3.47 12.98 -22.46
CA LEU A 10 -3.40 13.86 -23.62
C LEU A 10 -4.42 13.39 -24.65
N VAL A 11 -5.50 14.14 -24.80
CA VAL A 11 -6.60 13.73 -25.68
C VAL A 11 -6.18 13.99 -27.12
N PRO A 12 -6.52 13.11 -28.07
CA PRO A 12 -6.18 13.40 -29.47
C PRO A 12 -6.90 14.64 -29.97
N SER A 13 -6.29 15.33 -30.93
CA SER A 13 -6.92 16.51 -31.47
C SER A 13 -7.99 16.14 -32.50
N ASN A 14 -8.77 17.14 -32.92
CA ASN A 14 -9.86 16.88 -33.85
C ASN A 14 -9.31 16.45 -35.21
N LEU A 15 -10.08 15.60 -35.89
CA LEU A 15 -9.68 15.17 -37.23
C LEU A 15 -9.64 16.34 -38.20
N ASP A 16 -10.61 17.26 -38.09
CA ASP A 16 -10.70 18.50 -38.88
C ASP A 16 -9.35 19.14 -39.17
N LEU A 17 -8.47 19.14 -38.17
CA LEU A 17 -7.33 20.03 -38.12
C LEU A 17 -6.10 19.48 -38.84
N GLY A 18 -5.96 18.17 -38.95
CA GLY A 18 -4.83 17.59 -39.66
C GLY A 18 -3.62 17.37 -38.77
N THR A 19 -2.67 16.61 -39.32
CA THR A 19 -1.54 16.14 -38.52
C THR A 19 -0.55 17.25 -38.21
N ALA A 20 -0.45 18.27 -39.08
CA ALA A 20 0.46 19.37 -38.83
C ALA A 20 0.01 20.20 -37.62
N HIS A 21 -1.29 20.37 -37.45
CA HIS A 21 -1.79 21.09 -36.30
C HIS A 21 -1.54 20.33 -35.00
N ALA A 22 -1.84 19.02 -35.00
CA ALA A 22 -1.64 18.21 -33.79
C ALA A 22 -0.19 18.28 -33.32
N LEU A 23 0.76 18.18 -34.25
CA LEU A 23 2.17 18.24 -33.88
C LEU A 23 2.51 19.58 -33.23
N ALA A 24 2.07 20.68 -33.85
CA ALA A 24 2.36 21.99 -33.29
C ALA A 24 1.81 22.13 -31.87
N GLU A 25 0.59 21.63 -31.64
CA GLU A 25 0.02 21.71 -30.30
C GLU A 25 0.82 20.86 -29.32
N LEU A 26 1.33 19.71 -29.78
CA LEU A 26 2.17 18.88 -28.92
C LEU A 26 3.47 19.58 -28.57
N GLN A 27 4.08 20.28 -29.53
CA GLN A 27 5.24 21.11 -29.22
C GLN A 27 4.89 22.14 -28.15
N LYS A 28 3.67 22.67 -28.17
CA LYS A 28 3.25 23.63 -27.15
C LYS A 28 3.09 22.96 -25.78
N VAL A 29 2.55 21.74 -25.76
CA VAL A 29 2.36 21.03 -24.51
C VAL A 29 3.71 20.76 -23.84
N ARG A 30 4.72 20.45 -24.64
CA ARG A 30 6.04 20.20 -24.08
C ARG A 30 6.62 21.46 -23.45
N LYS A 31 6.53 22.58 -24.14
CA LYS A 31 6.92 23.87 -23.58
C LYS A 31 6.21 24.13 -22.25
N LEU A 32 4.92 23.80 -22.19
CA LEU A 32 4.17 24.00 -20.95
C LEU A 32 4.75 23.13 -19.83
N ALA A 33 5.01 21.86 -20.12
CA ALA A 33 5.60 20.97 -19.12
C ALA A 33 6.93 21.51 -18.61
N VAL A 34 7.81 21.93 -19.52
CA VAL A 34 9.14 22.39 -19.12
C VAL A 34 9.06 23.67 -18.31
N ASP A 35 8.20 24.60 -18.73
CA ASP A 35 7.99 25.82 -17.96
C ASP A 35 7.52 25.52 -16.54
N ALA A 36 6.88 24.37 -16.33
CA ALA A 36 6.42 23.97 -15.01
C ALA A 36 7.33 22.93 -14.35
N GLY A 37 8.30 22.38 -15.09
CA GLY A 37 9.23 21.42 -14.52
C GLY A 37 8.84 19.96 -14.62
N LEU A 38 7.87 19.61 -15.47
CA LEU A 38 7.28 18.28 -15.49
C LEU A 38 7.95 17.32 -16.47
N ASP A 39 8.94 17.76 -17.25
CA ASP A 39 9.41 16.97 -18.39
C ASP A 39 9.79 15.55 -17.98
N GLY A 40 10.87 15.39 -17.22
CA GLY A 40 11.30 14.05 -16.82
C GLY A 40 10.38 13.38 -15.82
N ARG A 41 9.49 14.15 -15.19
CA ARG A 41 8.63 13.61 -14.13
C ARG A 41 7.42 12.85 -14.67
N ILE A 42 7.06 13.02 -15.94
CA ILE A 42 5.94 12.29 -16.54
C ILE A 42 6.52 11.17 -17.39
N ARG A 43 6.36 9.92 -16.94
CA ARG A 43 6.91 8.76 -17.63
C ARG A 43 6.01 8.25 -18.74
N HIS A 44 4.70 8.45 -18.64
CA HIS A 44 3.74 7.89 -19.59
C HIS A 44 2.76 8.96 -20.05
N ILE A 45 2.37 8.87 -21.33
CA ILE A 45 1.20 9.57 -21.82
C ILE A 45 0.06 8.55 -21.91
N MET A 46 -1.07 8.87 -21.31
CA MET A 46 -2.29 8.09 -21.44
C MET A 46 -3.18 8.80 -22.46
N ILE A 47 -3.52 8.11 -23.54
CA ILE A 47 -4.37 8.63 -24.60
C ILE A 47 -5.70 7.89 -24.54
N PRO A 48 -6.81 8.57 -24.23
CA PRO A 48 -8.10 7.86 -24.15
C PRO A 48 -8.64 7.56 -25.53
N GLY A 49 -9.29 6.41 -25.65
CA GLY A 49 -10.01 6.07 -26.85
C GLY A 49 -11.33 6.81 -26.96
N MET A 50 -12.02 6.58 -28.07
CA MET A 50 -13.24 7.31 -28.38
C MET A 50 -14.48 6.59 -27.84
N ILE A 51 -15.44 7.38 -27.36
CA ILE A 51 -16.81 6.90 -27.19
C ILE A 51 -17.78 8.09 -27.16
N GLY A 56 -25.50 13.56 -24.43
CA GLY A 56 -25.82 14.84 -23.84
C GLY A 56 -24.67 15.44 -23.07
N ARG A 57 -23.58 15.75 -23.76
CA ARG A 57 -22.37 16.19 -23.10
C ARG A 57 -22.22 17.69 -23.25
N PRO A 58 -21.96 18.43 -22.17
CA PRO A 58 -21.91 19.90 -22.27
C PRO A 58 -20.77 20.42 -23.15
N VAL A 59 -19.86 19.55 -23.59
CA VAL A 59 -18.86 19.90 -24.59
C VAL A 59 -18.98 18.87 -25.70
N GLU A 60 -18.88 19.34 -26.95
CA GLU A 60 -19.41 18.60 -28.09
C GLU A 60 -18.78 17.23 -28.26
N MET A 61 -17.45 17.18 -28.38
CA MET A 61 -16.70 16.01 -28.85
C MET A 61 -16.95 15.76 -30.35
N LYS A 62 -15.93 16.02 -31.16
CA LYS A 62 -15.99 15.87 -32.62
C LYS A 62 -15.14 14.68 -33.03
N PRO A 63 -15.11 14.29 -34.31
CA PRO A 63 -14.24 13.19 -34.72
C PRO A 63 -12.77 13.51 -34.49
N LYS A 64 -12.06 12.59 -33.85
CA LYS A 64 -10.66 12.73 -33.48
C LYS A 64 -9.78 11.80 -34.29
N LEU A 65 -8.47 12.07 -34.29
CA LEU A 65 -7.53 11.11 -34.86
C LEU A 65 -7.54 9.83 -34.04
N ASP A 66 -7.33 8.70 -34.73
CA ASP A 66 -7.22 7.43 -34.05
C ASP A 66 -6.11 7.46 -33.00
N VAL A 67 -6.35 6.79 -31.87
CA VAL A 67 -5.35 6.69 -30.80
C VAL A 67 -4.01 6.23 -31.36
N LEU A 68 -4.04 5.33 -32.34
CA LEU A 68 -2.81 4.78 -32.91
C LEU A 68 -1.95 5.86 -33.54
N ASP A 69 -2.58 6.77 -34.29
CA ASP A 69 -1.79 7.79 -34.98
C ASP A 69 -1.39 8.93 -34.06
N TYR A 70 -2.27 9.33 -33.13
CA TYR A 70 -1.89 10.37 -32.18
C TYR A 70 -0.70 9.93 -31.33
N TRP A 71 -0.55 8.61 -31.13
CA TRP A 71 0.62 8.09 -30.44
C TRP A 71 1.88 8.27 -31.27
N GLU A 72 1.78 8.04 -32.58
CA GLU A 72 2.88 8.35 -33.48
C GLU A 72 3.32 9.81 -33.32
N LEU A 73 2.35 10.72 -33.28
CA LEU A 73 2.67 12.14 -33.17
C LEU A 73 3.21 12.48 -31.79
N VAL A 74 2.62 11.93 -30.73
CA VAL A 74 3.12 12.19 -29.38
C VAL A 74 4.59 11.79 -29.28
N GLN A 75 4.92 10.63 -29.85
CA GLN A 75 6.30 10.15 -29.84
C GLN A 75 7.26 11.15 -30.48
N ARG A 76 6.81 11.86 -31.52
CA ARG A 76 7.70 12.78 -32.22
C ARG A 76 8.13 13.94 -31.34
N GLU A 77 7.17 14.57 -30.65
CA GLU A 77 7.45 15.76 -29.87
C GLU A 77 7.81 15.46 -28.42
N LEU A 78 7.61 14.21 -27.99
CA LEU A 78 7.89 13.76 -26.63
C LEU A 78 8.68 12.46 -26.75
N PRO A 79 9.94 12.53 -27.19
CA PRO A 79 10.64 11.30 -27.62
C PRO A 79 11.01 10.35 -26.49
N ASP A 80 10.92 10.75 -25.23
CA ASP A 80 11.22 9.84 -24.13
C ASP A 80 10.00 9.15 -23.56
N VAL A 81 8.79 9.69 -23.75
CA VAL A 81 7.62 9.20 -23.04
C VAL A 81 7.31 7.77 -23.46
N ARG A 82 6.55 7.09 -22.61
CA ARG A 82 5.93 5.81 -22.94
C ARG A 82 4.41 5.99 -22.96
N GLY A 83 3.72 4.96 -23.42
CA GLY A 83 2.31 5.13 -23.74
C GLY A 83 1.34 4.15 -23.11
N LEU A 84 0.22 4.69 -22.62
CA LEU A 84 -0.95 3.90 -22.25
C LEU A 84 -2.14 4.40 -23.05
N CYS A 85 -3.17 3.57 -23.15
CA CYS A 85 -4.41 3.97 -23.81
C CYS A 85 -5.60 3.32 -23.12
N THR A 86 -6.78 3.77 -23.54
CA THR A 86 -8.08 3.28 -23.10
C THR A 86 -8.80 2.68 -24.32
N GLN A 87 -9.45 1.53 -24.14
CA GLN A 87 -10.17 0.89 -25.23
C GLN A 87 -11.49 0.31 -24.73
N VAL A 88 -12.59 0.69 -25.39
CA VAL A 88 -13.88 0.07 -25.12
C VAL A 88 -13.93 -1.27 -25.83
N THR A 89 -14.24 -2.34 -25.08
CA THR A 89 -14.30 -3.68 -25.64
C THR A 89 -15.72 -4.17 -25.87
N SER A 90 -16.72 -3.61 -25.18
CA SER A 90 -18.03 -4.22 -25.08
C SER A 90 -18.82 -4.21 -26.38
N PHE A 91 -18.36 -3.48 -27.40
CA PHE A 91 -19.12 -3.32 -28.64
C PHE A 91 -18.35 -3.81 -29.86
N LEU A 92 -17.20 -4.46 -29.68
CA LEU A 92 -16.43 -5.04 -30.77
C LEU A 92 -16.50 -6.55 -30.68
N GLY A 93 -16.86 -7.21 -31.80
CA GLY A 93 -16.82 -8.65 -31.86
C GLY A 93 -15.46 -9.19 -31.47
N GLU A 94 -15.38 -10.45 -31.03
CA GLU A 94 -14.13 -10.93 -30.44
C GLU A 94 -12.96 -10.83 -31.41
N ARG A 95 -13.18 -11.20 -32.67
CA ARG A 95 -12.08 -11.18 -33.64
C ARG A 95 -11.64 -9.76 -33.96
N SER A 96 -12.60 -8.83 -34.01
CA SER A 96 -12.23 -7.44 -34.29
C SER A 96 -11.54 -6.81 -33.09
N LEU A 97 -11.96 -7.15 -31.88
CA LEU A 97 -11.25 -6.69 -30.71
C LEU A 97 -9.80 -7.20 -30.71
N ARG A 98 -9.59 -8.44 -31.16
CA ARG A 98 -8.23 -8.98 -31.22
C ARG A 98 -7.35 -8.16 -32.14
N ARG A 99 -7.86 -7.83 -33.33
CA ARG A 99 -7.08 -7.00 -34.25
C ARG A 99 -6.75 -5.65 -33.62
N ARG A 100 -7.75 -5.01 -32.99
CA ARG A 100 -7.53 -3.68 -32.42
C ARG A 100 -6.49 -3.73 -31.31
N LEU A 101 -6.58 -4.72 -30.42
CA LEU A 101 -5.61 -4.81 -29.33
C LEU A 101 -4.22 -5.13 -29.86
N THR A 102 -4.15 -5.99 -30.90
CA THR A 102 -2.86 -6.32 -31.50
C THR A 102 -2.19 -5.08 -32.10
N ALA A 103 -2.97 -4.25 -32.78
CA ALA A 103 -2.42 -3.02 -33.36
C ALA A 103 -1.86 -2.12 -32.26
N LEU A 104 -2.66 -1.88 -31.22
CA LEU A 104 -2.21 -1.02 -30.14
C LEU A 104 -0.92 -1.54 -29.53
N ILE A 105 -0.81 -2.86 -29.37
CA ILE A 105 0.43 -3.43 -28.81
C ILE A 105 1.56 -3.35 -29.83
N GLN A 106 1.25 -3.64 -31.10
CA GLN A 106 2.24 -3.50 -32.16
C GLN A 106 2.80 -2.08 -32.24
N HIS A 107 1.95 -1.08 -32.03
CA HIS A 107 2.38 0.32 -32.11
C HIS A 107 3.07 0.80 -30.84
N GLY A 108 3.33 -0.08 -29.88
CA GLY A 108 4.18 0.22 -28.75
C GLY A 108 3.49 0.65 -27.48
N PHE A 109 2.22 0.35 -27.29
CA PHE A 109 1.55 0.72 -26.05
C PHE A 109 1.96 -0.24 -24.95
N GLU A 110 2.37 0.31 -23.80
CA GLU A 110 2.78 -0.54 -22.68
C GLU A 110 1.59 -1.14 -21.97
N GLY A 111 0.52 -0.38 -21.81
CA GLY A 111 -0.66 -0.85 -21.13
C GLY A 111 -1.94 -0.34 -21.76
N ILE A 112 -3.01 -1.12 -21.60
CA ILE A 112 -4.32 -0.80 -22.13
C ILE A 112 -5.37 -1.02 -21.04
N ALA A 113 -6.24 -0.03 -20.85
CA ALA A 113 -7.38 -0.17 -19.94
C ALA A 113 -8.60 -0.60 -20.74
N PHE A 114 -9.17 -1.75 -20.37
CA PHE A 114 -10.37 -2.27 -21.02
C PHE A 114 -11.60 -1.62 -20.38
N VAL A 115 -12.45 -1.02 -21.20
CA VAL A 115 -13.61 -0.27 -20.72
C VAL A 115 -14.89 -0.95 -21.15
N GLY A 116 -15.88 -0.97 -20.25
CA GLY A 116 -17.18 -1.54 -20.55
C GLY A 116 -18.23 -0.50 -20.90
N VAL A 117 -19.43 -0.65 -20.31
CA VAL A 117 -20.64 -0.01 -20.85
C VAL A 117 -21.03 1.23 -20.05
N PRO A 118 -21.78 2.15 -20.65
CA PRO A 118 -22.12 3.41 -19.99
C PRO A 118 -23.26 3.25 -18.97
N ARG A 119 -23.70 4.39 -18.44
CA ARG A 119 -24.67 4.42 -17.35
C ARG A 119 -26.01 3.78 -17.73
N THR A 120 -26.34 3.77 -19.03
CA THR A 120 -27.63 3.32 -19.53
C THR A 120 -27.71 1.81 -19.70
N MET A 121 -26.63 1.09 -19.42
CA MET A 121 -26.54 -0.34 -19.67
C MET A 121 -26.09 -1.03 -18.40
N THR A 122 -26.40 -2.32 -18.31
CA THR A 122 -25.99 -3.16 -17.19
C THR A 122 -24.74 -3.96 -17.57
N ASP A 123 -24.16 -4.64 -16.58
CA ASP A 123 -22.91 -5.35 -16.81
C ASP A 123 -23.16 -6.52 -17.78
N GLY A 124 -22.31 -6.63 -18.81
CA GLY A 124 -22.41 -7.67 -19.81
C GLY A 124 -23.23 -7.33 -21.04
N GLU A 125 -23.75 -6.11 -21.14
CA GLU A 125 -24.84 -5.79 -22.06
C GLU A 125 -24.40 -5.40 -23.47
N GLY A 126 -23.12 -5.12 -23.71
CA GLY A 126 -22.68 -4.94 -25.07
C GLY A 126 -22.78 -6.22 -25.87
N ALA A 127 -22.96 -6.08 -27.18
CA ALA A 127 -23.00 -7.24 -28.06
C ALA A 127 -21.60 -7.72 -28.45
N GLY A 128 -20.57 -6.98 -28.06
CA GLY A 128 -19.18 -7.38 -28.25
C GLY A 128 -18.62 -8.06 -27.02
N VAL A 129 -17.38 -7.72 -26.69
CA VAL A 129 -16.60 -8.46 -25.69
C VAL A 129 -16.63 -7.69 -24.37
N ALA A 130 -17.28 -8.27 -23.38
CA ALA A 130 -17.28 -7.72 -22.04
C ALA A 130 -15.84 -7.59 -21.52
N PRO A 131 -15.52 -6.51 -20.81
CA PRO A 131 -14.14 -6.36 -20.33
C PRO A 131 -13.70 -7.50 -19.43
N THR A 132 -14.61 -8.05 -18.62
CA THR A 132 -14.26 -9.21 -17.80
C THR A 132 -13.83 -10.38 -18.66
N ASP A 133 -14.55 -10.62 -19.77
CA ASP A 133 -14.14 -11.68 -20.69
C ASP A 133 -12.84 -11.30 -21.40
N ALA A 134 -12.69 -10.03 -21.79
CA ALA A 134 -11.50 -9.59 -22.50
C ALA A 134 -10.23 -9.80 -21.69
N LEU A 135 -10.28 -9.51 -20.39
CA LEU A 135 -9.12 -9.73 -19.53
C LEU A 135 -8.66 -11.19 -19.60
N SER A 136 -9.60 -12.13 -19.58
CA SER A 136 -9.21 -13.53 -19.72
C SER A 136 -8.65 -13.82 -21.11
N THR A 137 -9.42 -13.50 -22.14
CA THR A 137 -9.11 -13.92 -23.50
C THR A 137 -7.79 -13.34 -24.00
N PHE A 138 -7.48 -12.10 -23.62
CA PHE A 138 -6.31 -11.39 -24.15
C PHE A 138 -5.19 -11.31 -23.12
N SER A 139 -5.14 -12.27 -22.21
CA SER A 139 -4.12 -12.35 -21.19
C SER A 139 -2.75 -12.60 -21.81
N LEU A 141 -1.36 -11.60 -24.57
CA LEU A 141 -1.35 -10.54 -25.59
C LEU A 141 -1.07 -9.19 -24.97
N VAL A 142 -1.81 -8.86 -23.91
CA VAL A 142 -1.70 -7.57 -23.25
C VAL A 142 -1.09 -7.83 -21.88
N LYS A 143 0.16 -7.38 -21.69
CA LYS A 143 0.85 -7.63 -20.42
C LYS A 143 0.26 -6.79 -19.30
N HIS A 144 -0.04 -5.52 -19.58
CA HIS A 144 -0.63 -4.61 -18.62
C HIS A 144 -2.07 -4.33 -19.06
N ARG A 145 -2.98 -5.17 -18.57
CA ARG A 145 -4.41 -5.02 -18.84
C ARG A 145 -5.02 -4.26 -17.66
N GLY A 146 -5.64 -3.13 -17.97
CA GLY A 146 -6.28 -2.31 -16.97
C GLY A 146 -7.80 -2.34 -17.06
N VAL A 147 -8.40 -1.49 -16.25
CA VAL A 147 -9.84 -1.51 -16.02
C VAL A 147 -10.20 -0.19 -15.33
N ILE A 148 -11.45 0.23 -15.46
CA ILE A 148 -11.91 1.40 -14.72
C ILE A 148 -12.31 0.98 -13.31
N LEU A 149 -11.97 1.82 -12.32
CA LEU A 149 -12.36 1.62 -10.93
C LEU A 149 -13.08 2.87 -10.45
N ILE A 150 -14.36 2.72 -10.12
CA ILE A 150 -15.16 3.82 -9.58
C ILE A 150 -15.46 3.52 -8.11
N PRO A 151 -14.71 4.12 -7.18
CA PRO A 151 -14.85 3.77 -5.76
C PRO A 151 -16.25 3.99 -5.21
N THR A 152 -16.98 4.97 -5.75
CA THR A 152 -18.30 5.34 -5.28
C THR A 152 -19.43 4.55 -5.93
N ARG A 153 -19.13 3.72 -6.93
CA ARG A 153 -20.16 3.07 -7.74
C ARG A 153 -20.70 1.82 -7.08
N ASP A 154 -22.03 1.64 -7.17
CA ASP A 154 -22.74 0.48 -6.64
C ASP A 154 -22.03 -0.83 -6.97
N ASP A 155 -21.87 -1.69 -5.96
CA ASP A 155 -21.34 -3.04 -6.12
C ASP A 155 -19.93 -3.07 -6.68
N GLU A 156 -19.15 -2.01 -6.49
CA GLU A 156 -17.85 -1.96 -7.12
C GLU A 156 -16.87 -2.97 -6.52
N LEU A 157 -17.04 -3.30 -5.23
CA LEU A 157 -16.17 -4.31 -4.63
C LEU A 157 -16.34 -5.67 -5.30
N SER A 158 -17.58 -6.04 -5.62
CA SER A 158 -17.79 -7.26 -6.39
C SER A 158 -17.26 -7.11 -7.81
N ARG A 159 -17.53 -5.97 -8.45
CA ARG A 159 -17.13 -5.77 -9.85
C ARG A 159 -15.61 -5.76 -9.99
N PHE A 160 -14.92 -4.92 -9.21
CA PHE A 160 -13.47 -4.82 -9.32
C PHE A 160 -12.80 -6.15 -9.00
N GLY A 161 -13.32 -6.87 -8.00
CA GLY A 161 -12.75 -8.15 -7.65
C GLY A 161 -12.89 -9.19 -8.75
N PHE A 162 -14.08 -9.25 -9.38
CA PHE A 162 -14.27 -10.13 -10.54
C PHE A 162 -13.23 -9.84 -11.62
N LYS A 163 -12.98 -8.56 -11.89
CA LYS A 163 -12.04 -8.18 -12.93
C LYS A 163 -10.61 -8.59 -12.57
N CYS A 164 -10.23 -8.42 -11.29
CA CYS A 164 -8.92 -8.87 -10.83
C CYS A 164 -8.78 -10.38 -10.95
N LYS A 165 -9.81 -11.11 -10.52
CA LYS A 165 -9.85 -12.56 -10.73
C LYS A 165 -9.63 -12.89 -12.21
N GLU A 166 -10.37 -12.22 -13.09
CA GLU A 166 -10.26 -12.52 -14.51
C GLU A 166 -8.92 -12.11 -15.11
N GLY A 167 -8.13 -11.26 -14.42
CA GLY A 167 -6.77 -10.99 -14.85
C GLY A 167 -6.33 -9.53 -14.95
N ALA A 168 -7.19 -8.60 -14.54
CA ALA A 168 -6.82 -7.19 -14.56
C ALA A 168 -5.57 -6.95 -13.70
N THR A 169 -4.59 -6.25 -14.28
CA THR A 169 -3.33 -5.99 -13.56
C THR A 169 -3.25 -4.58 -12.98
N PHE A 170 -3.98 -3.61 -13.54
CA PHE A 170 -4.07 -2.29 -12.94
C PHE A 170 -5.51 -1.79 -13.04
N GLY A 171 -5.84 -0.82 -12.23
CA GLY A 171 -7.10 -0.18 -12.31
C GLY A 171 -6.90 1.29 -12.36
N MET A 172 -7.55 1.91 -13.32
CA MET A 172 -7.50 3.32 -13.44
C MET A 172 -8.71 4.03 -12.81
N THR A 173 -8.52 4.87 -11.79
CA THR A 173 -9.69 5.38 -11.09
C THR A 173 -10.37 6.49 -11.88
N GLN A 174 -11.68 6.59 -11.68
CA GLN A 174 -12.42 7.79 -12.01
C GLN A 174 -11.79 8.99 -11.30
N LEU A 175 -11.98 10.18 -11.88
CA LEU A 175 -11.62 11.43 -11.23
C LEU A 175 -11.99 11.38 -9.75
N LEU A 176 -11.02 11.63 -8.88
CA LEU A 176 -11.22 11.53 -7.43
C LEU A 176 -11.37 12.92 -6.83
N TYR A 177 -12.58 13.24 -6.39
CA TYR A 177 -12.84 14.49 -5.68
C TYR A 177 -13.37 14.21 -4.27
N SER A 178 -12.97 13.08 -3.71
CA SER A 178 -13.17 12.77 -2.30
C SER A 178 -12.17 11.67 -1.92
N ASP A 179 -12.25 11.23 -0.67
CA ASP A 179 -11.35 10.20 -0.15
C ASP A 179 -12.00 8.82 -0.13
N ALA A 180 -13.07 8.63 -0.91
CA ALA A 180 -13.76 7.34 -0.93
C ALA A 180 -12.83 6.19 -1.33
N ILE A 181 -11.87 6.45 -2.22
CA ILE A 181 -10.94 5.41 -2.65
C ILE A 181 -10.20 4.81 -1.47
N VAL A 182 -9.95 5.60 -0.42
CA VAL A 182 -9.28 5.07 0.77
C VAL A 182 -10.17 4.03 1.43
N ASN A 183 -11.46 4.34 1.59
CA ASN A 183 -12.40 3.38 2.16
C ASN A 183 -12.42 2.09 1.33
N PHE A 184 -12.41 2.23 0.00
CA PHE A 184 -12.59 1.08 -0.90
C PHE A 184 -11.42 0.12 -0.82
N LEU A 185 -10.19 0.62 -0.94
CA LEU A 185 -9.06 -0.28 -0.98
C LEU A 185 -8.72 -0.87 0.40
N THR A 186 -9.08 -0.19 1.49
CA THR A 186 -8.95 -0.82 2.81
C THR A 186 -9.85 -2.05 2.91
N GLU A 187 -11.13 -1.90 2.54
CA GLU A 187 -12.03 -3.06 2.46
C GLU A 187 -11.54 -4.08 1.44
N PHE A 188 -11.07 -3.62 0.27
CA PHE A 188 -10.69 -4.55 -0.80
C PHE A 188 -9.47 -5.36 -0.41
N SER A 189 -8.48 -4.74 0.23
CA SER A 189 -7.29 -5.48 0.63
C SER A 189 -7.57 -6.40 1.81
N ARG A 190 -8.69 -6.18 2.52
CA ARG A 190 -9.11 -7.06 3.61
C ARG A 190 -9.84 -8.30 3.10
N ASN A 191 -10.80 -8.10 2.20
CA ASN A 191 -11.62 -9.21 1.70
C ASN A 191 -10.88 -10.10 0.71
N THR A 192 -9.86 -9.60 0.04
CA THR A 192 -9.27 -10.28 -1.10
C THR A 192 -7.75 -10.28 -1.03
N ASP A 193 -7.17 -11.23 -1.75
CA ASP A 193 -5.73 -11.26 -2.00
C ASP A 193 -5.35 -10.47 -3.26
N HIS A 194 -6.26 -9.70 -3.83
CA HIS A 194 -6.02 -8.97 -5.07
C HIS A 194 -5.23 -7.70 -4.78
N ARG A 195 -4.08 -7.54 -5.43
CA ARG A 195 -3.22 -6.37 -5.24
C ARG A 195 -2.80 -5.79 -6.58
N PRO A 196 -3.74 -5.24 -7.34
CA PRO A 196 -3.37 -4.61 -8.61
C PRO A 196 -2.81 -3.21 -8.40
N GLU A 197 -2.00 -2.79 -9.36
CA GLU A 197 -1.54 -1.40 -9.41
C GLU A 197 -2.71 -0.45 -9.57
N ILE A 198 -2.75 0.61 -8.76
CA ILE A 198 -3.85 1.56 -8.80
C ILE A 198 -3.35 2.89 -9.37
N LEU A 199 -4.03 3.37 -10.41
CA LEU A 199 -3.75 4.67 -11.04
C LEU A 199 -4.76 5.67 -10.48
N LEU A 200 -4.36 6.42 -9.47
CA LEU A 200 -5.21 7.46 -8.90
C LEU A 200 -5.30 8.64 -9.86
N SER A 201 -6.52 8.98 -10.28
CA SER A 201 -6.72 10.07 -11.23
C SER A 201 -7.14 11.33 -10.49
N PHE A 202 -6.48 12.45 -10.82
CA PHE A 202 -6.80 13.75 -10.27
C PHE A 202 -6.92 14.74 -11.42
N GLY A 203 -7.99 15.53 -11.43
CA GLY A 203 -8.26 16.45 -12.53
C GLY A 203 -8.33 17.91 -12.13
N PHE A 204 -7.63 18.77 -12.89
CA PHE A 204 -7.67 20.21 -12.63
C PHE A 204 -9.03 20.77 -12.98
N VAL A 205 -9.61 21.53 -12.06
CA VAL A 205 -10.93 22.14 -12.23
C VAL A 205 -10.72 23.62 -12.57
N PRO A 206 -11.02 24.06 -13.79
CA PRO A 206 -10.90 25.47 -14.14
C PRO A 206 -12.13 26.26 -13.72
N LYS A 207 -12.01 27.59 -13.79
CA LYS A 207 -13.08 28.48 -13.37
C LYS A 207 -14.37 28.22 -14.13
N MET A 208 -14.28 28.12 -15.46
CA MET A 208 -15.45 27.95 -16.33
C MET A 208 -16.27 26.71 -16.00
N GLU A 209 -15.80 25.82 -15.12
CA GLU A 209 -16.59 24.65 -14.77
C GLU A 209 -17.94 25.04 -14.18
N SER A 210 -17.99 26.17 -13.46
CA SER A 210 -19.26 26.65 -12.94
C SER A 210 -20.19 27.09 -14.07
N GLU A 211 -19.63 27.50 -15.20
CA GLU A 211 -20.43 27.85 -16.37
C GLU A 211 -20.83 26.62 -17.18
N VAL A 212 -19.90 25.67 -17.37
CA VAL A 212 -20.06 24.60 -18.33
C VAL A 212 -20.45 23.29 -17.67
N GLY A 213 -19.82 22.92 -16.57
CA GLY A 213 -20.26 21.73 -15.84
C GLY A 213 -19.88 20.40 -16.45
N LEU A 214 -18.75 20.34 -17.16
CA LEU A 214 -18.31 19.07 -17.73
C LEU A 214 -17.91 18.09 -16.64
N ILE A 215 -17.07 18.53 -15.69
CA ILE A 215 -16.62 17.61 -14.64
C ILE A 215 -17.80 17.17 -13.79
N ASP A 216 -18.74 18.08 -13.53
CA ASP A 216 -20.00 17.70 -12.89
C ASP A 216 -20.65 16.54 -13.63
N TRP A 217 -20.71 16.65 -14.96
CA TRP A 217 -21.35 15.65 -15.80
C TRP A 217 -20.55 14.36 -15.87
N LEU A 218 -19.21 14.47 -15.87
CA LEU A 218 -18.36 13.27 -15.95
C LEU A 218 -18.50 12.39 -14.71
N ILE A 219 -18.65 13.00 -13.54
CA ILE A 219 -18.60 12.22 -12.30
C ILE A 219 -19.99 11.91 -11.74
N GLN A 220 -21.06 12.36 -12.41
CA GLN A 220 -22.39 12.24 -11.83
C GLN A 220 -22.78 10.77 -11.61
N ASP A 221 -23.64 10.58 -10.61
CA ASP A 221 -24.28 9.31 -10.24
C ASP A 221 -25.55 9.67 -9.48
N PRO A 222 -26.73 9.45 -10.07
CA PRO A 222 -27.96 10.13 -9.63
C PRO A 222 -28.24 10.13 -8.14
N ASP A 223 -28.46 8.97 -7.54
CA ASP A 223 -28.87 8.91 -6.14
C ASP A 223 -27.77 8.36 -5.25
N ASN A 224 -26.54 8.86 -5.43
CA ASN A 224 -25.40 8.31 -4.70
C ASN A 224 -25.18 9.03 -3.36
N GLY A 225 -24.92 10.33 -3.40
CA GLY A 225 -24.67 11.08 -2.17
C GLY A 225 -23.21 11.11 -1.77
N ALA A 226 -22.49 9.98 -1.93
CA ALA A 226 -21.04 10.04 -1.92
C ALA A 226 -20.52 10.86 -3.09
N VAL A 227 -21.15 10.71 -4.26
CA VAL A 227 -20.77 11.51 -5.41
C VAL A 227 -21.20 12.96 -5.23
N ALA A 228 -22.40 13.16 -4.69
CA ALA A 228 -22.86 14.52 -4.39
C ALA A 228 -21.86 15.24 -3.50
N THR A 229 -21.31 14.53 -2.50
CA THR A 229 -20.20 15.09 -1.71
C THR A 229 -19.08 15.54 -2.63
N GLU A 230 -18.71 14.70 -3.60
CA GLU A 230 -17.67 15.06 -4.55
C GLU A 230 -18.12 16.19 -5.46
N GLN A 231 -19.39 16.15 -5.90
CA GLN A 231 -19.89 17.21 -6.77
C GLN A 231 -19.86 18.55 -6.06
N GLN A 232 -20.15 18.57 -4.76
CA GLN A 232 -20.02 19.81 -3.99
C GLN A 232 -18.56 20.27 -3.97
N PHE A 233 -17.62 19.34 -3.91
CA PHE A 233 -16.20 19.71 -3.90
C PHE A 233 -15.81 20.40 -5.20
N VAL A 234 -16.25 19.87 -6.35
CA VAL A 234 -15.87 20.45 -7.63
C VAL A 234 -16.37 21.89 -7.72
N ARG A 235 -17.62 22.12 -7.31
CA ARG A 235 -18.15 23.47 -7.37
C ARG A 235 -17.37 24.40 -6.45
N ARG A 236 -16.91 23.88 -5.31
CA ARG A 236 -16.08 24.68 -4.42
C ARG A 236 -14.77 25.06 -5.09
N LEU A 237 -14.13 24.12 -5.80
CA LEU A 237 -12.87 24.40 -6.47
C LEU A 237 -13.05 25.47 -7.55
N ALA A 238 -14.08 25.33 -8.39
CA ALA A 238 -14.26 26.28 -9.49
C ALA A 238 -14.57 27.67 -8.97
N ALA A 239 -15.26 27.77 -7.84
CA ALA A 239 -15.52 29.08 -7.24
C ALA A 239 -14.28 29.65 -6.55
N SER A 240 -13.22 28.87 -6.41
CA SER A 240 -12.03 29.31 -5.68
C SER A 240 -11.02 29.96 -6.62
N GLU A 241 -10.41 31.06 -6.16
CA GLU A 241 -9.30 31.67 -6.85
C GLU A 241 -8.12 30.71 -6.87
N PRO A 242 -7.15 30.92 -7.77
CA PRO A 242 -6.12 29.88 -8.00
C PRO A 242 -5.45 29.32 -6.76
N ALA A 243 -4.91 30.17 -5.88
CA ALA A 243 -4.12 29.70 -4.74
C ALA A 243 -4.96 28.88 -3.76
N GLN A 244 -6.13 29.40 -3.39
CA GLN A 244 -7.00 28.68 -2.47
C GLN A 244 -7.49 27.38 -3.10
N LYS A 245 -7.66 27.35 -4.42
CA LYS A 245 -8.10 26.14 -5.09
C LYS A 245 -7.04 25.04 -5.00
N ARG A 246 -5.80 25.37 -5.37
CA ARG A 246 -4.72 24.38 -5.36
C ARG A 246 -4.46 23.82 -3.96
N ALA A 247 -4.58 24.66 -2.93
CA ALA A 247 -4.36 24.17 -1.57
C ALA A 247 -5.48 23.24 -1.13
N GLN A 248 -6.68 23.50 -1.58
CA GLN A 248 -7.79 22.62 -1.44
C GLN A 248 -7.53 21.27 -2.15
N MET A 249 -6.96 21.30 -3.34
CA MET A 249 -6.65 20.09 -4.06
C MET A 249 -5.56 19.34 -3.41
N LEU A 250 -4.55 20.08 -2.99
CA LEU A 250 -3.41 19.49 -2.28
C LEU A 250 -3.87 18.79 -1.00
N ASP A 251 -4.81 19.41 -0.28
CA ASP A 251 -5.36 18.80 0.94
C ASP A 251 -6.01 17.46 0.65
N LEU A 252 -6.75 17.36 -0.45
CA LEU A 252 -7.31 16.07 -0.85
C LEU A 252 -6.20 15.10 -1.23
N TYR A 253 -5.28 15.54 -2.10
CA TYR A 253 -4.19 14.69 -2.57
C TYR A 253 -3.44 14.05 -1.40
N LYS A 254 -2.96 14.89 -0.47
CA LYS A 254 -2.31 14.39 0.73
C LYS A 254 -3.18 13.38 1.47
N ARG A 255 -4.46 13.70 1.66
CA ARG A 255 -5.35 12.78 2.38
C ARG A 255 -5.44 11.45 1.65
N VAL A 256 -5.44 11.47 0.32
CA VAL A 256 -5.57 10.23 -0.46
C VAL A 256 -4.26 9.44 -0.46
N ILE A 257 -3.15 10.12 -0.74
CA ILE A 257 -1.86 9.43 -0.77
C ILE A 257 -1.54 8.82 0.59
N ASP A 258 -1.71 9.59 1.66
CA ASP A 258 -1.34 9.10 2.99
C ASP A 258 -2.17 7.88 3.37
N GLY A 259 -3.42 7.82 2.95
CA GLY A 259 -4.30 6.71 3.29
C GLY A 259 -4.32 5.56 2.30
N VAL A 260 -3.41 5.51 1.34
CA VAL A 260 -3.42 4.46 0.36
C VAL A 260 -2.06 3.75 0.29
N ILE A 261 -0.99 4.52 0.45
CA ILE A 261 0.33 4.07 0.00
C ILE A 261 0.86 2.89 0.81
N ASP A 262 0.32 2.64 2.00
CA ASP A 262 0.73 1.50 2.81
C ASP A 262 -0.28 0.36 2.77
N LEU A 263 -1.26 0.41 1.87
CA LEU A 263 -2.31 -0.61 1.80
C LEU A 263 -1.90 -1.84 0.99
N GLY A 264 -0.75 -1.83 0.33
CA GLY A 264 -0.27 -3.01 -0.37
C GLY A 264 -0.48 -3.02 -1.87
N PHE A 265 -1.11 -1.96 -2.46
CA PHE A 265 -1.29 -1.82 -3.90
C PHE A 265 -0.18 -0.95 -4.48
N PRO A 266 0.44 -1.34 -5.59
CA PRO A 266 1.27 -0.40 -6.35
C PRO A 266 0.49 0.87 -6.71
N VAL A 267 1.04 2.04 -6.38
CA VAL A 267 0.35 3.31 -6.56
C VAL A 267 1.01 4.05 -7.71
N SER A 268 0.24 4.36 -8.74
CA SER A 268 0.65 5.27 -9.81
C SER A 268 -0.29 6.48 -9.81
N LEU A 269 0.03 7.47 -10.65
CA LEU A 269 -0.76 8.68 -10.78
C LEU A 269 -1.27 8.84 -12.20
N HIS A 270 -2.43 9.47 -12.34
CA HIS A 270 -3.03 9.80 -13.64
C HIS A 270 -3.54 11.24 -13.58
N PHE A 271 -2.82 12.16 -14.22
CA PHE A 271 -3.17 13.57 -14.25
C PHE A 271 -3.85 13.91 -15.57
N GLU A 272 -5.03 14.54 -15.48
CA GLU A 272 -5.80 14.95 -16.66
C GLU A 272 -6.39 16.33 -16.45
N ALA A 273 -6.61 17.02 -17.56
CA ALA A 273 -7.32 18.32 -17.54
C ALA A 273 -8.51 18.23 -18.48
N PRO A 274 -9.71 17.98 -17.97
CA PRO A 274 -10.85 17.74 -18.86
C PRO A 274 -11.13 18.88 -19.83
N TYR A 275 -10.83 20.13 -19.46
CA TYR A 275 -10.95 21.24 -20.39
C TYR A 275 -9.65 21.51 -21.16
N GLY A 276 -8.64 20.68 -20.99
CA GLY A 276 -7.41 20.83 -21.75
C GLY A 276 -6.25 21.31 -20.90
N VAL A 277 -5.04 20.90 -21.28
CA VAL A 277 -3.86 21.21 -20.48
C VAL A 277 -3.61 22.71 -20.49
N SER A 278 -2.96 23.17 -19.43
CA SER A 278 -2.71 24.59 -19.24
C SER A 278 -1.65 24.76 -18.15
N ALA A 279 -1.01 25.93 -18.15
CA ALA A 279 -0.05 26.24 -17.10
C ALA A 279 -0.68 26.14 -15.71
N PRO A 280 -1.87 26.68 -15.44
CA PRO A 280 -2.47 26.47 -14.12
C PRO A 280 -2.65 25.00 -13.75
N ALA A 281 -3.05 24.16 -14.72
CA ALA A 281 -3.17 22.73 -14.42
C ALA A 281 -1.81 22.11 -14.13
N PHE A 282 -0.80 22.43 -14.94
CA PHE A 282 0.51 21.82 -14.78
C PHE A 282 1.18 22.30 -13.49
N GLU A 283 1.00 23.57 -13.13
CA GLU A 283 1.49 24.05 -11.84
C GLU A 283 0.80 23.34 -10.68
N THR A 284 -0.49 23.01 -10.85
CA THR A 284 -1.19 22.27 -9.82
C THR A 284 -0.67 20.83 -9.75
N PHE A 285 -0.51 20.19 -10.90
CA PHE A 285 0.08 18.86 -10.98
C PHE A 285 1.45 18.85 -10.30
N ALA A 286 2.29 19.84 -10.60
CA ALA A 286 3.63 19.88 -10.04
C ALA A 286 3.61 20.02 -8.51
N ALA A 287 2.68 20.81 -7.99
CA ALA A 287 2.57 20.91 -6.54
C ALA A 287 2.24 19.56 -5.92
N MET A 288 1.42 18.76 -6.62
CA MET A 288 1.08 17.43 -6.12
C MET A 288 2.31 16.53 -6.05
N LEU A 289 3.04 16.41 -7.17
CA LEU A 289 4.19 15.52 -7.20
C LEU A 289 5.24 15.93 -6.17
N ASP A 290 5.29 17.22 -5.82
CA ASP A 290 6.21 17.69 -4.79
C ASP A 290 5.83 17.20 -3.40
N TYR A 291 4.56 16.82 -3.18
CA TYR A 291 4.21 16.15 -1.93
C TYR A 291 4.53 14.66 -1.99
N TRP A 292 4.09 13.98 -3.04
CA TRP A 292 4.43 12.58 -3.23
C TRP A 292 4.45 12.27 -4.71
N ALA A 293 5.49 11.58 -5.16
CA ALA A 293 5.62 11.07 -6.50
C ALA A 293 6.20 9.67 -6.42
N PRO A 294 5.81 8.77 -7.32
CA PRO A 294 6.36 7.42 -7.29
C PRO A 294 7.72 7.33 -7.97
N ASP A 295 8.13 6.11 -8.34
CA ASP A 295 9.29 5.90 -9.20
C ASP A 295 9.12 4.61 -10.00
N MET B 1 7.15 -12.80 6.20
CA MET B 1 7.31 -13.73 5.08
C MET B 1 8.77 -14.16 4.93
N THR B 2 9.69 -13.23 5.12
CA THR B 2 11.12 -13.52 5.09
C THR B 2 11.74 -13.26 6.45
N LEU B 3 12.86 -13.95 6.70
CA LEU B 3 13.59 -13.77 7.97
C LEU B 3 14.45 -12.52 7.94
N ASN B 4 15.24 -12.37 6.87
CA ASN B 4 16.18 -11.25 6.70
C ASN B 4 16.96 -11.03 8.00
N THR B 5 17.68 -12.07 8.39
CA THR B 5 18.19 -12.24 9.74
C THR B 5 19.68 -12.53 9.74
N VAL B 6 20.27 -12.37 10.92
CA VAL B 6 21.60 -12.88 11.24
C VAL B 6 21.43 -13.96 12.30
N ALA B 7 21.88 -15.17 12.00
CA ALA B 7 21.68 -16.33 12.86
C ALA B 7 23.01 -16.87 13.34
N LEU B 8 23.15 -17.04 14.65
CA LEU B 8 24.35 -17.58 15.27
C LEU B 8 24.08 -19.02 15.70
N GLU B 9 24.92 -19.95 15.25
CA GLU B 9 24.80 -21.34 15.66
C GLU B 9 25.32 -21.49 17.09
N LEU B 10 24.47 -22.02 17.97
CA LEU B 10 24.83 -22.36 19.33
C LEU B 10 24.45 -23.82 19.57
N VAL B 11 25.45 -24.68 19.64
CA VAL B 11 25.23 -26.11 19.86
C VAL B 11 24.84 -26.34 21.32
N PRO B 12 23.82 -27.15 21.60
CA PRO B 12 23.47 -27.40 23.00
C PRO B 12 24.60 -28.10 23.74
N SER B 13 24.66 -27.88 25.05
CA SER B 13 25.69 -28.47 25.89
C SER B 13 25.43 -29.95 26.14
N ASN B 14 26.42 -30.63 26.73
CA ASN B 14 26.28 -32.05 27.05
C ASN B 14 25.28 -32.25 28.19
N LEU B 15 24.40 -33.24 28.01
CA LEU B 15 23.46 -33.61 29.08
C LEU B 15 24.20 -33.81 30.40
N ASP B 16 25.48 -34.19 30.33
CA ASP B 16 26.43 -34.31 31.43
C ASP B 16 26.26 -33.33 32.58
N LEU B 17 26.29 -32.04 32.23
CA LEU B 17 26.63 -30.94 33.12
C LEU B 17 25.41 -30.31 33.77
N GLY B 18 24.21 -30.63 33.31
CA GLY B 18 23.00 -30.11 33.90
C GLY B 18 22.60 -28.78 33.31
N THR B 19 21.43 -28.32 33.75
CA THR B 19 20.87 -27.10 33.21
C THR B 19 21.46 -25.85 33.83
N ALA B 20 22.03 -25.95 35.04
CA ALA B 20 22.73 -24.80 35.61
C ALA B 20 23.97 -24.45 34.80
N HIS B 21 24.83 -25.44 34.54
CA HIS B 21 26.05 -25.20 33.77
C HIS B 21 25.71 -24.62 32.39
N ALA B 22 24.69 -25.15 31.72
CA ALA B 22 24.31 -24.61 30.42
C ALA B 22 23.94 -23.14 30.51
N LEU B 23 23.10 -22.80 31.49
CA LEU B 23 22.72 -21.40 31.68
C LEU B 23 23.94 -20.53 31.94
N ALA B 24 24.89 -21.04 32.72
CA ALA B 24 26.09 -20.27 33.04
C ALA B 24 26.95 -20.05 31.80
N GLU B 25 27.04 -21.08 30.95
CA GLU B 25 27.80 -20.92 29.70
C GLU B 25 27.12 -19.93 28.77
N LEU B 26 25.79 -19.83 28.82
CA LEU B 26 25.07 -18.93 27.93
C LEU B 26 25.25 -17.48 28.34
N GLN B 27 25.37 -17.20 29.64
CA GLN B 27 25.70 -15.84 30.08
C GLN B 27 27.05 -15.41 29.51
N LYS B 28 28.04 -16.29 29.58
CA LYS B 28 29.35 -15.97 29.05
C LYS B 28 29.31 -15.73 27.54
N VAL B 29 28.49 -16.50 26.83
CA VAL B 29 28.27 -16.25 25.40
C VAL B 29 27.66 -14.87 25.20
N ARG B 30 26.67 -14.53 26.04
CA ARG B 30 26.07 -13.19 25.98
C ARG B 30 27.12 -12.11 26.19
N LYS B 31 28.06 -12.33 27.12
CA LYS B 31 29.04 -11.30 27.43
C LYS B 31 30.09 -11.16 26.32
N LEU B 32 30.57 -12.28 25.78
CA LEU B 32 31.50 -12.20 24.66
C LEU B 32 30.86 -11.45 23.49
N ALA B 33 29.57 -11.69 23.25
CA ALA B 33 28.90 -10.99 22.16
C ALA B 33 28.90 -9.48 22.38
N VAL B 34 28.57 -9.03 23.59
CA VAL B 34 28.44 -7.59 23.84
C VAL B 34 29.79 -6.90 23.75
N ASP B 35 30.87 -7.58 24.16
CA ASP B 35 32.19 -6.96 24.07
C ASP B 35 32.69 -6.87 22.64
N ALA B 36 32.08 -7.60 21.70
CA ALA B 36 32.39 -7.42 20.29
C ALA B 36 31.45 -6.43 19.61
N GLY B 37 30.42 -5.96 20.32
CA GLY B 37 29.44 -5.06 19.75
C GLY B 37 28.30 -5.74 19.03
N LEU B 38 28.27 -7.06 18.98
CA LEU B 38 27.18 -7.79 18.34
C LEU B 38 25.90 -7.79 19.17
N ASP B 39 25.80 -6.92 20.17
CA ASP B 39 24.67 -6.88 21.09
C ASP B 39 23.35 -6.91 20.35
N GLY B 40 23.00 -5.83 19.66
CA GLY B 40 21.76 -5.81 18.92
C GLY B 40 21.79 -6.41 17.53
N ARG B 41 22.91 -7.03 17.12
CA ARG B 41 23.11 -7.37 15.72
C ARG B 41 22.80 -8.84 15.38
N ILE B 42 22.62 -9.70 16.37
CA ILE B 42 22.30 -11.11 16.12
C ILE B 42 20.81 -11.30 16.37
N ARG B 43 20.06 -11.60 15.29
CA ARG B 43 18.61 -11.69 15.36
C ARG B 43 18.10 -13.08 15.75
N HIS B 44 18.80 -14.14 15.36
CA HIS B 44 18.34 -15.50 15.61
C HIS B 44 19.44 -16.36 16.20
N ILE B 45 19.03 -17.41 16.90
CA ILE B 45 19.94 -18.47 17.35
C ILE B 45 19.56 -19.74 16.62
N MET B 46 20.51 -20.29 15.86
CA MET B 46 20.34 -21.58 15.21
C MET B 46 20.83 -22.66 16.16
N ILE B 47 19.92 -23.55 16.56
CA ILE B 47 20.23 -24.70 17.41
C ILE B 47 20.18 -25.94 16.52
N PRO B 48 21.31 -26.57 16.21
CA PRO B 48 21.26 -27.76 15.34
C PRO B 48 20.78 -28.99 16.10
N GLY B 49 20.15 -29.90 15.36
CA GLY B 49 19.68 -31.15 15.93
C GLY B 49 20.75 -32.22 15.99
N MET B 50 20.35 -33.40 16.44
CA MET B 50 21.29 -34.52 16.56
C MET B 50 21.79 -34.96 15.19
N GLY B 56 33.18 -41.12 11.31
CA GLY B 56 34.50 -40.84 11.85
C GLY B 56 34.78 -39.37 12.10
N ARG B 57 34.06 -38.80 13.06
CA ARG B 57 34.21 -37.39 13.38
C ARG B 57 35.40 -37.20 14.31
N PRO B 58 36.32 -36.27 14.00
CA PRO B 58 37.52 -36.11 14.82
C PRO B 58 37.30 -35.42 16.16
N VAL B 59 36.05 -35.17 16.56
CA VAL B 59 35.72 -34.59 17.86
C VAL B 59 34.66 -35.46 18.50
N GLU B 60 34.71 -35.60 19.83
CA GLU B 60 34.07 -36.73 20.51
C GLU B 60 32.56 -36.76 20.29
N MET B 61 31.87 -35.64 20.53
CA MET B 61 30.41 -35.55 20.38
C MET B 61 29.67 -36.45 21.38
N LYS B 62 28.96 -35.85 22.34
CA LYS B 62 28.34 -36.62 23.41
C LYS B 62 26.85 -36.34 23.50
N PRO B 63 26.10 -37.13 24.27
CA PRO B 63 24.66 -36.86 24.45
C PRO B 63 24.40 -35.41 24.83
N LYS B 64 23.44 -34.80 24.14
CA LYS B 64 23.16 -33.38 24.28
C LYS B 64 21.81 -33.16 24.94
N LEU B 65 21.60 -31.92 25.42
CA LEU B 65 20.27 -31.48 25.77
C LEU B 65 19.38 -31.48 24.53
N ASP B 66 18.11 -31.87 24.70
CA ASP B 66 17.18 -31.76 23.59
C ASP B 66 17.11 -30.32 23.12
N VAL B 67 16.97 -30.13 21.80
CA VAL B 67 16.91 -28.78 21.25
C VAL B 67 15.74 -28.01 21.86
N LEU B 68 14.68 -28.73 22.23
CA LEU B 68 13.52 -28.08 22.84
C LEU B 68 13.91 -27.41 24.15
N ASP B 69 14.73 -28.09 24.95
CA ASP B 69 15.09 -27.61 26.28
C ASP B 69 16.24 -26.62 26.24
N TYR B 70 17.20 -26.79 25.31
CA TYR B 70 18.24 -25.78 25.16
C TYR B 70 17.61 -24.46 24.73
N TRP B 71 16.56 -24.51 23.90
CA TRP B 71 15.89 -23.27 23.50
C TRP B 71 15.24 -22.58 24.69
N GLU B 72 14.74 -23.33 25.67
CA GLU B 72 14.16 -22.71 26.86
C GLU B 72 15.22 -21.92 27.62
N LEU B 73 16.43 -22.46 27.73
CA LEU B 73 17.49 -21.78 28.46
C LEU B 73 18.08 -20.63 27.67
N VAL B 74 18.03 -20.70 26.33
CA VAL B 74 18.56 -19.62 25.50
C VAL B 74 17.74 -18.35 25.69
N GLN B 75 16.41 -18.48 25.70
CA GLN B 75 15.55 -17.32 25.89
C GLN B 75 15.70 -16.71 27.28
N ARG B 76 16.18 -17.49 28.25
CA ARG B 76 16.38 -16.95 29.60
C ARG B 76 17.59 -16.04 29.67
N GLU B 77 18.57 -16.22 28.79
CA GLU B 77 19.85 -15.51 28.89
C GLU B 77 20.17 -14.62 27.71
N LEU B 78 19.68 -14.95 26.50
CA LEU B 78 19.88 -14.11 25.33
C LEU B 78 18.54 -13.48 24.99
N PRO B 79 18.13 -12.42 25.70
CA PRO B 79 16.75 -11.92 25.53
C PRO B 79 16.48 -11.28 24.18
N ASP B 80 17.50 -11.06 23.35
CA ASP B 80 17.37 -10.30 22.12
C ASP B 80 17.11 -11.18 20.89
N VAL B 81 16.79 -12.46 21.08
CA VAL B 81 16.93 -13.42 19.98
C VAL B 81 15.66 -14.23 19.75
N ARG B 82 15.52 -14.72 18.52
CA ARG B 82 14.50 -15.65 18.10
C ARG B 82 15.17 -16.98 17.74
N GLY B 83 14.36 -18.00 17.48
CA GLY B 83 14.85 -19.37 17.37
C GLY B 83 14.67 -19.98 15.99
N LEU B 84 15.72 -20.67 15.53
CA LEU B 84 15.67 -21.60 14.41
C LEU B 84 16.25 -22.93 14.86
N CYS B 85 15.86 -24.03 14.22
CA CYS B 85 16.50 -25.31 14.53
C CYS B 85 16.70 -26.14 13.27
N THR B 86 17.41 -27.24 13.45
CA THR B 86 17.60 -28.26 12.43
C THR B 86 16.93 -29.55 12.91
N GLN B 87 16.31 -30.28 11.99
CA GLN B 87 15.67 -31.56 12.31
C GLN B 87 15.85 -32.50 11.14
N VAL B 88 16.37 -33.69 11.40
CA VAL B 88 16.48 -34.73 10.38
C VAL B 88 15.16 -35.49 10.32
N THR B 89 14.61 -35.60 9.10
CA THR B 89 13.31 -36.22 8.90
C THR B 89 13.38 -37.67 8.43
N SER B 90 14.51 -38.09 7.87
CA SER B 90 14.59 -39.32 7.09
C SER B 90 14.43 -40.58 7.93
N PHE B 91 14.62 -40.48 9.24
CA PHE B 91 14.50 -41.63 10.11
C PHE B 91 13.34 -41.65 11.10
N LEU B 92 12.38 -40.74 10.91
CA LEU B 92 11.15 -40.69 11.63
C LEU B 92 9.96 -40.91 10.71
N GLY B 93 9.00 -41.67 11.17
CA GLY B 93 7.78 -41.89 10.39
C GLY B 93 6.98 -40.64 10.47
N GLU B 94 6.01 -40.46 9.60
CA GLU B 94 5.28 -39.23 9.54
C GLU B 94 4.61 -38.85 10.82
N ARG B 95 3.98 -39.80 11.50
CA ARG B 95 3.25 -39.50 12.72
C ARG B 95 4.15 -38.99 13.82
N SER B 96 5.31 -39.62 13.96
CA SER B 96 6.33 -39.25 14.90
C SER B 96 6.94 -37.96 14.54
N LEU B 97 7.19 -37.77 13.28
CA LEU B 97 7.77 -36.51 12.84
C LEU B 97 6.78 -35.36 12.99
N ARG B 98 5.50 -35.62 12.73
CA ARG B 98 4.49 -34.60 12.99
C ARG B 98 4.51 -34.16 14.45
N ARG B 99 4.65 -35.12 15.37
CA ARG B 99 4.70 -34.79 16.79
C ARG B 99 5.95 -33.96 17.12
N ARG B 100 7.10 -34.36 16.57
CA ARG B 100 8.32 -33.61 16.79
C ARG B 100 8.22 -32.19 16.22
N LEU B 101 7.76 -32.07 14.98
CA LEU B 101 7.65 -30.74 14.38
C LEU B 101 6.60 -29.90 15.10
N THR B 102 5.49 -30.52 15.51
CA THR B 102 4.45 -29.81 16.25
C THR B 102 5.01 -29.22 17.54
N ALA B 103 5.81 -30.01 18.25
CA ALA B 103 6.41 -29.54 19.50
C ALA B 103 7.39 -28.41 19.26
N LEU B 104 8.19 -28.50 18.19
CA LEU B 104 9.15 -27.45 17.88
C LEU B 104 8.45 -26.13 17.54
N ILE B 105 7.40 -26.18 16.73
CA ILE B 105 6.61 -24.98 16.47
C ILE B 105 5.93 -24.52 17.75
N GLN B 106 5.43 -25.47 18.56
CA GLN B 106 4.76 -25.09 19.80
C GLN B 106 5.69 -24.42 20.79
N HIS B 107 6.98 -24.81 20.80
CA HIS B 107 7.91 -24.21 21.75
C HIS B 107 8.45 -22.86 21.29
N GLY B 108 8.07 -22.39 20.10
CA GLY B 108 8.38 -21.04 19.67
C GLY B 108 9.46 -20.90 18.61
N PHE B 109 9.97 -21.99 18.04
CA PHE B 109 10.93 -21.86 16.95
C PHE B 109 10.25 -21.24 15.73
N GLU B 110 10.95 -20.29 15.10
CA GLU B 110 10.36 -19.57 13.96
C GLU B 110 10.50 -20.37 12.66
N GLY B 111 11.61 -21.08 12.48
CA GLY B 111 11.80 -21.88 11.28
C GLY B 111 12.52 -23.17 11.61
N ILE B 112 12.35 -24.15 10.74
CA ILE B 112 12.99 -25.46 10.88
C ILE B 112 13.60 -25.84 9.55
N ALA B 113 14.84 -26.33 9.58
CA ALA B 113 15.46 -26.88 8.38
C ALA B 113 15.30 -28.41 8.36
N PHE B 114 14.60 -28.94 7.36
CA PHE B 114 14.45 -30.39 7.21
C PHE B 114 15.72 -30.96 6.58
N VAL B 115 16.36 -31.90 7.28
CA VAL B 115 17.65 -32.45 6.86
C VAL B 115 17.47 -33.91 6.50
N GLY B 116 18.18 -34.34 5.45
CA GLY B 116 18.09 -35.69 4.94
C GLY B 116 19.20 -36.61 5.40
N VAL B 117 19.79 -37.35 4.46
CA VAL B 117 20.62 -38.52 4.74
C VAL B 117 22.11 -38.20 4.58
N PRO B 118 23.02 -38.96 5.20
CA PRO B 118 24.45 -38.67 5.09
C PRO B 118 25.04 -39.23 3.81
N ARG B 119 26.36 -39.12 3.65
CA ARG B 119 27.05 -39.51 2.44
C ARG B 119 26.92 -40.95 2.06
N THR B 120 26.77 -41.79 3.03
CA THR B 120 26.61 -43.17 2.84
C THR B 120 25.31 -43.55 2.17
N MET B 121 24.42 -42.62 1.97
CA MET B 121 23.11 -42.89 1.43
C MET B 121 22.80 -42.03 0.24
N THR B 122 21.87 -42.43 -0.57
CA THR B 122 21.40 -41.65 -1.66
C THR B 122 20.07 -41.12 -1.34
N ASP B 123 19.63 -40.14 -2.06
CA ASP B 123 18.46 -39.40 -1.68
C ASP B 123 17.27 -40.35 -1.49
N GLY B 124 16.52 -40.12 -0.46
CA GLY B 124 15.32 -40.86 -0.23
C GLY B 124 15.48 -42.12 0.53
N GLU B 125 16.69 -42.43 0.98
CA GLU B 125 17.09 -43.70 1.57
C GLU B 125 16.51 -43.95 2.95
N GLY B 126 16.09 -42.92 3.67
CA GLY B 126 15.61 -43.14 5.02
C GLY B 126 14.31 -43.92 5.06
N ALA B 127 14.17 -44.75 6.10
CA ALA B 127 12.92 -45.48 6.31
C ALA B 127 11.80 -44.59 6.85
N GLY B 128 12.12 -43.35 7.26
CA GLY B 128 11.11 -42.38 7.64
C GLY B 128 10.77 -41.44 6.50
N VAL B 129 10.55 -40.16 6.81
CA VAL B 129 10.03 -39.20 5.84
C VAL B 129 11.20 -38.48 5.17
N ALA B 130 11.28 -38.62 3.85
CA ALA B 130 12.30 -37.87 3.11
C ALA B 130 12.00 -36.38 3.20
N PRO B 131 13.02 -35.54 3.34
CA PRO B 131 12.77 -34.09 3.45
C PRO B 131 11.85 -33.54 2.37
N THR B 132 12.00 -34.02 1.12
CA THR B 132 11.18 -33.48 0.04
C THR B 132 9.70 -33.77 0.28
N ASP B 133 9.36 -34.96 0.79
CA ASP B 133 7.97 -35.22 1.13
C ASP B 133 7.54 -34.42 2.36
N ALA B 134 8.42 -34.30 3.35
CA ALA B 134 8.07 -33.59 4.57
C ALA B 134 7.76 -32.12 4.30
N LEU B 135 8.43 -31.51 3.31
CA LEU B 135 8.13 -30.13 2.95
C LEU B 135 6.67 -29.93 2.60
N SER B 136 6.09 -30.86 1.83
CA SER B 136 4.70 -30.68 1.41
C SER B 136 3.71 -31.20 2.46
N THR B 137 4.04 -32.30 3.13
CA THR B 137 3.13 -32.87 4.12
C THR B 137 2.92 -31.92 5.30
N PHE B 138 3.97 -31.22 5.70
CA PHE B 138 3.92 -30.30 6.84
C PHE B 138 3.96 -28.85 6.39
N SER B 139 3.64 -28.61 5.11
CA SER B 139 3.76 -27.28 4.51
C SER B 139 2.94 -26.24 5.25
N HIS B 140 1.88 -26.64 5.96
CA HIS B 140 1.11 -25.64 6.66
C HIS B 140 1.31 -25.65 8.17
N LEU B 141 1.99 -26.65 8.71
CA LEU B 141 2.38 -26.59 10.11
C LEU B 141 3.62 -25.70 10.32
N VAL B 142 4.59 -25.79 9.42
CA VAL B 142 5.83 -25.04 9.51
C VAL B 142 5.79 -23.94 8.46
N LYS B 143 5.79 -22.67 8.88
CA LYS B 143 5.73 -21.56 7.94
C LYS B 143 7.08 -21.28 7.28
N HIS B 144 8.17 -21.48 8.00
CA HIS B 144 9.52 -21.29 7.48
C HIS B 144 10.17 -22.67 7.45
N ARG B 145 9.97 -23.38 6.34
CA ARG B 145 10.54 -24.71 6.15
C ARG B 145 11.80 -24.58 5.32
N GLY B 146 12.92 -25.03 5.87
CA GLY B 146 14.20 -24.90 5.22
C GLY B 146 14.81 -26.23 4.80
N VAL B 147 15.82 -26.13 3.94
CA VAL B 147 16.60 -27.29 3.50
C VAL B 147 18.07 -26.93 3.51
N ILE B 148 18.92 -27.95 3.52
CA ILE B 148 20.35 -27.73 3.40
C ILE B 148 20.70 -27.54 1.93
N LEU B 149 21.54 -26.54 1.65
CA LEU B 149 22.04 -26.25 0.31
C LEU B 149 23.55 -26.39 0.33
N ILE B 150 24.07 -27.29 -0.49
CA ILE B 150 25.51 -27.47 -0.64
C ILE B 150 25.86 -27.24 -2.10
N PRO B 151 26.41 -26.06 -2.43
CA PRO B 151 26.56 -25.70 -3.86
C PRO B 151 27.48 -26.63 -4.63
N THR B 152 28.46 -27.23 -3.97
CA THR B 152 29.43 -28.09 -4.67
C THR B 152 28.91 -29.51 -4.91
N ARG B 153 27.73 -29.86 -4.39
CA ARG B 153 27.27 -31.24 -4.36
C ARG B 153 26.73 -31.69 -5.71
N ASP B 154 27.08 -32.92 -6.10
CA ASP B 154 26.69 -33.46 -7.39
C ASP B 154 25.18 -33.35 -7.60
N ASP B 155 24.78 -32.76 -8.72
CA ASP B 155 23.38 -32.59 -9.11
C ASP B 155 22.59 -31.75 -8.09
N GLU B 156 23.23 -30.73 -7.51
CA GLU B 156 22.53 -29.92 -6.51
C GLU B 156 21.48 -29.00 -7.12
N LEU B 157 21.62 -28.64 -8.40
CA LEU B 157 20.61 -27.81 -9.05
C LEU B 157 19.24 -28.48 -8.99
N SER B 158 19.16 -29.73 -9.44
CA SER B 158 17.89 -30.45 -9.46
C SER B 158 17.43 -30.81 -8.05
N ARG B 159 18.34 -31.22 -7.18
CA ARG B 159 17.95 -31.54 -5.80
C ARG B 159 17.32 -30.33 -5.11
N PHE B 160 17.95 -29.17 -5.25
CA PHE B 160 17.42 -27.94 -4.66
C PHE B 160 16.11 -27.51 -5.32
N GLY B 161 16.06 -27.57 -6.65
CA GLY B 161 14.83 -27.21 -7.34
C GLY B 161 13.65 -28.05 -6.89
N PHE B 162 13.87 -29.36 -6.76
CA PHE B 162 12.82 -30.25 -6.28
C PHE B 162 12.38 -29.87 -4.87
N LYS B 163 13.33 -29.51 -4.00
CA LYS B 163 12.97 -29.08 -2.65
C LYS B 163 12.10 -27.83 -2.69
N CYS B 164 12.48 -26.85 -3.51
CA CYS B 164 11.67 -25.65 -3.70
C CYS B 164 10.31 -25.95 -4.32
N LYS B 165 10.27 -26.85 -5.32
CA LYS B 165 8.97 -27.29 -5.84
C LYS B 165 8.10 -27.84 -4.74
N GLU B 166 8.66 -28.64 -3.83
CA GLU B 166 7.81 -29.28 -2.84
C GLU B 166 7.40 -28.33 -1.73
N GLY B 167 8.03 -27.15 -1.64
CA GLY B 167 7.57 -26.15 -0.71
C GLY B 167 8.62 -25.48 0.14
N ALA B 168 9.90 -25.80 -0.09
CA ALA B 168 10.98 -25.22 0.69
C ALA B 168 10.97 -23.70 0.56
N THR B 169 11.14 -23.02 1.69
CA THR B 169 11.08 -21.56 1.73
C THR B 169 12.41 -20.89 2.04
N PHE B 170 13.37 -21.61 2.62
CA PHE B 170 14.73 -21.10 2.72
C PHE B 170 15.71 -22.27 2.57
N GLY B 171 16.88 -21.91 2.13
CA GLY B 171 17.97 -22.81 2.11
C GLY B 171 19.08 -22.37 3.03
N MET B 172 19.61 -23.26 3.85
CA MET B 172 20.80 -22.98 4.65
C MET B 172 21.96 -23.72 4.06
N THR B 173 23.01 -23.04 3.83
CA THR B 173 24.14 -23.60 3.12
C THR B 173 25.08 -24.35 4.07
N GLN B 174 25.79 -25.32 3.51
CA GLN B 174 27.01 -25.80 4.14
C GLN B 174 27.96 -24.62 4.33
N LEU B 175 28.90 -24.78 5.25
CA LEU B 175 30.00 -23.82 5.40
C LEU B 175 30.53 -23.41 4.02
N LEU B 176 30.64 -22.10 3.80
CA LEU B 176 31.10 -21.57 2.51
C LEU B 176 32.56 -21.17 2.64
N TYR B 177 33.44 -21.93 2.00
CA TYR B 177 34.88 -21.63 2.00
C TYR B 177 35.41 -21.40 0.59
N SER B 178 34.50 -21.08 -0.34
CA SER B 178 34.78 -20.59 -1.68
C SER B 178 33.53 -19.83 -2.12
N ASP B 179 33.53 -19.36 -3.37
CA ASP B 179 32.38 -18.64 -3.92
C ASP B 179 31.59 -19.47 -4.92
N ALA B 180 31.67 -20.81 -4.81
CA ALA B 180 30.87 -21.66 -5.67
C ALA B 180 29.39 -21.31 -5.61
N ILE B 181 28.93 -20.80 -4.46
CA ILE B 181 27.53 -20.40 -4.30
C ILE B 181 27.14 -19.35 -5.34
N VAL B 182 28.06 -18.49 -5.75
CA VAL B 182 27.71 -17.44 -6.71
C VAL B 182 27.22 -18.06 -8.01
N ASN B 183 28.07 -18.87 -8.65
CA ASN B 183 27.69 -19.51 -9.91
C ASN B 183 26.47 -20.40 -9.75
N PHE B 184 26.38 -21.10 -8.61
CA PHE B 184 25.20 -21.93 -8.33
C PHE B 184 23.93 -21.10 -8.38
N LEU B 185 23.90 -19.99 -7.63
CA LEU B 185 22.70 -19.17 -7.57
C LEU B 185 22.46 -18.40 -8.85
N THR B 186 23.51 -18.09 -9.60
CA THR B 186 23.28 -17.44 -10.89
C THR B 186 22.63 -18.41 -11.86
N GLU B 187 23.11 -19.67 -11.87
CA GLU B 187 22.47 -20.72 -12.66
C GLU B 187 21.06 -21.02 -12.16
N PHE B 188 20.85 -20.99 -10.84
CA PHE B 188 19.56 -21.39 -10.27
C PHE B 188 18.48 -20.36 -10.58
N SER B 189 18.81 -19.06 -10.47
CA SER B 189 17.85 -18.02 -10.79
C SER B 189 17.61 -17.92 -12.29
N ARG B 190 18.56 -18.33 -13.11
CA ARG B 190 18.37 -18.34 -14.55
C ARG B 190 17.42 -19.47 -14.96
N ASN B 191 17.61 -20.66 -14.38
CA ASN B 191 16.82 -21.80 -14.79
C ASN B 191 15.42 -21.79 -14.19
N THR B 192 15.24 -21.24 -12.99
CA THR B 192 14.00 -21.39 -12.25
C THR B 192 13.41 -20.05 -11.86
N ASP B 193 12.16 -20.09 -11.39
CA ASP B 193 11.52 -18.98 -10.71
C ASP B 193 11.61 -19.12 -9.20
N HIS B 194 12.38 -20.09 -8.71
CA HIS B 194 12.53 -20.26 -7.27
C HIS B 194 13.44 -19.19 -6.70
N ARG B 195 12.90 -18.37 -5.82
CA ARG B 195 13.70 -17.46 -5.00
C ARG B 195 13.42 -17.73 -3.53
N PRO B 196 13.91 -18.85 -3.01
CA PRO B 196 13.91 -19.03 -1.55
C PRO B 196 14.95 -18.09 -0.96
N GLU B 197 14.72 -17.75 0.31
CA GLU B 197 15.74 -17.00 1.04
C GLU B 197 16.92 -17.91 1.35
N ILE B 198 18.13 -17.36 1.26
CA ILE B 198 19.36 -18.13 1.39
C ILE B 198 20.08 -17.68 2.67
N LEU B 199 20.35 -18.63 3.56
CA LEU B 199 21.16 -18.38 4.76
C LEU B 199 22.59 -18.79 4.45
N LEU B 200 23.44 -17.80 4.15
CA LEU B 200 24.84 -18.08 3.85
C LEU B 200 25.58 -18.48 5.13
N SER B 201 26.34 -19.57 5.07
CA SER B 201 27.01 -20.09 6.25
C SER B 201 28.50 -19.81 6.18
N PHE B 202 29.03 -19.16 7.23
CA PHE B 202 30.46 -18.86 7.34
C PHE B 202 30.97 -19.37 8.69
N GLY B 203 32.12 -20.05 8.66
CA GLY B 203 32.69 -20.64 9.88
C GLY B 203 34.08 -20.16 10.27
N PHE B 204 34.24 -19.66 11.50
CA PHE B 204 35.54 -19.23 11.97
C PHE B 204 36.49 -20.42 12.09
N VAL B 205 37.70 -20.28 11.57
CA VAL B 205 38.67 -21.37 11.58
C VAL B 205 39.75 -21.05 12.60
N PRO B 206 39.84 -21.80 13.70
CA PRO B 206 40.94 -21.60 14.65
C PRO B 206 42.16 -22.43 14.25
N LYS B 207 43.27 -22.11 14.92
CA LYS B 207 44.54 -22.79 14.64
C LYS B 207 44.45 -24.28 14.96
N MET B 208 43.56 -24.65 15.88
CA MET B 208 43.32 -26.06 16.20
C MET B 208 43.03 -26.91 14.97
N GLU B 209 42.50 -26.30 13.90
CA GLU B 209 42.04 -27.07 12.75
C GLU B 209 43.17 -27.80 12.05
N SER B 210 44.40 -27.27 12.12
CA SER B 210 45.53 -27.99 11.54
C SER B 210 45.84 -29.28 12.30
N GLU B 211 45.63 -29.28 13.62
CA GLU B 211 45.76 -30.52 14.38
C GLU B 211 44.54 -31.42 14.19
N VAL B 212 43.34 -30.87 14.44
CA VAL B 212 42.14 -31.69 14.62
C VAL B 212 41.52 -32.07 13.28
N GLY B 213 41.31 -31.10 12.40
CA GLY B 213 40.70 -31.39 11.12
C GLY B 213 39.20 -31.55 11.12
N LEU B 214 38.50 -30.94 12.08
CA LEU B 214 37.05 -31.09 12.14
C LEU B 214 36.38 -30.43 10.93
N ILE B 215 36.79 -29.20 10.59
CA ILE B 215 36.17 -28.49 9.47
C ILE B 215 36.48 -29.19 8.16
N ASP B 216 37.72 -29.62 7.96
CA ASP B 216 38.05 -30.45 6.79
C ASP B 216 37.13 -31.67 6.72
N TRP B 217 36.88 -32.30 7.87
CA TRP B 217 35.97 -33.43 7.91
C TRP B 217 34.55 -33.01 7.57
N LEU B 218 34.11 -31.85 8.09
CA LEU B 218 32.75 -31.39 7.87
C LEU B 218 32.42 -31.26 6.38
N ILE B 219 33.34 -30.66 5.62
CA ILE B 219 33.06 -30.23 4.26
C ILE B 219 33.58 -31.21 3.20
N GLN B 220 34.18 -32.33 3.62
CA GLN B 220 34.84 -33.22 2.66
C GLN B 220 33.85 -33.83 1.67
N ASP B 221 34.31 -34.00 0.44
CA ASP B 221 33.54 -34.63 -0.63
C ASP B 221 34.57 -35.21 -1.58
N PRO B 222 34.91 -36.50 -1.44
CA PRO B 222 36.07 -37.04 -2.16
C PRO B 222 35.90 -36.98 -3.67
N ASP B 223 37.01 -36.66 -4.35
CA ASP B 223 37.06 -36.53 -5.81
C ASP B 223 36.15 -35.40 -6.29
N ASN B 224 35.99 -34.36 -5.48
CA ASN B 224 35.33 -33.13 -5.88
C ASN B 224 36.38 -32.03 -5.88
N GLY B 225 36.75 -31.56 -7.08
CA GLY B 225 37.77 -30.53 -7.18
C GLY B 225 37.38 -29.21 -6.56
N ALA B 226 36.10 -28.84 -6.66
CA ALA B 226 35.64 -27.61 -6.03
C ALA B 226 35.78 -27.65 -4.51
N VAL B 227 35.61 -28.83 -3.91
CA VAL B 227 35.72 -28.97 -2.46
C VAL B 227 37.17 -29.05 -2.02
N ALA B 228 38.02 -29.71 -2.81
CA ALA B 228 39.45 -29.69 -2.51
C ALA B 228 39.98 -28.26 -2.46
N THR B 229 39.54 -27.42 -3.40
CA THR B 229 39.87 -26.00 -3.33
C THR B 229 39.43 -25.39 -2.00
N GLU B 230 38.24 -25.78 -1.52
CA GLU B 230 37.74 -25.25 -0.26
C GLU B 230 38.56 -25.76 0.91
N GLN B 231 38.87 -27.06 0.92
CA GLN B 231 39.70 -27.61 1.98
C GLN B 231 41.10 -27.01 1.99
N GLN B 232 41.60 -26.62 0.82
CA GLN B 232 42.90 -25.96 0.77
C GLN B 232 42.85 -24.61 1.47
N PHE B 233 41.75 -23.88 1.31
CA PHE B 233 41.62 -22.57 1.92
C PHE B 233 41.44 -22.68 3.43
N VAL B 234 40.71 -23.69 3.91
CA VAL B 234 40.55 -23.85 5.35
C VAL B 234 41.90 -24.09 6.01
N ARG B 235 42.76 -24.88 5.36
CA ARG B 235 44.10 -25.10 5.89
C ARG B 235 44.91 -23.81 5.87
N ARG B 236 44.81 -23.04 4.78
CA ARG B 236 45.50 -21.76 4.71
C ARG B 236 45.03 -20.83 5.83
N LEU B 237 43.73 -20.88 6.16
CA LEU B 237 43.20 -20.03 7.23
C LEU B 237 43.77 -20.44 8.58
N ALA B 238 43.69 -21.75 8.90
CA ALA B 238 44.15 -22.22 10.21
C ALA B 238 45.63 -21.91 10.41
N ALA B 239 46.44 -22.00 9.35
CA ALA B 239 47.87 -21.74 9.45
C ALA B 239 48.19 -20.25 9.50
N SER B 240 47.29 -19.40 9.01
CA SER B 240 47.57 -17.97 9.01
C SER B 240 47.50 -17.40 10.43
N GLU B 241 48.16 -16.25 10.60
CA GLU B 241 48.10 -15.49 11.85
C GLU B 241 46.76 -14.77 11.94
N PRO B 242 46.35 -14.36 13.15
CA PRO B 242 44.98 -13.85 13.33
C PRO B 242 44.55 -12.72 12.39
N ALA B 243 45.38 -11.69 12.19
CA ALA B 243 44.98 -10.57 11.34
C ALA B 243 44.96 -10.95 9.87
N GLN B 244 45.97 -11.69 9.40
CA GLN B 244 45.94 -12.18 8.03
C GLN B 244 44.81 -13.18 7.84
N LYS B 245 44.49 -13.98 8.86
CA LYS B 245 43.34 -14.88 8.77
C LYS B 245 42.05 -14.11 8.56
N ARG B 246 41.77 -13.13 9.44
CA ARG B 246 40.55 -12.35 9.31
C ARG B 246 40.44 -11.67 7.95
N ALA B 247 41.57 -11.25 7.38
CA ALA B 247 41.51 -10.55 6.10
C ALA B 247 41.09 -11.49 4.98
N GLN B 248 41.57 -12.74 5.04
CA GLN B 248 41.24 -13.72 4.00
C GLN B 248 39.76 -14.11 4.05
N MET B 249 39.17 -14.14 5.25
CA MET B 249 37.75 -14.43 5.45
C MET B 249 36.90 -13.34 4.91
N LEU B 250 37.31 -12.15 5.25
CA LEU B 250 36.58 -10.99 4.75
C LEU B 250 36.65 -10.89 3.24
N ASP B 251 37.80 -11.23 2.65
CA ASP B 251 37.93 -11.21 1.19
C ASP B 251 36.94 -12.19 0.56
N LEU B 252 36.91 -13.43 1.05
CA LEU B 252 35.91 -14.37 0.58
C LEU B 252 34.51 -13.81 0.79
N TYR B 253 34.24 -13.33 2.00
CA TYR B 253 32.93 -12.76 2.35
C TYR B 253 32.48 -11.71 1.35
N LYS B 254 33.34 -10.71 1.10
CA LYS B 254 33.00 -9.65 0.14
C LYS B 254 32.58 -10.23 -1.19
N ARG B 255 33.40 -11.11 -1.76
CA ARG B 255 33.10 -11.72 -3.05
C ARG B 255 31.78 -12.47 -3.02
N VAL B 256 31.45 -13.10 -1.88
CA VAL B 256 30.20 -13.86 -1.80
C VAL B 256 29.01 -12.91 -1.77
N ILE B 257 29.04 -11.91 -0.88
CA ILE B 257 27.92 -10.98 -0.78
C ILE B 257 27.70 -10.27 -2.12
N ASP B 258 28.77 -9.74 -2.71
CA ASP B 258 28.66 -8.99 -3.96
C ASP B 258 28.03 -9.84 -5.06
N GLY B 259 28.57 -11.04 -5.29
CA GLY B 259 28.07 -11.92 -6.33
C GLY B 259 26.71 -12.53 -6.07
N VAL B 260 26.15 -12.33 -4.88
CA VAL B 260 24.87 -12.91 -4.53
C VAL B 260 23.77 -11.87 -4.33
N ILE B 261 24.12 -10.67 -3.84
CA ILE B 261 23.15 -9.75 -3.25
C ILE B 261 22.09 -9.30 -4.25
N ASP B 262 22.40 -9.31 -5.54
CA ASP B 262 21.50 -8.76 -6.54
C ASP B 262 20.82 -9.84 -7.39
N LEU B 263 21.05 -11.11 -7.07
CA LEU B 263 20.52 -12.20 -7.87
C LEU B 263 19.03 -12.42 -7.65
N GLY B 264 18.45 -11.87 -6.59
CA GLY B 264 17.01 -11.94 -6.40
C GLY B 264 16.52 -12.88 -5.34
N PHE B 265 17.42 -13.49 -4.52
CA PHE B 265 17.04 -14.26 -3.34
C PHE B 265 17.21 -13.40 -2.10
N PRO B 266 16.25 -13.38 -1.18
CA PRO B 266 16.51 -12.73 0.11
C PRO B 266 17.72 -13.38 0.77
N VAL B 267 18.60 -12.57 1.35
CA VAL B 267 19.84 -13.02 1.93
C VAL B 267 19.79 -12.82 3.44
N SER B 268 20.05 -13.90 4.19
CA SER B 268 20.32 -13.88 5.63
C SER B 268 21.70 -14.51 5.86
N LEU B 269 22.19 -14.39 7.09
CA LEU B 269 23.53 -14.87 7.46
C LEU B 269 23.46 -15.91 8.55
N HIS B 270 24.45 -16.81 8.56
CA HIS B 270 24.52 -17.89 9.54
C HIS B 270 25.97 -18.04 9.97
N PHE B 271 26.26 -17.67 11.22
CA PHE B 271 27.61 -17.64 11.77
C PHE B 271 27.86 -18.88 12.62
N GLU B 272 28.94 -19.60 12.33
CA GLU B 272 29.28 -20.84 13.01
C GLU B 272 30.68 -20.80 13.58
N ALA B 273 30.86 -21.40 14.76
CA ALA B 273 32.17 -21.67 15.34
C ALA B 273 32.24 -23.17 15.59
N PRO B 274 32.60 -23.97 14.58
CA PRO B 274 32.64 -25.42 14.76
C PRO B 274 33.45 -25.89 15.97
N TYR B 275 34.40 -25.10 16.46
CA TYR B 275 35.17 -25.48 17.63
C TYR B 275 34.68 -24.81 18.90
N GLY B 276 33.64 -24.00 18.81
CA GLY B 276 33.35 -23.24 20.02
C GLY B 276 33.36 -21.75 19.76
N VAL B 277 32.24 -21.12 20.15
CA VAL B 277 32.14 -19.67 20.27
C VAL B 277 33.28 -19.13 21.11
N SER B 278 33.81 -17.96 20.71
CA SER B 278 35.02 -17.38 21.27
C SER B 278 35.09 -15.92 20.87
N ALA B 279 35.95 -15.15 21.55
CA ALA B 279 36.12 -13.75 21.20
C ALA B 279 36.70 -13.56 19.80
N PRO B 280 37.80 -14.22 19.40
CA PRO B 280 38.25 -14.07 18.01
C PRO B 280 37.20 -14.48 16.99
N ALA B 281 36.40 -15.51 17.28
CA ALA B 281 35.30 -15.86 16.40
C ALA B 281 34.31 -14.71 16.27
N PHE B 282 33.99 -14.07 17.40
CA PHE B 282 32.95 -13.05 17.41
C PHE B 282 33.41 -11.75 16.74
N GLU B 283 34.73 -11.45 16.77
CA GLU B 283 35.15 -10.24 16.07
C GLU B 283 35.28 -10.45 14.57
N THR B 284 35.54 -11.69 14.11
CA THR B 284 35.47 -11.94 12.68
C THR B 284 34.03 -11.83 12.19
N PHE B 285 33.09 -12.27 13.02
CA PHE B 285 31.66 -12.11 12.71
C PHE B 285 31.30 -10.63 12.58
N ALA B 286 31.77 -9.81 13.52
CA ALA B 286 31.46 -8.38 13.51
C ALA B 286 32.16 -7.67 12.36
N ALA B 287 33.34 -8.16 11.98
CA ALA B 287 34.02 -7.63 10.80
C ALA B 287 33.22 -7.93 9.54
N MET B 288 32.73 -9.17 9.42
CA MET B 288 31.88 -9.51 8.29
C MET B 288 30.62 -8.64 8.29
N LEU B 289 29.99 -8.47 9.45
CA LEU B 289 28.77 -7.67 9.53
C LEU B 289 29.03 -6.22 9.15
N ASP B 290 30.17 -5.67 9.56
CA ASP B 290 30.51 -4.28 9.26
C ASP B 290 30.51 -4.01 7.76
N TYR B 291 30.95 -4.98 6.95
CA TYR B 291 30.92 -4.80 5.51
C TYR B 291 29.53 -4.98 4.94
N TRP B 292 28.73 -5.90 5.48
CA TRP B 292 27.35 -6.05 5.01
C TRP B 292 26.53 -6.81 6.03
N ALA B 293 25.32 -6.30 6.31
CA ALA B 293 24.35 -6.91 7.20
C ALA B 293 22.96 -6.71 6.64
N PRO B 294 22.05 -7.66 6.87
CA PRO B 294 20.66 -7.46 6.46
C PRO B 294 19.97 -6.39 7.31
N ASP B 295 19.15 -5.58 6.63
CA ASP B 295 18.19 -4.60 7.20
C ASP B 295 17.97 -3.47 6.20
N MET C 1 -7.96 66.92 1.09
CA MET C 1 -7.83 65.47 1.10
C MET C 1 -6.39 65.06 0.83
N THR C 2 -5.50 66.04 0.79
CA THR C 2 -4.06 65.79 0.75
C THR C 2 -3.49 65.97 2.14
N LEU C 3 -2.56 65.09 2.52
CA LEU C 3 -1.92 65.22 3.83
C LEU C 3 -0.98 66.42 3.85
N ASN C 4 -0.18 66.60 2.80
CA ASN C 4 0.78 67.72 2.69
C ASN C 4 1.56 67.89 3.98
N THR C 5 2.33 66.87 4.33
CA THR C 5 2.82 66.72 5.68
C THR C 5 4.30 66.39 5.70
N VAL C 6 4.87 66.52 6.89
CA VAL C 6 6.20 66.03 7.22
C VAL C 6 6.01 64.97 8.30
N ALA C 7 6.45 63.76 8.01
CA ALA C 7 6.19 62.61 8.87
C ALA C 7 7.52 62.05 9.35
N LEU C 8 7.66 61.90 10.66
CA LEU C 8 8.86 61.34 11.25
C LEU C 8 8.60 59.91 11.70
N GLU C 9 9.47 58.99 11.30
CA GLU C 9 9.32 57.60 11.68
C GLU C 9 9.71 57.41 13.14
N LEU C 10 8.81 56.81 13.93
CA LEU C 10 9.09 56.50 15.33
C LEU C 10 8.79 55.02 15.55
N VAL C 11 9.83 54.22 15.61
CA VAL C 11 9.66 52.77 15.84
C VAL C 11 9.20 52.56 17.28
N PRO C 12 8.25 51.67 17.53
CA PRO C 12 7.88 51.36 18.92
C PRO C 12 9.05 50.73 19.67
N SER C 13 9.08 50.96 20.98
CA SER C 13 10.17 50.41 21.78
C SER C 13 9.89 48.96 22.15
N ASN C 14 10.95 48.25 22.56
CA ASN C 14 10.81 46.83 22.90
C ASN C 14 9.83 46.62 24.04
N LEU C 15 9.02 45.57 23.93
CA LEU C 15 8.08 45.20 24.97
C LEU C 15 8.79 44.94 26.30
N ASP C 16 10.01 44.38 26.22
CA ASP C 16 10.96 44.24 27.31
C ASP C 16 10.92 45.35 28.34
N LEU C 17 10.91 46.59 27.84
CA LEU C 17 11.25 47.76 28.63
C LEU C 17 10.05 48.40 29.32
N GLY C 18 8.83 48.10 28.89
CA GLY C 18 7.65 48.66 29.50
C GLY C 18 7.32 50.05 29.00
N THR C 19 6.14 50.53 29.39
CA THR C 19 5.62 51.79 28.88
C THR C 19 6.20 53.01 29.60
N ALA C 20 6.52 52.88 30.90
CA ALA C 20 7.19 54.00 31.57
C ALA C 20 8.50 54.34 30.87
N HIS C 21 9.28 53.32 30.49
CA HIS C 21 10.53 53.57 29.78
C HIS C 21 10.28 54.21 28.42
N ALA C 22 9.20 53.83 27.74
CA ALA C 22 8.98 54.33 26.39
C ALA C 22 8.68 55.81 26.39
N LEU C 23 7.77 56.26 27.26
CA LEU C 23 7.44 57.67 27.30
C LEU C 23 8.60 58.51 27.79
N ALA C 24 9.46 57.95 28.66
CA ALA C 24 10.70 58.63 28.99
C ALA C 24 11.53 58.91 27.75
N GLU C 25 11.57 57.95 26.82
CA GLU C 25 12.36 58.12 25.60
C GLU C 25 11.66 59.06 24.64
N LEU C 26 10.34 59.00 24.57
CA LEU C 26 9.57 59.95 23.77
C LEU C 26 9.76 61.38 24.28
N GLN C 27 9.88 61.53 25.60
CA GLN C 27 10.24 62.83 26.16
C GLN C 27 11.57 63.30 25.58
N LYS C 28 12.58 62.43 25.63
CA LYS C 28 13.90 62.77 25.10
C LYS C 28 13.84 63.09 23.61
N VAL C 29 12.95 62.43 22.87
CA VAL C 29 12.84 62.67 21.44
C VAL C 29 12.33 64.08 21.18
N ARG C 30 11.28 64.48 21.90
CA ARG C 30 10.75 65.83 21.73
C ARG C 30 11.79 66.87 22.12
N LYS C 31 12.60 66.57 23.14
CA LYS C 31 13.72 67.44 23.48
C LYS C 31 14.68 67.57 22.31
N LEU C 32 14.96 66.44 21.62
CA LEU C 32 15.83 66.51 20.45
C LEU C 32 15.23 67.43 19.38
N ALA C 33 13.93 67.34 19.14
CA ALA C 33 13.30 68.11 18.07
C ALA C 33 13.36 69.61 18.35
N VAL C 34 13.04 70.03 19.58
CA VAL C 34 13.14 71.45 19.92
C VAL C 34 14.57 71.93 19.73
N ASP C 35 15.54 71.13 20.18
CA ASP C 35 16.95 71.49 20.00
C ASP C 35 17.35 71.59 18.54
N ALA C 36 16.59 70.98 17.64
CA ALA C 36 16.89 71.05 16.21
C ALA C 36 16.13 72.14 15.48
N GLY C 37 14.99 72.58 16.03
CA GLY C 37 14.12 73.49 15.33
C GLY C 37 12.94 72.85 14.63
N LEU C 38 12.75 71.54 14.77
CA LEU C 38 11.69 70.82 14.07
C LEU C 38 10.35 70.87 14.77
N ASP C 39 10.28 71.50 15.95
CA ASP C 39 9.15 71.29 16.86
C ASP C 39 7.81 71.66 16.22
N GLY C 40 7.80 72.60 15.28
CA GLY C 40 6.56 72.94 14.61
C GLY C 40 6.48 72.49 13.16
N ARG C 41 7.52 71.82 12.69
CA ARG C 41 7.64 71.44 11.28
C ARG C 41 7.29 69.99 11.01
N ILE C 42 7.33 69.12 12.01
CA ILE C 42 6.88 67.74 11.86
C ILE C 42 5.40 67.71 12.17
N ARG C 43 4.59 67.35 11.18
CA ARG C 43 3.15 67.30 11.34
C ARG C 43 2.62 65.90 11.68
N HIS C 44 3.30 64.85 11.26
CA HIS C 44 2.82 63.49 11.49
C HIS C 44 3.94 62.65 12.08
N ILE C 45 3.55 61.61 12.82
CA ILE C 45 4.47 60.57 13.23
C ILE C 45 4.07 59.30 12.50
N MET C 46 5.04 58.65 11.87
CA MET C 46 4.83 57.37 11.22
C MET C 46 5.31 56.26 12.17
N ILE C 47 4.38 55.40 12.58
CA ILE C 47 4.70 54.27 13.44
C ILE C 47 4.59 53.01 12.59
N PRO C 48 5.70 52.37 12.24
CA PRO C 48 5.64 51.20 11.35
C PRO C 48 5.15 49.96 12.07
N GLY C 49 4.41 49.14 11.32
CA GLY C 49 4.00 47.85 11.81
C GLY C 49 5.08 46.81 11.62
N MET C 50 4.76 45.58 12.03
CA MET C 50 5.68 44.46 11.83
C MET C 50 5.94 44.26 10.34
N ILE C 51 7.10 43.66 10.05
CA ILE C 51 7.48 43.31 8.68
C ILE C 51 8.16 41.96 8.65
N PRO C 58 20.79 42.54 10.07
CA PRO C 58 22.00 42.94 10.73
C PRO C 58 21.73 43.57 12.06
N VAL C 59 20.53 44.03 12.31
CA VAL C 59 20.14 44.42 13.62
C VAL C 59 18.87 43.69 13.94
N GLU C 60 18.95 42.69 14.79
CA GLU C 60 17.82 41.85 15.07
C GLU C 60 16.72 42.65 15.68
N MET C 61 15.52 42.27 15.40
CA MET C 61 14.37 42.95 15.99
C MET C 61 13.93 42.21 17.26
N LYS C 62 13.26 42.88 18.17
CA LYS C 62 12.77 42.21 19.35
C LYS C 62 11.32 42.50 19.44
N PRO C 63 10.54 41.63 20.04
CA PRO C 63 9.11 41.93 20.21
C PRO C 63 8.87 43.34 20.73
N LYS C 64 7.97 44.05 20.06
CA LYS C 64 7.75 45.47 20.22
C LYS C 64 6.41 45.73 20.90
N LEU C 65 6.29 46.94 21.44
CA LEU C 65 4.98 47.49 21.77
C LEU C 65 4.11 47.50 20.51
N ASP C 66 2.85 47.10 20.66
CA ASP C 66 1.91 47.20 19.55
C ASP C 66 1.84 48.63 19.02
N VAL C 67 1.57 48.75 17.71
CA VAL C 67 1.43 50.05 17.06
C VAL C 67 0.37 50.88 17.76
N LEU C 68 -0.75 50.26 18.12
CA LEU C 68 -1.86 50.96 18.77
C LEU C 68 -1.45 51.51 20.14
N ASP C 69 -0.72 50.74 20.92
CA ASP C 69 -0.36 51.20 22.26
C ASP C 69 0.76 52.24 22.19
N TYR C 70 1.68 52.11 21.23
CA TYR C 70 2.72 53.12 21.09
C TYR C 70 2.15 54.46 20.62
N TRP C 71 1.06 54.45 19.85
CA TRP C 71 0.44 55.70 19.44
C TRP C 71 -0.14 56.44 20.65
N GLU C 72 -0.69 55.69 21.61
CA GLU C 72 -1.21 56.36 22.81
C GLU C 72 -0.09 57.08 23.54
N LEU C 73 1.11 56.50 23.55
CA LEU C 73 2.23 57.12 24.24
C LEU C 73 2.78 58.32 23.48
N VAL C 74 2.85 58.22 22.15
CA VAL C 74 3.24 59.38 21.34
C VAL C 74 2.38 60.58 21.69
N GLN C 75 1.05 60.38 21.67
CA GLN C 75 0.12 61.48 21.89
C GLN C 75 0.31 62.14 23.25
N ARG C 76 0.74 61.37 24.24
CA ARG C 76 0.97 61.96 25.56
C ARG C 76 2.12 62.96 25.53
N GLU C 77 3.21 62.62 24.92
CA GLU C 77 4.37 63.43 24.92
C GLU C 77 4.60 64.26 23.70
N PRO C 79 1.71 66.40 21.48
CA PRO C 79 0.33 66.64 21.02
C PRO C 79 0.33 67.53 19.83
N ASP C 80 1.49 67.79 19.29
CA ASP C 80 1.58 68.60 18.11
C ASP C 80 1.49 67.74 16.81
N VAL C 81 1.12 66.47 16.92
CA VAL C 81 1.31 65.51 15.84
C VAL C 81 0.01 64.79 15.56
N ARG C 82 -0.16 64.37 14.32
CA ARG C 82 -1.11 63.36 13.92
C ARG C 82 -0.33 62.10 13.60
N GLY C 83 -1.04 60.98 13.45
CA GLY C 83 -0.40 59.70 13.28
C GLY C 83 -0.72 59.04 11.95
N LEU C 84 0.27 58.32 11.42
CA LEU C 84 0.12 57.40 10.32
C LEU C 84 0.83 56.11 10.70
N CYS C 85 0.53 55.02 9.99
CA CYS C 85 1.14 53.74 10.29
C CYS C 85 1.23 52.89 9.03
N THR C 86 1.80 51.70 9.17
CA THR C 86 1.81 50.70 8.12
C THR C 86 1.37 49.36 8.68
N GLN C 87 0.71 48.58 7.84
CA GLN C 87 0.17 47.29 8.21
C GLN C 87 0.40 46.33 7.05
N VAL C 88 1.11 45.22 7.31
CA VAL C 88 1.19 44.17 6.31
C VAL C 88 -0.17 43.48 6.18
N THR C 89 -0.65 43.36 4.95
CA THR C 89 -1.99 42.83 4.69
C THR C 89 -1.99 41.36 4.25
N SER C 90 -0.87 40.86 3.74
CA SER C 90 -0.86 39.61 2.98
C SER C 90 -0.99 38.35 3.82
N PHE C 91 -0.81 38.44 5.14
CA PHE C 91 -0.84 37.24 5.98
C PHE C 91 -2.03 37.21 6.94
N LEU C 92 -2.97 38.15 6.79
CA LEU C 92 -4.21 38.14 7.56
C LEU C 92 -5.40 37.95 6.63
N GLY C 93 -6.28 37.00 6.97
CA GLY C 93 -7.55 36.88 6.28
C GLY C 93 -8.38 38.15 6.43
N GLU C 94 -9.48 38.21 5.70
CA GLU C 94 -10.20 39.47 5.59
C GLU C 94 -10.76 39.92 6.93
N ARG C 95 -11.55 39.05 7.57
CA ARG C 95 -12.23 39.44 8.80
C ARG C 95 -11.24 39.90 9.86
N SER C 96 -10.11 39.22 9.98
CA SER C 96 -9.08 39.61 10.94
C SER C 96 -8.42 40.92 10.52
N LEU C 97 -8.17 41.10 9.22
CA LEU C 97 -7.60 42.36 8.77
C LEU C 97 -8.58 43.51 8.96
N ARG C 98 -9.87 43.28 8.71
CA ARG C 98 -10.85 44.34 8.95
C ARG C 98 -10.89 44.72 10.43
N ARG C 99 -10.85 43.73 11.33
CA ARG C 99 -10.71 44.02 12.74
C ARG C 99 -9.48 44.89 13.00
N ARG C 100 -8.33 44.48 12.45
CA ARG C 100 -7.10 45.21 12.69
C ARG C 100 -7.17 46.63 12.13
N LEU C 101 -7.67 46.76 10.90
CA LEU C 101 -7.77 48.07 10.27
C LEU C 101 -8.75 48.97 11.01
N THR C 102 -9.88 48.43 11.47
CA THR C 102 -10.84 49.26 12.20
C THR C 102 -10.24 49.77 13.51
N ALA C 103 -9.50 48.91 14.21
CA ALA C 103 -8.86 49.34 15.45
C ALA C 103 -7.88 50.48 15.19
N LEU C 104 -7.13 50.41 14.09
CA LEU C 104 -6.19 51.49 13.77
C LEU C 104 -6.92 52.79 13.51
N ILE C 105 -8.06 52.73 12.80
CA ILE C 105 -8.82 53.95 12.52
C ILE C 105 -9.44 54.49 13.80
N GLN C 106 -10.05 53.60 14.59
CA GLN C 106 -10.73 54.02 15.81
C GLN C 106 -9.76 54.65 16.81
N HIS C 107 -8.50 54.26 16.78
CA HIS C 107 -7.51 54.80 17.71
C HIS C 107 -6.90 56.11 17.23
N GLY C 108 -7.37 56.67 16.12
CA GLY C 108 -6.98 58.00 15.71
C GLY C 108 -5.97 58.09 14.60
N PHE C 109 -5.61 56.98 13.96
CA PHE C 109 -4.67 57.04 12.84
C PHE C 109 -5.37 57.65 11.62
N GLU C 110 -4.69 58.58 10.96
CA GLU C 110 -5.29 59.28 9.83
C GLU C 110 -5.09 58.53 8.52
N GLY C 111 -4.01 57.77 8.40
CA GLY C 111 -3.71 57.05 7.17
C GLY C 111 -2.96 55.79 7.47
N ILE C 112 -3.18 54.78 6.64
CA ILE C 112 -2.59 53.46 6.79
C ILE C 112 -1.96 53.06 5.46
N ALA C 113 -0.73 52.56 5.51
CA ALA C 113 -0.03 52.07 4.33
C ALA C 113 -0.15 50.55 4.29
N PHE C 114 -0.68 50.03 3.18
CA PHE C 114 -0.92 48.59 3.01
C PHE C 114 0.34 47.96 2.47
N VAL C 115 0.97 47.08 3.24
CA VAL C 115 2.23 46.47 2.81
C VAL C 115 1.99 45.01 2.44
N GLY C 116 2.73 44.55 1.44
CA GLY C 116 2.56 43.21 0.90
C GLY C 116 3.66 42.25 1.28
N VAL C 117 4.19 41.51 0.32
CA VAL C 117 5.07 40.38 0.60
C VAL C 117 6.53 40.72 0.37
N PRO C 118 7.47 39.98 0.98
CA PRO C 118 8.91 40.28 0.82
C PRO C 118 9.56 39.70 -0.43
N ARG C 119 10.89 39.82 -0.50
CA ARG C 119 11.63 39.51 -1.72
C ARG C 119 11.48 38.05 -2.14
N THR C 120 11.37 37.15 -1.17
CA THR C 120 11.30 35.72 -1.47
C THR C 120 9.95 35.28 -2.00
N MET C 121 8.98 36.18 -2.13
CA MET C 121 7.66 35.85 -2.63
C MET C 121 7.34 36.71 -3.86
N THR C 122 6.40 36.23 -4.68
CA THR C 122 5.91 37.01 -5.80
C THR C 122 4.59 37.68 -5.41
N ASP C 123 4.18 38.66 -6.21
CA ASP C 123 2.98 39.44 -5.93
C ASP C 123 1.78 38.52 -5.68
N GLY C 124 1.04 38.81 -4.60
CA GLY C 124 -0.20 38.12 -4.28
C GLY C 124 -0.07 36.77 -3.60
N GLU C 125 1.13 36.35 -3.23
CA GLU C 125 1.35 34.99 -2.75
C GLU C 125 0.84 34.75 -1.32
N GLY C 126 0.41 35.78 -0.59
CA GLY C 126 -0.04 35.54 0.78
C GLY C 126 -1.40 34.87 0.82
N ALA C 127 -1.56 33.94 1.77
CA ALA C 127 -2.85 33.30 2.00
C ALA C 127 -3.86 34.23 2.67
N GLY C 128 -3.47 35.47 2.96
CA GLY C 128 -4.36 36.54 3.34
C GLY C 128 -4.68 37.45 2.18
N VAL C 129 -4.92 38.72 2.50
CA VAL C 129 -5.40 39.69 1.52
C VAL C 129 -4.21 40.45 0.94
N ALA C 130 -4.03 40.31 -0.36
CA ALA C 130 -3.04 41.13 -1.05
C ALA C 130 -3.34 42.61 -0.83
N PRO C 131 -2.32 43.47 -0.78
CA PRO C 131 -2.58 44.92 -0.69
C PRO C 131 -3.60 45.42 -1.70
N THR C 132 -3.49 44.99 -2.97
CA THR C 132 -4.40 45.47 -4.00
C THR C 132 -5.85 45.14 -3.66
N ASP C 133 -6.12 43.91 -3.22
CA ASP C 133 -7.47 43.54 -2.81
C ASP C 133 -7.91 44.35 -1.59
N ALA C 134 -7.00 44.54 -0.63
CA ALA C 134 -7.34 45.32 0.56
C ALA C 134 -7.76 46.74 0.19
N LEU C 135 -7.10 47.33 -0.82
CA LEU C 135 -7.42 48.70 -1.19
C LEU C 135 -8.89 48.87 -1.57
N SER C 136 -9.48 47.91 -2.28
CA SER C 136 -10.88 48.05 -2.67
C SER C 136 -11.86 47.55 -1.61
N THR C 137 -11.53 46.49 -0.88
CA THR C 137 -12.45 46.01 0.14
C THR C 137 -12.63 47.03 1.27
N PHE C 138 -11.57 47.76 1.61
CA PHE C 138 -11.58 48.70 2.73
C PHE C 138 -11.48 50.14 2.25
N SER C 139 -12.19 50.46 1.16
CA SER C 139 -11.88 51.65 0.37
C SER C 139 -12.22 52.96 1.08
N HIS C 140 -13.13 52.97 2.03
CA HIS C 140 -13.20 54.19 2.83
C HIS C 140 -13.42 53.90 4.32
N LEU C 141 -13.23 52.66 4.76
CA LEU C 141 -12.85 52.48 6.16
C LEU C 141 -11.56 53.24 6.43
N VAL C 142 -10.66 53.20 5.46
CA VAL C 142 -9.41 53.92 5.46
C VAL C 142 -9.53 55.01 4.40
N LYS C 143 -9.63 56.27 4.83
CA LYS C 143 -9.73 57.36 3.87
C LYS C 143 -8.41 57.61 3.17
N HIS C 144 -7.30 57.50 3.90
CA HIS C 144 -5.97 57.65 3.34
C HIS C 144 -5.31 56.27 3.36
N ARG C 145 -5.40 55.63 2.20
CA ARG C 145 -4.84 54.31 2.00
C ARG C 145 -3.59 54.38 1.16
N GLY C 146 -2.49 53.92 1.67
CA GLY C 146 -1.24 54.01 0.98
C GLY C 146 -0.66 52.64 0.63
N VAL C 147 0.43 52.69 -0.13
CA VAL C 147 1.18 51.50 -0.53
C VAL C 147 2.66 51.83 -0.44
N ILE C 148 3.48 50.79 -0.55
CA ILE C 148 4.93 50.97 -0.70
C ILE C 148 5.23 51.31 -2.15
N LEU C 149 6.12 52.27 -2.37
CA LEU C 149 6.61 52.61 -3.70
C LEU C 149 8.12 52.44 -3.74
N ILE C 150 8.60 51.49 -4.54
CA ILE C 150 10.03 51.28 -4.72
C ILE C 150 10.39 51.54 -6.18
N PRO C 151 10.84 52.75 -6.54
CA PRO C 151 11.01 53.09 -7.97
C PRO C 151 12.00 52.22 -8.71
N THR C 152 12.94 51.56 -8.01
CA THR C 152 13.92 50.72 -8.67
C THR C 152 13.42 49.28 -8.91
N ARG C 153 12.30 48.90 -8.32
CA ARG C 153 11.83 47.52 -8.40
C ARG C 153 11.32 47.18 -9.80
N ASP C 154 11.67 45.99 -10.29
CA ASP C 154 11.20 45.53 -11.59
C ASP C 154 9.67 45.57 -11.65
N ASP C 155 9.16 45.98 -12.81
CA ASP C 155 7.72 46.07 -13.07
C ASP C 155 7.03 47.04 -12.12
N GLU C 156 7.74 48.07 -11.65
CA GLU C 156 7.15 48.94 -10.64
C GLU C 156 6.07 49.83 -11.21
N LEU C 157 6.20 50.25 -12.48
CA LEU C 157 5.22 51.16 -13.06
C LEU C 157 3.82 50.53 -13.09
N SER C 158 3.73 49.26 -13.52
CA SER C 158 2.44 48.58 -13.57
C SER C 158 1.93 48.21 -12.18
N ARG C 159 2.83 47.74 -11.31
CA ARG C 159 2.44 47.41 -9.94
C ARG C 159 1.81 48.61 -9.24
N PHE C 160 2.43 49.79 -9.40
CA PHE C 160 1.93 50.98 -8.71
C PHE C 160 0.64 51.48 -9.35
N GLY C 161 0.60 51.51 -10.68
CA GLY C 161 -0.63 51.91 -11.36
C GLY C 161 -1.79 51.00 -10.99
N PHE C 162 -1.57 49.69 -11.04
CA PHE C 162 -2.55 48.74 -10.49
C PHE C 162 -2.95 49.11 -9.08
N LYS C 163 -1.99 49.49 -8.23
CA LYS C 163 -2.36 49.81 -6.86
C LYS C 163 -3.21 51.08 -6.84
N CYS C 164 -2.82 52.07 -7.64
CA CYS C 164 -3.63 53.28 -7.74
C CYS C 164 -4.98 53.00 -8.36
N LYS C 165 -5.02 52.16 -9.39
CA LYS C 165 -6.29 51.73 -9.95
C LYS C 165 -7.22 51.19 -8.86
N GLU C 166 -6.68 50.34 -7.99
CA GLU C 166 -7.54 49.76 -6.96
C GLU C 166 -7.87 50.74 -5.84
N GLY C 167 -7.10 51.82 -5.69
CA GLY C 167 -7.53 52.84 -4.75
C GLY C 167 -6.49 53.39 -3.79
N ALA C 168 -5.21 53.11 -4.04
CA ALA C 168 -4.14 53.74 -3.27
C ALA C 168 -4.21 55.26 -3.44
N THR C 169 -4.24 55.98 -2.30
CA THR C 169 -4.26 57.43 -2.32
C THR C 169 -2.91 58.08 -2.04
N PHE C 170 -1.97 57.33 -1.45
CA PHE C 170 -0.60 57.82 -1.39
C PHE C 170 0.35 56.64 -1.57
N GLY C 171 1.55 56.98 -1.93
CA GLY C 171 2.61 56.06 -1.99
C GLY C 171 3.74 56.55 -1.11
N MET C 172 4.25 55.67 -0.26
CA MET C 172 5.36 56.01 0.57
C MET C 172 6.58 55.27 0.01
N THR C 173 7.65 55.99 -0.25
CA THR C 173 8.76 55.41 -1.00
C THR C 173 9.71 54.67 -0.08
N GLN C 174 10.42 53.71 -0.66
CA GLN C 174 11.62 53.19 -0.04
C GLN C 174 12.59 54.34 0.23
N LEU C 175 13.51 54.13 1.17
CA LEU C 175 14.58 55.10 1.38
C LEU C 175 15.18 55.52 0.03
N LEU C 176 15.39 56.82 -0.15
CA LEU C 176 15.83 57.38 -1.43
C LEU C 176 17.30 57.77 -1.32
N TYR C 177 18.16 57.03 -2.04
CA TYR C 177 19.59 57.32 -2.11
C TYR C 177 20.05 57.54 -3.55
N SER C 178 19.10 57.80 -4.45
CA SER C 178 19.37 58.37 -5.76
C SER C 178 18.11 59.10 -6.22
N ASP C 179 18.19 59.69 -7.41
CA ASP C 179 17.04 60.39 -7.99
C ASP C 179 16.24 59.53 -8.96
N ALA C 180 16.24 58.20 -8.76
CA ALA C 180 15.49 57.33 -9.66
C ALA C 180 13.99 57.63 -9.61
N ILE C 181 13.50 58.09 -8.46
CA ILE C 181 12.09 58.46 -8.33
C ILE C 181 11.69 59.55 -9.32
N VAL C 182 12.64 60.38 -9.77
CA VAL C 182 12.29 61.49 -10.66
C VAL C 182 11.76 60.96 -11.98
N ASN C 183 12.56 60.13 -12.65
CA ASN C 183 12.10 59.61 -13.93
C ASN C 183 10.93 58.64 -13.76
N PHE C 184 10.89 57.88 -12.66
CA PHE C 184 9.74 56.99 -12.44
C PHE C 184 8.44 57.78 -12.40
N LEU C 185 8.44 58.93 -11.74
CA LEU C 185 7.22 59.71 -11.58
C LEU C 185 6.89 60.51 -12.83
N THR C 186 7.89 60.84 -13.63
CA THR C 186 7.63 61.50 -14.91
C THR C 186 6.89 60.57 -15.85
N GLU C 187 7.42 59.35 -16.04
CA GLU C 187 6.79 58.35 -16.90
C GLU C 187 5.43 57.94 -16.36
N PHE C 188 5.31 57.84 -15.04
CA PHE C 188 4.03 57.48 -14.44
C PHE C 188 2.99 58.56 -14.71
N SER C 189 3.39 59.83 -14.61
CA SER C 189 2.50 60.93 -14.91
C SER C 189 2.22 61.03 -16.41
N ARG C 190 3.15 60.57 -17.24
CA ARG C 190 2.97 60.65 -18.69
C ARG C 190 1.96 59.60 -19.16
N ASN C 191 2.06 58.38 -18.64
CA ASN C 191 1.26 57.28 -19.13
C ASN C 191 -0.07 57.12 -18.41
N THR C 192 -0.22 57.69 -17.22
CA THR C 192 -1.43 57.51 -16.41
C THR C 192 -1.94 58.86 -15.93
N ASP C 193 -3.23 58.87 -15.57
CA ASP C 193 -3.85 59.99 -14.85
C ASP C 193 -3.75 59.84 -13.32
N HIS C 194 -3.14 58.76 -12.82
CA HIS C 194 -2.99 58.56 -11.39
C HIS C 194 -2.11 59.66 -10.78
N ARG C 195 -2.64 60.38 -9.80
CA ARG C 195 -1.90 61.40 -9.06
C ARG C 195 -2.07 61.16 -7.56
N PRO C 196 -1.56 60.05 -7.03
CA PRO C 196 -1.55 59.86 -5.58
C PRO C 196 -0.53 60.77 -4.93
N GLU C 197 -0.72 61.02 -3.64
CA GLU C 197 0.26 61.77 -2.87
C GLU C 197 1.52 60.93 -2.70
N ILE C 198 2.69 61.56 -2.72
CA ILE C 198 3.95 60.83 -2.64
C ILE C 198 4.66 61.22 -1.35
N LEU C 199 4.97 60.22 -0.52
CA LEU C 199 5.75 60.41 0.70
C LEU C 199 7.20 60.02 0.41
N LEU C 200 8.00 61.02 0.04
CA LEU C 200 9.43 60.83 -0.24
C LEU C 200 10.21 60.54 1.04
N SER C 201 10.86 59.39 1.09
CA SER C 201 11.54 58.91 2.29
C SER C 201 13.04 59.15 2.23
N PHE C 202 13.59 59.74 3.30
CA PHE C 202 15.01 60.02 3.39
C PHE C 202 15.56 59.47 4.71
N GLY C 203 16.73 58.82 4.63
CA GLY C 203 17.31 58.19 5.80
C GLY C 203 18.67 58.74 6.21
N PHE C 204 18.79 59.20 7.46
CA PHE C 204 20.10 59.57 7.98
C PHE C 204 20.99 58.34 8.03
N VAL C 205 22.20 58.49 7.54
CA VAL C 205 23.21 57.43 7.52
C VAL C 205 24.27 57.76 8.56
N PRO C 206 24.34 57.03 9.68
CA PRO C 206 25.45 57.22 10.61
C PRO C 206 26.71 56.48 10.15
N LYS C 207 27.85 56.97 10.64
CA LYS C 207 29.13 56.29 10.41
C LYS C 207 29.03 54.82 10.78
N MET C 208 28.33 54.53 11.88
CA MET C 208 27.82 53.23 12.26
C MET C 208 27.53 52.31 11.07
N GLU C 209 26.92 52.84 10.00
CA GLU C 209 26.55 52.01 8.84
C GLU C 209 27.77 51.34 8.21
N SER C 210 28.95 51.95 8.32
CA SER C 210 30.14 51.41 7.67
C SER C 210 30.51 50.02 8.18
N GLU C 211 30.07 49.64 9.38
CA GLU C 211 30.37 48.33 9.94
C GLU C 211 29.16 47.42 10.05
N VAL C 212 27.96 47.98 10.16
CA VAL C 212 26.76 47.18 10.43
C VAL C 212 26.04 46.81 9.14
N GLY C 213 25.89 47.75 8.21
CA GLY C 213 25.27 47.43 6.93
C GLY C 213 23.75 47.36 6.94
N LEU C 214 23.10 47.92 7.96
CA LEU C 214 21.64 47.88 8.02
C LEU C 214 21.00 48.53 6.80
N ILE C 215 21.42 49.76 6.47
CA ILE C 215 20.76 50.51 5.40
C ILE C 215 21.03 49.87 4.05
N ASP C 216 22.21 49.28 3.86
CA ASP C 216 22.51 48.55 2.63
C ASP C 216 21.63 47.31 2.50
N TRP C 217 21.38 46.60 3.60
CA TRP C 217 20.50 45.44 3.58
C TRP C 217 19.05 45.84 3.32
N LEU C 218 18.63 46.98 3.89
CA LEU C 218 17.26 47.44 3.69
C LEU C 218 16.95 47.69 2.22
N ILE C 219 17.91 48.27 1.49
CA ILE C 219 17.66 48.69 0.11
C ILE C 219 18.18 47.69 -0.92
N GLN C 220 18.72 46.56 -0.49
CA GLN C 220 19.31 45.58 -1.39
C GLN C 220 18.29 45.09 -2.43
N ASP C 221 18.81 44.76 -3.64
CA ASP C 221 18.05 44.19 -4.76
C ASP C 221 19.05 43.58 -5.75
N PRO C 222 18.96 42.26 -6.02
CA PRO C 222 20.09 41.52 -6.60
C PRO C 222 20.79 42.16 -7.80
N ASP C 223 20.34 41.82 -9.01
CA ASP C 223 21.04 42.22 -10.24
C ASP C 223 20.43 43.46 -10.89
N ASN C 224 20.24 44.51 -10.09
CA ASN C 224 19.59 45.75 -10.57
C ASN C 224 20.62 46.74 -11.10
N GLY C 225 21.49 47.24 -10.22
CA GLY C 225 22.50 48.18 -10.66
C GLY C 225 22.14 49.62 -10.35
N ALA C 226 20.90 50.00 -10.69
CA ALA C 226 20.35 51.23 -10.13
C ALA C 226 20.34 51.20 -8.60
N VAL C 227 20.02 50.04 -8.03
CA VAL C 227 20.16 49.87 -6.59
C VAL C 227 21.63 49.89 -6.20
N ALA C 228 22.49 49.27 -7.01
CA ALA C 228 23.92 49.28 -6.71
C ALA C 228 24.46 50.71 -6.67
N THR C 229 23.95 51.59 -7.54
CA THR C 229 24.34 53.00 -7.49
C THR C 229 23.91 53.63 -6.17
N GLU C 230 22.75 53.25 -5.67
CA GLU C 230 22.30 53.80 -4.39
C GLU C 230 23.11 53.24 -3.24
N GLN C 231 23.45 51.95 -3.30
CA GLN C 231 24.23 51.33 -2.23
C GLN C 231 25.63 51.96 -2.14
N GLN C 232 26.23 52.30 -3.28
CA GLN C 232 27.49 53.03 -3.25
C GLN C 232 27.33 54.37 -2.54
N PHE C 233 26.23 55.08 -2.82
CA PHE C 233 26.01 56.40 -2.24
C PHE C 233 25.91 56.32 -0.71
N VAL C 234 25.22 55.31 -0.20
CA VAL C 234 25.14 55.11 1.24
C VAL C 234 26.55 54.92 1.80
N ARG C 235 27.37 54.13 1.11
CA ARG C 235 28.74 53.89 1.56
C ARG C 235 29.54 55.18 1.61
N ARG C 236 29.45 56.00 0.55
CA ARG C 236 30.10 57.30 0.57
C ARG C 236 29.62 58.15 1.74
N LEU C 237 28.32 58.15 2.01
CA LEU C 237 27.80 58.90 3.15
C LEU C 237 28.35 58.37 4.46
N ALA C 238 28.23 57.06 4.67
CA ALA C 238 28.76 56.46 5.88
C ALA C 238 30.27 56.64 6.01
N ALA C 239 30.97 56.87 4.90
CA ALA C 239 32.42 57.00 4.95
C ALA C 239 32.90 58.45 5.02
N SER C 240 31.99 59.40 5.24
CA SER C 240 32.30 60.82 5.21
C SER C 240 31.98 61.47 6.56
N GLU C 241 32.74 62.53 6.88
CA GLU C 241 32.50 63.28 8.10
C GLU C 241 31.19 64.06 8.01
N PRO C 242 30.57 64.39 9.16
CA PRO C 242 29.19 64.89 9.15
C PRO C 242 28.87 66.02 8.18
N ALA C 243 29.80 66.95 7.94
CA ALA C 243 29.47 68.15 7.18
C ALA C 243 29.44 67.90 5.68
N GLN C 244 30.38 67.12 5.17
CA GLN C 244 30.32 66.74 3.76
C GLN C 244 29.17 65.77 3.52
N LYS C 245 28.91 64.87 4.49
CA LYS C 245 27.78 63.96 4.38
C LYS C 245 26.47 64.73 4.35
N ARG C 246 26.33 65.75 5.20
CA ARG C 246 25.13 66.57 5.15
C ARG C 246 25.01 67.31 3.83
N ALA C 247 26.14 67.79 3.31
CA ALA C 247 26.14 68.48 2.02
C ALA C 247 25.75 67.54 0.88
N GLN C 248 26.24 66.32 0.90
CA GLN C 248 25.86 65.33 -0.10
C GLN C 248 24.37 64.94 -0.04
N MET C 249 23.87 64.73 1.15
CA MET C 249 22.52 64.34 1.36
C MET C 249 21.69 65.49 0.90
N LEU C 250 22.08 66.71 1.23
CA LEU C 250 21.35 67.90 0.81
C LEU C 250 21.36 68.06 -0.70
N ASP C 251 22.44 67.63 -1.36
CA ASP C 251 22.52 67.77 -2.80
C ASP C 251 21.57 66.83 -3.52
N LEU C 252 21.40 65.62 -2.97
CA LEU C 252 20.40 64.70 -3.51
C LEU C 252 18.99 65.21 -3.26
N TYR C 253 18.67 65.53 -1.99
CA TYR C 253 17.35 66.06 -1.66
C TYR C 253 16.94 67.16 -2.63
N LYS C 254 17.82 68.13 -2.86
CA LYS C 254 17.54 69.22 -3.78
C LYS C 254 17.11 68.71 -5.15
N ARG C 255 17.92 67.81 -5.74
CA ARG C 255 17.58 67.27 -7.07
C ARG C 255 16.29 66.46 -7.04
N VAL C 256 16.01 65.74 -5.95
CA VAL C 256 14.76 64.98 -5.90
C VAL C 256 13.58 65.93 -5.78
N ILE C 257 13.71 66.97 -4.96
CA ILE C 257 12.62 67.92 -4.78
C ILE C 257 12.37 68.68 -6.09
N ASP C 258 13.41 69.34 -6.62
CA ASP C 258 13.27 70.08 -7.88
C ASP C 258 12.68 69.21 -8.98
N GLY C 259 13.08 67.93 -9.05
CA GLY C 259 12.69 67.05 -10.12
C GLY C 259 11.30 66.45 -10.01
N VAL C 260 10.58 66.73 -8.92
CA VAL C 260 9.29 66.10 -8.66
C VAL C 260 8.18 67.09 -8.36
N ILE C 261 8.46 68.30 -7.87
CA ILE C 261 7.42 69.18 -7.32
C ILE C 261 6.43 69.66 -8.38
N ASP C 262 6.85 69.75 -9.64
CA ASP C 262 6.02 70.26 -10.74
C ASP C 262 5.35 69.16 -11.55
N LEU C 263 5.53 67.89 -11.18
CA LEU C 263 5.01 66.79 -11.98
C LEU C 263 3.52 66.53 -11.73
N GLY C 264 2.93 67.16 -10.73
CA GLY C 264 1.50 67.04 -10.49
C GLY C 264 1.06 66.13 -9.36
N PHE C 265 2.01 65.48 -8.65
CA PHE C 265 1.60 64.73 -7.46
C PHE C 265 1.77 65.60 -6.22
N PRO C 266 0.80 65.63 -5.30
CA PRO C 266 1.05 66.21 -3.98
C PRO C 266 2.26 65.52 -3.34
N VAL C 267 3.12 66.32 -2.71
CA VAL C 267 4.40 65.84 -2.19
C VAL C 267 4.45 66.08 -0.70
N SER C 268 4.70 65.01 0.06
CA SER C 268 4.96 65.03 1.50
C SER C 268 6.31 64.36 1.76
N LEU C 269 6.72 64.32 3.04
CA LEU C 269 8.07 63.92 3.41
C LEU C 269 8.04 62.90 4.54
N HIS C 270 9.02 61.99 4.52
CA HIS C 270 9.11 60.89 5.48
C HIS C 270 10.57 60.75 5.91
N PHE C 271 10.92 61.29 7.07
CA PHE C 271 12.28 61.28 7.56
C PHE C 271 12.51 60.07 8.47
N GLU C 272 13.62 59.36 8.24
CA GLU C 272 13.92 58.13 8.96
C GLU C 272 15.33 58.16 9.53
N ALA C 273 15.49 57.58 10.70
CA ALA C 273 16.81 57.29 11.26
C ALA C 273 16.83 55.80 11.58
N PRO C 274 17.16 54.95 10.58
CA PRO C 274 17.04 53.50 10.77
C PRO C 274 17.83 52.97 11.96
N TYR C 275 18.84 53.74 12.39
CA TYR C 275 19.60 53.41 13.58
C TYR C 275 19.07 54.12 14.83
N GLY C 276 18.02 54.91 14.70
CA GLY C 276 17.45 55.62 15.84
C GLY C 276 17.66 57.12 15.70
N VAL C 277 16.64 57.90 16.06
CA VAL C 277 16.72 59.35 16.01
C VAL C 277 17.87 59.83 16.90
N SER C 278 18.42 60.99 16.56
CA SER C 278 19.61 61.57 17.16
C SER C 278 19.70 63.02 16.69
N ALA C 279 20.54 63.80 17.38
CA ALA C 279 20.71 65.20 16.99
C ALA C 279 21.31 65.37 15.59
N PRO C 280 22.33 64.60 15.16
CA PRO C 280 22.81 64.78 13.79
C PRO C 280 21.75 64.43 12.76
N ALA C 281 20.94 63.41 13.03
CA ALA C 281 19.83 63.09 12.14
C ALA C 281 18.86 64.25 12.04
N PHE C 282 18.40 64.76 13.18
CA PHE C 282 17.42 65.84 13.19
C PHE C 282 17.99 67.12 12.60
N GLU C 283 19.29 67.35 12.72
CA GLU C 283 19.89 68.54 12.10
C GLU C 283 19.95 68.42 10.58
N THR C 284 20.16 67.21 10.06
CA THR C 284 20.12 67.01 8.62
C THR C 284 18.69 67.09 8.10
N PHE C 285 17.73 66.59 8.88
CA PHE C 285 16.32 66.76 8.52
C PHE C 285 15.96 68.24 8.50
N ALA C 286 16.40 68.99 9.51
CA ALA C 286 16.12 70.42 9.55
C ALA C 286 16.71 71.13 8.33
N ALA C 287 17.95 70.80 7.97
CA ALA C 287 18.56 71.38 6.78
C ALA C 287 17.72 71.11 5.53
N MET C 288 17.16 69.91 5.43
CA MET C 288 16.36 69.58 4.25
C MET C 288 15.11 70.45 4.19
N LEU C 289 14.36 70.54 5.29
CA LEU C 289 13.17 71.38 5.31
C LEU C 289 13.50 72.85 5.08
N ASP C 290 14.71 73.28 5.43
CA ASP C 290 15.11 74.67 5.19
C ASP C 290 15.20 74.96 3.70
N TYR C 291 15.51 73.94 2.88
CA TYR C 291 15.50 74.08 1.43
C TYR C 291 14.07 74.01 0.86
N TRP C 292 13.31 72.97 1.22
CA TRP C 292 11.92 72.90 0.79
C TRP C 292 11.10 72.07 1.75
N ALA C 293 9.86 72.52 2.00
CA ALA C 293 8.93 71.88 2.89
C ALA C 293 7.53 72.23 2.43
N PRO C 294 6.58 71.30 2.52
CA PRO C 294 5.23 71.57 2.02
C PRO C 294 4.53 72.67 2.81
N ASP C 295 3.41 73.13 2.27
CA ASP C 295 2.62 74.20 2.88
C ASP C 295 1.18 74.14 2.43
N MET D 1 -7.29 -34.42 0.41
CA MET D 1 -7.41 -33.03 0.84
C MET D 1 -8.90 -32.60 0.85
N THR D 2 -9.78 -33.55 0.58
CA THR D 2 -11.21 -33.30 0.61
C THR D 2 -11.89 -34.37 1.47
N LEU D 3 -12.96 -33.97 2.15
CA LEU D 3 -13.69 -34.90 2.99
C LEU D 3 -14.56 -35.83 2.14
N ASN D 4 -15.36 -35.27 1.24
CA ASN D 4 -16.24 -36.05 0.37
C ASN D 4 -17.07 -37.03 1.23
N THR D 5 -17.92 -36.45 2.07
CA THR D 5 -18.45 -37.18 3.20
C THR D 5 -19.95 -36.92 3.38
N VAL D 6 -20.55 -37.78 4.20
CA VAL D 6 -21.90 -37.62 4.75
C VAL D 6 -21.72 -37.62 6.27
N ALA D 7 -22.15 -36.54 6.91
CA ALA D 7 -21.91 -36.32 8.34
C ALA D 7 -23.23 -36.24 9.09
N LEU D 8 -23.41 -37.13 10.08
CA LEU D 8 -24.59 -37.11 10.93
C LEU D 8 -24.32 -36.28 12.18
N GLU D 9 -25.27 -35.42 12.53
CA GLU D 9 -25.15 -34.58 13.71
C GLU D 9 -25.65 -35.35 14.93
N LEU D 10 -24.79 -35.52 15.93
CA LEU D 10 -25.19 -36.12 17.20
C LEU D 10 -24.81 -35.16 18.32
N VAL D 11 -25.82 -34.56 18.93
CA VAL D 11 -25.58 -33.63 20.04
C VAL D 11 -25.21 -34.43 21.30
N PRO D 12 -24.26 -33.98 22.09
CA PRO D 12 -23.93 -34.71 23.33
C PRO D 12 -25.14 -34.75 24.25
N SER D 13 -25.22 -35.79 25.06
CA SER D 13 -26.31 -35.88 26.00
C SER D 13 -26.03 -35.02 27.23
N ASN D 14 -27.04 -34.85 28.07
CA ASN D 14 -26.92 -34.05 29.27
C ASN D 14 -25.92 -34.66 30.25
N LEU D 15 -25.11 -33.80 30.86
CA LEU D 15 -24.23 -34.21 31.96
C LEU D 15 -25.02 -35.00 33.01
N ASP D 16 -26.22 -34.50 33.33
CA ASP D 16 -27.26 -35.18 34.10
C ASP D 16 -27.18 -36.70 34.11
N LEU D 17 -27.30 -37.28 32.92
CA LEU D 17 -27.66 -38.68 32.74
C LEU D 17 -26.47 -39.61 32.94
N GLY D 18 -25.26 -39.11 32.82
CA GLY D 18 -24.08 -39.93 33.01
C GLY D 18 -23.63 -40.60 31.72
N THR D 19 -22.46 -41.24 31.82
CA THR D 19 -21.79 -41.78 30.64
C THR D 19 -22.39 -43.12 30.20
N ALA D 20 -22.84 -43.96 31.14
CA ALA D 20 -23.43 -45.24 30.72
C ALA D 20 -24.74 -45.04 29.98
N HIS D 21 -25.53 -44.03 30.37
CA HIS D 21 -26.75 -43.73 29.63
C HIS D 21 -26.43 -43.30 28.21
N ALA D 22 -25.48 -42.36 28.08
CA ALA D 22 -25.12 -41.86 26.75
C ALA D 22 -24.61 -42.99 25.85
N LEU D 23 -23.90 -43.95 26.43
CA LEU D 23 -23.48 -45.13 25.66
C LEU D 23 -24.69 -45.95 25.24
N ALA D 24 -25.66 -46.12 26.14
CA ALA D 24 -26.86 -46.88 25.81
C ALA D 24 -27.65 -46.23 24.69
N GLU D 25 -27.64 -44.89 24.62
CA GLU D 25 -28.41 -44.21 23.58
C GLU D 25 -27.70 -44.25 22.24
N LEU D 26 -26.36 -44.26 22.25
CA LEU D 26 -25.61 -44.44 21.01
C LEU D 26 -25.80 -45.83 20.43
N GLN D 27 -26.07 -46.83 21.28
CA GLN D 27 -26.41 -48.15 20.76
C GLN D 27 -27.78 -48.14 20.09
N LYS D 28 -28.72 -47.40 20.68
CA LYS D 28 -30.01 -47.20 20.02
C LYS D 28 -29.86 -46.47 18.69
N VAL D 29 -28.87 -45.57 18.59
CA VAL D 29 -28.69 -44.78 17.38
C VAL D 29 -28.20 -45.66 16.23
N ARG D 30 -27.22 -46.53 16.51
CA ARG D 30 -26.68 -47.40 15.47
C ARG D 30 -27.75 -48.35 14.95
N LYS D 31 -28.53 -48.95 15.84
CA LYS D 31 -29.59 -49.86 15.40
C LYS D 31 -30.65 -49.13 14.61
N LEU D 32 -30.92 -47.85 14.93
CA LEU D 32 -31.81 -47.06 14.10
C LEU D 32 -31.22 -46.88 12.71
N ALA D 33 -29.90 -46.72 12.63
CA ALA D 33 -29.24 -46.37 11.38
C ALA D 33 -29.28 -47.53 10.37
N VAL D 34 -29.11 -48.77 10.82
CA VAL D 34 -29.06 -49.92 9.90
C VAL D 34 -30.45 -50.51 9.65
N ASP D 35 -31.41 -50.30 10.56
CA ASP D 35 -32.80 -50.55 10.18
C ASP D 35 -33.24 -49.63 9.04
N ALA D 36 -32.53 -48.53 8.81
CA ALA D 36 -32.79 -47.60 7.73
C ALA D 36 -31.88 -47.82 6.54
N GLY D 37 -30.98 -48.80 6.61
CA GLY D 37 -30.01 -48.98 5.54
C GLY D 37 -29.07 -47.80 5.40
N LEU D 38 -28.24 -47.58 6.41
CA LEU D 38 -27.36 -46.41 6.42
C LEU D 38 -25.96 -46.68 6.97
N ASP D 39 -25.65 -47.91 7.41
CA ASP D 39 -24.38 -48.14 8.07
C ASP D 39 -23.19 -48.01 7.12
N GLY D 40 -23.41 -48.15 5.81
CA GLY D 40 -22.33 -47.87 4.88
C GLY D 40 -22.14 -46.39 4.56
N ARG D 41 -23.16 -45.56 4.81
CA ARG D 41 -23.34 -44.32 4.06
C ARG D 41 -22.89 -43.05 4.78
N ILE D 42 -22.68 -43.08 6.09
CA ILE D 42 -22.33 -41.89 6.87
C ILE D 42 -20.91 -42.07 7.36
N ARG D 43 -19.97 -41.29 6.80
CA ARG D 43 -18.57 -41.42 7.17
C ARG D 43 -18.20 -40.66 8.45
N HIS D 44 -18.93 -39.60 8.80
CA HIS D 44 -18.56 -38.73 9.91
C HIS D 44 -19.73 -38.49 10.86
N ILE D 45 -19.41 -38.26 12.14
CA ILE D 45 -20.34 -37.69 13.11
C ILE D 45 -19.92 -36.24 13.35
N MET D 46 -20.88 -35.33 13.27
CA MET D 46 -20.68 -33.93 13.61
C MET D 46 -21.20 -33.70 15.02
N ILE D 47 -20.32 -33.28 15.92
CA ILE D 47 -20.68 -33.02 17.30
C ILE D 47 -20.58 -31.51 17.54
N PRO D 48 -21.70 -30.81 17.66
CA PRO D 48 -21.64 -29.36 17.82
C PRO D 48 -21.09 -28.94 19.18
N GLY D 49 -20.33 -27.86 19.18
CA GLY D 49 -19.87 -27.25 20.40
C GLY D 49 -21.02 -26.64 21.19
N MET D 50 -20.67 -26.05 22.33
CA MET D 50 -21.70 -25.50 23.20
C MET D 50 -22.03 -24.07 22.80
N ILE D 51 -23.30 -23.71 22.98
CA ILE D 51 -23.77 -22.36 22.69
C ILE D 51 -24.45 -21.80 23.94
N ASP D 55 -31.32 -14.76 23.27
CA ASP D 55 -31.58 -16.11 22.77
C ASP D 55 -33.06 -16.41 22.78
N GLY D 56 -33.51 -17.17 23.78
CA GLY D 56 -34.91 -17.57 23.84
C GLY D 56 -35.26 -18.85 23.12
N ARG D 57 -34.32 -19.79 23.04
CA ARG D 57 -34.54 -21.05 22.34
C ARG D 57 -35.78 -21.74 22.89
N PRO D 58 -36.73 -22.13 22.04
CA PRO D 58 -37.96 -22.76 22.54
C PRO D 58 -37.77 -24.15 23.13
N VAL D 59 -36.57 -24.73 23.07
CA VAL D 59 -36.30 -26.06 23.59
C VAL D 59 -35.21 -25.97 24.63
N GLU D 60 -35.49 -26.48 25.84
CA GLU D 60 -34.62 -26.66 27.00
C GLU D 60 -33.19 -26.16 26.82
N MET D 61 -32.25 -27.10 26.62
CA MET D 61 -30.79 -26.89 26.55
C MET D 61 -30.14 -26.90 27.93
N LYS D 62 -29.79 -28.09 28.40
CA LYS D 62 -29.19 -28.34 29.69
C LYS D 62 -27.69 -28.54 29.54
N PRO D 63 -26.93 -28.49 30.64
CA PRO D 63 -25.48 -28.69 30.52
C PRO D 63 -25.17 -30.10 30.03
N LYS D 64 -24.19 -30.18 29.12
CA LYS D 64 -23.94 -31.37 28.31
C LYS D 64 -22.55 -31.92 28.60
N LEU D 65 -22.35 -33.16 28.19
CA LEU D 65 -20.99 -33.73 28.13
C LEU D 65 -20.13 -32.87 27.23
N ASP D 66 -18.88 -32.64 27.65
CA ASP D 66 -17.89 -32.02 26.78
C ASP D 66 -17.81 -32.78 25.46
N VAL D 67 -17.62 -32.03 24.37
CA VAL D 67 -17.53 -32.64 23.04
C VAL D 67 -16.43 -33.71 23.01
N LEU D 68 -15.31 -33.41 23.68
CA LEU D 68 -14.18 -34.33 23.69
C LEU D 68 -14.55 -35.68 24.29
N ASP D 69 -15.37 -35.68 25.34
CA ASP D 69 -15.71 -36.93 26.00
C ASP D 69 -16.90 -37.62 25.36
N TYR D 70 -17.78 -36.87 24.68
CA TYR D 70 -18.83 -37.50 23.88
C TYR D 70 -18.27 -38.18 22.65
N TRP D 71 -17.22 -37.60 22.05
CA TRP D 71 -16.58 -38.24 20.90
C TRP D 71 -15.94 -39.56 21.30
N GLU D 72 -15.43 -39.64 22.53
CA GLU D 72 -14.90 -40.90 23.04
C GLU D 72 -15.98 -41.97 23.09
N LEU D 73 -17.19 -41.60 23.53
CA LEU D 73 -18.28 -42.56 23.58
C LEU D 73 -18.76 -42.94 22.19
N VAL D 74 -18.77 -41.98 21.26
CA VAL D 74 -19.22 -42.28 19.89
C VAL D 74 -18.35 -43.36 19.26
N GLN D 75 -17.02 -43.23 19.43
CA GLN D 75 -16.10 -44.19 18.82
C GLN D 75 -16.33 -45.60 19.33
N ARG D 76 -16.73 -45.74 20.59
CA ARG D 76 -16.92 -47.07 21.16
C ARG D 76 -18.13 -47.78 20.58
N GLU D 77 -19.17 -47.02 20.19
CA GLU D 77 -20.41 -47.62 19.68
C GLU D 77 -20.54 -47.57 18.16
N LEU D 78 -20.08 -46.49 17.51
CA LEU D 78 -20.09 -46.39 16.06
C LEU D 78 -18.67 -46.60 15.53
N PRO D 79 -18.31 -47.80 15.07
CA PRO D 79 -16.95 -48.01 14.58
C PRO D 79 -16.72 -47.53 13.16
N ASP D 80 -17.79 -47.29 12.40
CA ASP D 80 -17.70 -46.97 10.98
C ASP D 80 -17.48 -45.49 10.70
N VAL D 81 -17.12 -44.69 11.72
CA VAL D 81 -17.29 -43.24 11.63
C VAL D 81 -16.05 -42.50 12.11
N ARG D 82 -15.82 -41.34 11.50
CA ARG D 82 -14.79 -40.39 11.92
C ARG D 82 -15.47 -39.14 12.47
N GLY D 83 -14.67 -38.24 13.04
CA GLY D 83 -15.19 -37.14 13.84
C GLY D 83 -14.94 -35.75 13.25
N LEU D 84 -15.96 -34.90 13.35
CA LEU D 84 -15.86 -33.46 13.14
C LEU D 84 -16.59 -32.75 14.27
N CYS D 85 -16.28 -31.48 14.48
CA CYS D 85 -16.96 -30.77 15.56
C CYS D 85 -17.03 -29.28 15.22
N THR D 86 -17.56 -28.52 16.20
CA THR D 86 -17.86 -27.11 16.10
C THR D 86 -17.27 -26.41 17.33
N GLN D 87 -16.67 -25.24 17.14
CA GLN D 87 -16.07 -24.50 18.26
C GLN D 87 -16.26 -23.01 18.05
N VAL D 88 -16.93 -22.35 19.00
CA VAL D 88 -17.06 -20.90 18.98
C VAL D 88 -15.74 -20.28 19.39
N THR D 89 -15.25 -19.34 18.61
CA THR D 89 -13.93 -18.76 18.88
C THR D 89 -13.97 -17.40 19.52
N SER D 90 -15.06 -16.63 19.35
CA SER D 90 -15.00 -15.20 19.63
C SER D 90 -15.00 -14.88 21.11
N PHE D 91 -15.16 -15.88 21.99
CA PHE D 91 -15.16 -15.65 23.43
C PHE D 91 -14.01 -16.38 24.13
N LEU D 92 -13.02 -16.87 23.39
CA LEU D 92 -11.83 -17.47 23.97
C LEU D 92 -10.61 -16.67 23.53
N GLY D 93 -9.76 -16.33 24.49
CA GLY D 93 -8.45 -15.80 24.15
C GLY D 93 -7.64 -16.80 23.35
N GLU D 94 -6.62 -16.30 22.65
CA GLU D 94 -5.91 -17.18 21.72
C GLU D 94 -5.28 -18.36 22.44
N ARG D 95 -4.67 -18.12 23.60
CA ARG D 95 -4.00 -19.21 24.31
C ARG D 95 -4.98 -20.26 24.79
N SER D 96 -6.13 -19.82 25.33
CA SER D 96 -7.17 -20.77 25.70
C SER D 96 -7.74 -21.48 24.47
N LEU D 97 -7.81 -20.77 23.34
CA LEU D 97 -8.33 -21.41 22.14
C LEU D 97 -7.32 -22.38 21.54
N ARG D 98 -6.03 -22.04 21.55
CA ARG D 98 -5.03 -22.98 21.07
C ARG D 98 -5.05 -24.28 21.89
N ARG D 99 -5.18 -24.17 23.21
CA ARG D 99 -5.29 -25.37 24.04
C ARG D 99 -6.53 -26.18 23.64
N ARG D 100 -7.67 -25.51 23.50
CA ARG D 100 -8.90 -26.20 23.13
C ARG D 100 -8.76 -26.89 21.76
N LEU D 101 -8.31 -26.14 20.75
CA LEU D 101 -8.18 -26.73 19.42
C LEU D 101 -7.16 -27.85 19.41
N THR D 102 -6.00 -27.63 20.05
CA THR D 102 -4.99 -28.68 20.16
C THR D 102 -5.58 -29.94 20.77
N ALA D 103 -6.38 -29.79 21.83
CA ALA D 103 -7.03 -30.93 22.46
C ALA D 103 -8.00 -31.62 21.50
N LEU D 104 -8.74 -30.83 20.70
CA LEU D 104 -9.70 -31.40 19.77
C LEU D 104 -9.01 -32.24 18.69
N ILE D 105 -7.93 -31.72 18.11
CA ILE D 105 -7.19 -32.47 17.12
C ILE D 105 -6.46 -33.65 17.76
N GLN D 106 -5.88 -33.44 18.95
CA GLN D 106 -5.24 -34.53 19.68
C GLN D 106 -6.21 -35.68 19.93
N HIS D 107 -7.48 -35.36 20.20
CA HIS D 107 -8.42 -36.41 20.54
C HIS D 107 -9.02 -37.10 19.32
N GLY D 108 -8.62 -36.70 18.11
CA GLY D 108 -8.95 -37.44 16.91
C GLY D 108 -9.97 -36.82 16.00
N PHE D 109 -10.41 -35.59 16.27
CA PHE D 109 -11.30 -34.91 15.34
C PHE D 109 -10.53 -34.60 14.07
N GLU D 110 -11.19 -34.79 12.92
CA GLU D 110 -10.57 -34.53 11.63
C GLU D 110 -10.81 -33.11 11.14
N GLY D 111 -11.87 -32.47 11.59
CA GLY D 111 -12.20 -31.13 11.11
C GLY D 111 -12.93 -30.36 12.17
N ILE D 112 -12.77 -29.04 12.16
CA ILE D 112 -13.33 -28.16 13.15
C ILE D 112 -13.89 -26.93 12.44
N ALA D 113 -15.15 -26.60 12.71
CA ALA D 113 -15.75 -25.38 12.21
C ALA D 113 -15.58 -24.26 13.24
N PHE D 114 -14.92 -23.17 12.84
CA PHE D 114 -14.79 -22.00 13.72
C PHE D 114 -16.07 -21.18 13.64
N VAL D 115 -16.78 -21.04 14.76
CA VAL D 115 -18.05 -20.31 14.79
C VAL D 115 -17.86 -18.97 15.50
N GLY D 116 -18.54 -17.94 14.98
CA GLY D 116 -18.45 -16.60 15.52
C GLY D 116 -19.58 -16.20 16.44
N VAL D 117 -20.17 -15.03 16.19
CA VAL D 117 -21.05 -14.37 17.15
C VAL D 117 -22.51 -14.51 16.75
N PRO D 118 -23.45 -14.37 17.70
CA PRO D 118 -24.88 -14.49 17.36
C PRO D 118 -25.49 -13.19 16.87
N ARG D 119 -26.81 -13.18 16.65
CA ARG D 119 -27.46 -12.08 15.95
C ARG D 119 -27.33 -10.75 16.67
N THR D 120 -27.21 -10.76 18.00
CA THR D 120 -27.16 -9.52 18.74
C THR D 120 -25.82 -8.79 18.60
N MET D 121 -24.82 -9.40 17.97
CA MET D 121 -23.50 -8.81 17.81
C MET D 121 -23.18 -8.62 16.34
N THR D 122 -22.23 -7.74 16.06
CA THR D 122 -21.70 -7.56 14.72
C THR D 122 -20.37 -8.28 14.59
N ASP D 123 -19.84 -8.30 13.36
CA ASP D 123 -18.65 -9.07 13.07
C ASP D 123 -17.47 -8.60 13.93
N GLY D 124 -16.79 -9.55 14.57
CA GLY D 124 -15.60 -9.26 15.38
C GLY D 124 -15.87 -8.80 16.79
N GLU D 125 -17.10 -8.93 17.27
CA GLU D 125 -17.50 -8.34 18.54
C GLU D 125 -17.09 -9.14 19.77
N GLY D 126 -16.58 -10.36 19.60
CA GLY D 126 -16.11 -11.09 20.75
C GLY D 126 -14.85 -10.48 21.35
N ALA D 127 -14.71 -10.64 22.66
CA ALA D 127 -13.46 -10.26 23.32
C ALA D 127 -12.37 -11.31 23.17
N GLY D 128 -12.74 -12.52 22.73
CA GLY D 128 -11.78 -13.51 22.29
C GLY D 128 -11.42 -13.32 20.83
N VAL D 129 -11.09 -14.41 20.14
CA VAL D 129 -10.58 -14.34 18.78
C VAL D 129 -11.73 -14.59 17.80
N ALA D 130 -11.99 -13.59 16.96
CA ALA D 130 -12.96 -13.75 15.89
C ALA D 130 -12.58 -14.95 15.02
N PRO D 131 -13.56 -15.59 14.38
CA PRO D 131 -13.25 -16.75 13.52
C PRO D 131 -12.23 -16.46 12.43
N THR D 132 -12.32 -15.28 11.78
CA THR D 132 -11.46 -15.01 10.64
C THR D 132 -9.99 -14.94 11.02
N ASP D 133 -9.69 -14.36 12.18
CA ASP D 133 -8.32 -14.38 12.65
C ASP D 133 -7.92 -15.73 13.22
N ALA D 134 -8.88 -16.52 13.69
CA ALA D 134 -8.55 -17.86 14.18
C ALA D 134 -8.16 -18.79 13.03
N LEU D 135 -8.80 -18.61 11.88
CA LEU D 135 -8.42 -19.38 10.69
C LEU D 135 -6.94 -19.21 10.37
N SER D 136 -6.47 -17.95 10.31
CA SER D 136 -5.08 -17.70 9.95
C SER D 136 -4.14 -17.98 11.12
N THR D 137 -4.54 -17.62 12.34
CA THR D 137 -3.68 -17.85 13.49
C THR D 137 -3.43 -19.34 13.71
N PHE D 138 -4.45 -20.17 13.48
CA PHE D 138 -4.38 -21.59 13.81
C PHE D 138 -4.32 -22.47 12.57
N SER D 139 -3.89 -21.91 11.44
CA SER D 139 -3.87 -22.66 10.18
C SER D 139 -2.93 -23.85 10.25
N HIS D 140 -1.91 -23.80 11.11
CA HIS D 140 -0.95 -24.89 11.23
C HIS D 140 -1.46 -26.03 12.09
N LEU D 141 -2.35 -25.74 13.02
CA LEU D 141 -2.84 -26.74 13.97
C LEU D 141 -4.02 -27.53 13.45
N VAL D 142 -4.89 -26.89 12.68
CA VAL D 142 -6.12 -27.47 12.17
C VAL D 142 -6.00 -27.57 10.64
N LYS D 143 -6.26 -28.75 10.10
CA LYS D 143 -6.06 -29.01 8.67
C LYS D 143 -7.35 -28.97 7.86
N HIS D 144 -8.47 -29.37 8.46
CA HIS D 144 -9.78 -29.12 7.89
C HIS D 144 -10.45 -28.09 8.80
N ARG D 145 -10.43 -26.82 8.37
CA ARG D 145 -10.92 -25.70 9.18
C ARG D 145 -12.17 -25.13 8.52
N GLY D 146 -13.31 -25.33 9.15
CA GLY D 146 -14.56 -24.86 8.60
C GLY D 146 -14.98 -23.51 9.15
N VAL D 147 -16.02 -22.97 8.52
CA VAL D 147 -16.80 -21.85 9.02
C VAL D 147 -18.28 -22.16 8.82
N ILE D 148 -19.13 -21.25 9.29
CA ILE D 148 -20.57 -21.35 9.05
C ILE D 148 -20.87 -20.57 7.78
N LEU D 149 -21.78 -21.09 6.96
CA LEU D 149 -22.21 -20.41 5.75
C LEU D 149 -23.73 -20.29 5.80
N ILE D 150 -24.23 -19.07 5.82
CA ILE D 150 -25.66 -18.82 5.78
C ILE D 150 -25.97 -18.02 4.52
N PRO D 151 -26.44 -18.68 3.46
CA PRO D 151 -26.58 -18.01 2.15
C PRO D 151 -27.45 -16.78 2.18
N THR D 152 -28.45 -16.74 3.07
CA THR D 152 -29.42 -15.67 3.14
C THR D 152 -28.99 -14.50 4.02
N ARG D 153 -27.83 -14.61 4.69
CA ARG D 153 -27.31 -13.55 5.56
C ARG D 153 -26.77 -12.38 4.75
N ASP D 154 -27.12 -11.17 5.15
CA ASP D 154 -26.71 -9.98 4.42
C ASP D 154 -25.18 -9.87 4.38
N ASP D 155 -24.67 -9.45 3.22
CA ASP D 155 -23.23 -9.37 2.92
C ASP D 155 -22.51 -10.70 3.16
N GLU D 156 -23.18 -11.81 2.84
CA GLU D 156 -22.55 -13.11 3.06
C GLU D 156 -21.42 -13.35 2.07
N LEU D 157 -21.59 -12.93 0.82
CA LEU D 157 -20.50 -13.01 -0.14
C LEU D 157 -19.21 -12.42 0.42
N SER D 158 -19.31 -11.22 1.00
CA SER D 158 -18.14 -10.58 1.59
C SER D 158 -17.63 -11.35 2.80
N ARG D 159 -18.55 -11.80 3.66
CA ARG D 159 -18.15 -12.50 4.89
C ARG D 159 -17.42 -13.81 4.59
N PHE D 160 -18.02 -14.64 3.73
CA PHE D 160 -17.46 -15.94 3.38
C PHE D 160 -16.14 -15.80 2.63
N GLY D 161 -16.06 -14.85 1.71
CA GLY D 161 -14.84 -14.69 0.94
C GLY D 161 -13.66 -14.26 1.80
N PHE D 162 -13.89 -13.32 2.71
CA PHE D 162 -12.89 -13.01 3.73
C PHE D 162 -12.50 -14.26 4.51
N LYS D 163 -13.47 -15.15 4.77
CA LYS D 163 -13.19 -16.35 5.55
C LYS D 163 -12.30 -17.31 4.78
N CYS D 164 -12.59 -17.49 3.48
CA CYS D 164 -11.76 -18.35 2.64
C CYS D 164 -10.39 -17.75 2.40
N LYS D 165 -10.33 -16.43 2.15
CA LYS D 165 -9.04 -15.74 2.10
C LYS D 165 -8.21 -16.06 3.34
N GLU D 166 -8.82 -15.97 4.52
CA GLU D 166 -8.03 -16.21 5.72
C GLU D 166 -7.70 -17.68 5.93
N GLY D 167 -8.25 -18.58 5.11
CA GLY D 167 -7.83 -19.97 5.15
C GLY D 167 -8.90 -20.98 5.51
N ALA D 168 -10.17 -20.58 5.44
CA ALA D 168 -11.25 -21.56 5.55
C ALA D 168 -11.17 -22.53 4.39
N THR D 169 -11.28 -23.83 4.70
CA THR D 169 -11.25 -24.88 3.69
C THR D 169 -12.60 -25.56 3.47
N PHE D 170 -13.54 -25.41 4.40
CA PHE D 170 -14.92 -25.79 4.13
C PHE D 170 -15.85 -24.83 4.86
N GLY D 171 -17.05 -24.76 4.34
CA GLY D 171 -18.12 -24.01 4.89
C GLY D 171 -19.24 -24.97 5.16
N MET D 172 -19.72 -25.01 6.40
CA MET D 172 -20.92 -25.73 6.77
C MET D 172 -22.14 -24.82 6.73
N THR D 173 -23.16 -25.25 6.08
CA THR D 173 -24.26 -24.32 5.88
C THR D 173 -25.25 -24.38 7.04
N GLN D 174 -25.99 -23.29 7.21
CA GLN D 174 -27.21 -23.37 7.97
C GLN D 174 -28.14 -24.39 7.32
N LEU D 175 -29.02 -24.99 8.11
CA LEU D 175 -30.08 -25.81 7.54
C LEU D 175 -30.66 -25.13 6.30
N LEU D 176 -30.84 -25.93 5.24
CA LEU D 176 -31.25 -25.41 3.93
C LEU D 176 -32.71 -25.78 3.69
N TYR D 177 -33.61 -24.78 3.79
CA TYR D 177 -35.02 -24.99 3.50
C TYR D 177 -35.47 -24.17 2.29
N SER D 178 -34.52 -23.68 1.52
CA SER D 178 -34.76 -23.15 0.19
C SER D 178 -33.50 -23.37 -0.63
N ASP D 179 -33.53 -22.96 -1.90
CA ASP D 179 -32.41 -23.20 -2.78
C ASP D 179 -31.51 -21.99 -2.92
N ALA D 180 -31.62 -21.02 -2.00
CA ALA D 180 -30.81 -19.82 -2.08
C ALA D 180 -29.32 -20.14 -2.20
N ILE D 181 -28.92 -21.34 -1.77
CA ILE D 181 -27.51 -21.72 -1.87
C ILE D 181 -27.06 -21.78 -3.32
N VAL D 182 -27.94 -22.16 -4.25
CA VAL D 182 -27.50 -22.30 -5.65
C VAL D 182 -26.95 -20.97 -6.15
N ASN D 183 -27.73 -19.89 -6.02
CA ASN D 183 -27.28 -18.60 -6.52
C ASN D 183 -26.10 -18.05 -5.75
N PHE D 184 -26.02 -18.30 -4.43
CA PHE D 184 -24.87 -17.85 -3.67
C PHE D 184 -23.60 -18.48 -4.22
N LEU D 185 -23.60 -19.82 -4.35
CA LEU D 185 -22.43 -20.53 -4.84
C LEU D 185 -22.16 -20.19 -6.31
N THR D 186 -23.20 -19.90 -7.10
CA THR D 186 -22.97 -19.49 -8.48
C THR D 186 -22.24 -18.15 -8.53
N GLU D 187 -22.79 -17.14 -7.84
CA GLU D 187 -22.12 -15.83 -7.74
C GLU D 187 -20.74 -15.94 -7.10
N PHE D 188 -20.62 -16.78 -6.08
CA PHE D 188 -19.35 -16.93 -5.37
C PHE D 188 -18.28 -17.53 -6.27
N SER D 189 -18.68 -18.45 -7.14
CA SER D 189 -17.74 -19.08 -8.06
C SER D 189 -17.37 -18.16 -9.21
N ARG D 190 -18.23 -17.18 -9.50
CA ARG D 190 -18.00 -16.24 -10.59
C ARG D 190 -16.97 -15.18 -10.21
N ASN D 191 -17.07 -14.64 -9.00
CA ASN D 191 -16.25 -13.50 -8.59
C ASN D 191 -14.95 -13.91 -7.91
N THR D 192 -14.88 -15.09 -7.32
CA THR D 192 -13.69 -15.53 -6.60
C THR D 192 -13.16 -16.84 -7.18
N ASP D 193 -11.91 -17.15 -6.85
CA ASP D 193 -11.32 -18.46 -7.11
C ASP D 193 -11.40 -19.36 -5.88
N HIS D 194 -12.21 -19.00 -4.90
CA HIS D 194 -12.40 -19.81 -3.70
C HIS D 194 -13.27 -21.01 -4.01
N ARG D 195 -12.75 -22.22 -3.79
CA ARG D 195 -13.50 -23.46 -3.93
C ARG D 195 -13.38 -24.28 -2.65
N PRO D 196 -13.96 -23.82 -1.54
CA PRO D 196 -14.00 -24.68 -0.35
C PRO D 196 -15.02 -25.79 -0.52
N GLU D 197 -14.81 -26.87 0.21
CA GLU D 197 -15.80 -27.93 0.26
C GLU D 197 -17.04 -27.43 0.96
N ILE D 198 -18.20 -27.82 0.46
CA ILE D 198 -19.47 -27.32 0.99
C ILE D 198 -20.20 -28.48 1.66
N LEU D 199 -20.41 -28.34 2.98
CA LEU D 199 -21.27 -29.26 3.73
C LEU D 199 -22.70 -28.74 3.66
N LEU D 200 -23.56 -29.46 2.93
CA LEU D 200 -24.95 -29.06 2.74
C LEU D 200 -25.81 -29.58 3.89
N SER D 201 -26.48 -28.66 4.57
CA SER D 201 -27.21 -28.98 5.80
C SER D 201 -28.69 -29.16 5.51
N PHE D 202 -29.23 -30.33 5.86
CA PHE D 202 -30.65 -30.62 5.73
C PHE D 202 -31.16 -31.13 7.07
N GLY D 203 -32.32 -30.60 7.51
CA GLY D 203 -32.90 -31.01 8.77
C GLY D 203 -34.28 -31.60 8.70
N PHE D 204 -34.49 -32.75 9.31
CA PHE D 204 -35.81 -33.37 9.35
C PHE D 204 -36.75 -32.52 10.18
N VAL D 205 -37.98 -32.40 9.71
CA VAL D 205 -39.01 -31.57 10.33
C VAL D 205 -40.15 -32.47 10.80
N PRO D 206 -40.22 -32.76 12.10
CA PRO D 206 -41.36 -33.51 12.62
C PRO D 206 -42.53 -32.59 12.94
N LYS D 207 -43.72 -33.19 13.04
CA LYS D 207 -44.94 -32.43 13.28
C LYS D 207 -44.84 -31.58 14.54
N MET D 208 -44.05 -32.03 15.51
CA MET D 208 -43.73 -31.28 16.73
C MET D 208 -43.40 -29.81 16.45
N GLU D 209 -42.76 -29.54 15.31
CA GLU D 209 -42.35 -28.18 14.98
C GLU D 209 -43.52 -27.19 14.99
N SER D 210 -44.71 -27.64 14.60
CA SER D 210 -45.85 -26.74 14.52
C SER D 210 -46.33 -26.28 15.88
N GLU D 211 -46.04 -27.02 16.93
CA GLU D 211 -46.28 -26.56 18.30
C GLU D 211 -45.06 -25.86 18.88
N VAL D 212 -43.87 -26.42 18.68
CA VAL D 212 -42.67 -25.99 19.40
C VAL D 212 -41.99 -24.83 18.70
N GLY D 213 -41.72 -24.95 17.41
CA GLY D 213 -41.09 -23.87 16.67
C GLY D 213 -39.58 -23.78 16.77
N LEU D 214 -38.90 -24.88 17.13
CA LEU D 214 -37.45 -24.83 17.28
C LEU D 214 -36.76 -24.49 15.95
N ILE D 215 -37.13 -25.17 14.88
CA ILE D 215 -36.49 -24.93 13.59
C ILE D 215 -36.78 -23.52 13.10
N ASP D 216 -38.04 -23.06 13.22
CA ASP D 216 -38.36 -21.67 12.89
C ASP D 216 -37.46 -20.70 13.65
N TRP D 217 -37.20 -21.00 14.94
CA TRP D 217 -36.32 -20.16 15.73
C TRP D 217 -34.87 -20.25 15.27
N LEU D 218 -34.44 -21.45 14.88
CA LEU D 218 -33.05 -21.65 14.45
C LEU D 218 -32.70 -20.74 13.28
N ILE D 219 -33.57 -20.69 12.27
CA ILE D 219 -33.25 -20.05 10.99
C ILE D 219 -33.79 -18.63 10.87
N GLN D 220 -34.59 -18.15 11.82
CA GLN D 220 -35.21 -16.84 11.72
C GLN D 220 -34.17 -15.75 11.48
N ASP D 221 -34.58 -14.72 10.74
CA ASP D 221 -33.80 -13.52 10.41
C ASP D 221 -34.79 -12.39 10.21
N PRO D 222 -34.74 -11.33 11.04
CA PRO D 222 -35.88 -10.38 11.15
C PRO D 222 -36.55 -9.97 9.85
N ASP D 223 -35.95 -9.07 9.08
CA ASP D 223 -36.58 -8.55 7.87
C ASP D 223 -35.97 -9.10 6.58
N ASN D 224 -35.95 -10.43 6.41
CA ASN D 224 -35.27 -11.04 5.27
C ASN D 224 -36.22 -11.37 4.12
N GLY D 225 -37.12 -12.32 4.30
CA GLY D 225 -38.03 -12.66 3.22
C GLY D 225 -37.63 -13.90 2.45
N ALA D 226 -36.41 -13.93 1.95
CA ALA D 226 -35.83 -15.20 1.52
C ALA D 226 -35.85 -16.20 2.68
N VAL D 227 -35.54 -15.72 3.88
CA VAL D 227 -35.66 -16.54 5.08
C VAL D 227 -37.13 -16.76 5.42
N ALA D 228 -37.95 -15.72 5.30
CA ALA D 228 -39.38 -15.90 5.51
C ALA D 228 -39.94 -16.97 4.58
N THR D 229 -39.46 -17.01 3.33
CA THR D 229 -39.86 -18.08 2.42
C THR D 229 -39.42 -19.44 2.96
N GLU D 230 -38.30 -19.49 3.66
CA GLU D 230 -37.84 -20.75 4.24
C GLU D 230 -38.68 -21.12 5.46
N GLN D 231 -39.02 -20.14 6.29
CA GLN D 231 -39.91 -20.41 7.42
C GLN D 231 -41.29 -20.85 6.95
N GLN D 232 -41.74 -20.35 5.80
CA GLN D 232 -42.98 -20.85 5.23
C GLN D 232 -42.86 -22.32 4.85
N PHE D 233 -41.71 -22.73 4.35
CA PHE D 233 -41.51 -24.10 3.91
C PHE D 233 -41.42 -25.06 5.08
N VAL D 234 -40.72 -24.67 6.16
CA VAL D 234 -40.68 -25.52 7.34
C VAL D 234 -42.09 -25.72 7.87
N ARG D 235 -42.88 -24.65 7.89
CA ARG D 235 -44.27 -24.76 8.36
C ARG D 235 -45.06 -25.75 7.53
N ARG D 236 -45.02 -25.59 6.20
CA ARG D 236 -45.74 -26.51 5.33
C ARG D 236 -45.12 -27.90 5.36
N LEU D 237 -43.82 -28.01 5.67
CA LEU D 237 -43.22 -29.33 5.86
C LEU D 237 -43.77 -30.01 7.10
N ALA D 238 -43.86 -29.28 8.21
CA ALA D 238 -44.78 -29.66 9.26
C ALA D 238 -46.21 -29.57 8.70
N ALA D 239 -47.18 -30.00 9.50
CA ALA D 239 -48.56 -30.03 9.03
C ALA D 239 -48.77 -30.95 7.82
N SER D 240 -47.67 -31.44 7.23
CA SER D 240 -47.73 -32.35 6.10
C SER D 240 -47.51 -33.78 6.57
N GLU D 241 -48.24 -34.73 5.96
CA GLU D 241 -48.11 -36.13 6.35
C GLU D 241 -46.73 -36.66 5.97
N PRO D 242 -46.31 -37.79 6.56
CA PRO D 242 -44.92 -38.24 6.35
C PRO D 242 -44.50 -38.42 4.90
N ALA D 243 -45.34 -39.06 4.07
CA ALA D 243 -44.96 -39.29 2.69
C ALA D 243 -44.91 -37.98 1.89
N GLN D 244 -45.91 -37.12 2.08
CA GLN D 244 -45.93 -35.84 1.40
C GLN D 244 -44.81 -34.92 1.89
N LYS D 245 -44.53 -34.90 3.19
CA LYS D 245 -43.46 -34.13 3.73
C LYS D 245 -42.17 -34.63 3.16
N ARG D 246 -41.97 -35.91 3.11
CA ARG D 246 -40.73 -36.44 2.61
C ARG D 246 -40.49 -36.04 1.12
N ALA D 247 -41.56 -36.05 0.35
CA ALA D 247 -41.52 -35.77 -1.07
C ALA D 247 -41.14 -34.40 -1.29
N GLN D 248 -41.73 -33.50 -0.55
CA GLN D 248 -41.35 -32.13 -0.65
C GLN D 248 -39.81 -31.94 -0.30
N MET D 249 -39.33 -32.59 0.73
CA MET D 249 -37.97 -32.48 1.14
C MET D 249 -37.05 -33.01 0.05
N LEU D 250 -37.37 -34.13 -0.55
CA LEU D 250 -36.57 -34.64 -1.67
C LEU D 250 -36.63 -33.70 -2.86
N ASP D 251 -37.75 -33.01 -3.05
CA ASP D 251 -37.87 -32.07 -4.16
C ASP D 251 -36.87 -30.94 -4.00
N LEU D 252 -36.84 -30.32 -2.82
CA LEU D 252 -35.81 -29.33 -2.53
C LEU D 252 -34.42 -29.93 -2.67
N TYR D 253 -34.20 -31.10 -2.04
CA TYR D 253 -32.90 -31.75 -2.11
C TYR D 253 -32.39 -31.86 -3.53
N LYS D 254 -33.21 -32.42 -4.43
CA LYS D 254 -32.84 -32.54 -5.85
C LYS D 254 -32.38 -31.20 -6.43
N ARG D 255 -33.22 -30.18 -6.30
CA ARG D 255 -32.89 -28.89 -6.92
C ARG D 255 -31.60 -28.31 -6.35
N VAL D 256 -31.37 -28.45 -5.03
CA VAL D 256 -30.13 -27.96 -4.45
C VAL D 256 -28.95 -28.76 -5.00
N ILE D 257 -29.06 -30.09 -5.01
CA ILE D 257 -27.96 -30.94 -5.47
C ILE D 257 -27.62 -30.61 -6.93
N ASP D 258 -28.61 -30.75 -7.81
CA ASP D 258 -28.37 -30.50 -9.23
C ASP D 258 -27.88 -29.08 -9.47
N GLY D 259 -28.34 -28.12 -8.68
CA GLY D 259 -27.94 -26.74 -8.87
C GLY D 259 -26.52 -26.41 -8.47
N VAL D 260 -25.92 -27.19 -7.57
CA VAL D 260 -24.58 -26.90 -7.09
C VAL D 260 -23.56 -27.97 -7.45
N ILE D 261 -24.00 -29.11 -8.00
CA ILE D 261 -23.12 -30.26 -8.18
C ILE D 261 -22.00 -29.97 -9.18
N ASP D 262 -22.21 -29.03 -10.10
CA ASP D 262 -21.31 -28.79 -11.22
C ASP D 262 -20.54 -27.48 -11.11
N LEU D 263 -20.65 -26.76 -9.99
CA LEU D 263 -20.08 -25.43 -9.90
C LEU D 263 -18.63 -25.41 -9.47
N GLY D 264 -18.04 -26.55 -9.16
CA GLY D 264 -16.63 -26.60 -8.83
C GLY D 264 -16.31 -26.79 -7.35
N PHE D 265 -17.30 -26.63 -6.47
CA PHE D 265 -17.02 -26.86 -5.05
C PHE D 265 -17.19 -28.33 -4.72
N PRO D 266 -16.23 -28.97 -4.06
CA PRO D 266 -16.48 -30.32 -3.54
C PRO D 266 -17.69 -30.29 -2.62
N VAL D 267 -18.56 -31.30 -2.72
CA VAL D 267 -19.83 -31.32 -2.02
C VAL D 267 -19.88 -32.48 -1.04
N SER D 268 -20.25 -32.19 0.20
CA SER D 268 -20.50 -33.19 1.24
C SER D 268 -21.81 -32.85 1.95
N LEU D 269 -22.30 -33.78 2.78
CA LEU D 269 -23.65 -33.68 3.33
C LEU D 269 -23.63 -33.61 4.86
N HIS D 270 -24.57 -32.86 5.43
CA HIS D 270 -24.68 -32.66 6.87
C HIS D 270 -26.14 -32.86 7.26
N PHE D 271 -26.45 -34.02 7.84
CA PHE D 271 -27.83 -34.44 8.12
C PHE D 271 -28.18 -34.16 9.58
N GLU D 272 -29.28 -33.45 9.81
CA GLU D 272 -29.60 -32.93 11.13
C GLU D 272 -31.01 -33.30 11.54
N ALA D 273 -31.17 -33.62 12.82
CA ALA D 273 -32.48 -33.88 13.42
C ALA D 273 -32.59 -32.97 14.65
N PRO D 274 -33.01 -31.73 14.47
CA PRO D 274 -33.02 -30.79 15.60
C PRO D 274 -33.83 -31.27 16.79
N TYR D 275 -34.82 -32.13 16.58
CA TYR D 275 -35.61 -32.67 17.67
C TYR D 275 -35.09 -34.00 18.19
N GLY D 276 -33.96 -34.47 17.68
CA GLY D 276 -33.41 -35.78 18.01
C GLY D 276 -33.63 -36.75 16.86
N VAL D 277 -32.59 -37.53 16.55
CA VAL D 277 -32.69 -38.54 15.48
C VAL D 277 -33.79 -39.53 15.82
N SER D 278 -34.29 -40.19 14.77
CA SER D 278 -35.48 -41.03 14.81
C SER D 278 -35.53 -41.83 13.51
N ALA D 279 -36.37 -42.87 13.51
CA ALA D 279 -36.52 -43.67 12.29
C ALA D 279 -37.06 -42.86 11.12
N PRO D 280 -38.12 -42.06 11.27
CA PRO D 280 -38.53 -41.23 10.13
C PRO D 280 -37.46 -40.28 9.63
N ALA D 281 -36.64 -39.70 10.51
CA ALA D 281 -35.55 -38.85 10.05
C ALA D 281 -34.51 -39.64 9.26
N PHE D 282 -34.16 -40.83 9.75
CA PHE D 282 -33.13 -41.66 9.11
C PHE D 282 -33.59 -42.24 7.79
N GLU D 283 -34.90 -42.42 7.59
CA GLU D 283 -35.39 -42.88 6.29
C GLU D 283 -35.36 -41.77 5.27
N THR D 284 -35.78 -40.57 5.66
CA THR D 284 -35.70 -39.41 4.78
C THR D 284 -34.25 -39.14 4.38
N PHE D 285 -33.34 -39.20 5.35
CA PHE D 285 -31.92 -39.07 5.05
C PHE D 285 -31.48 -40.15 4.05
N ALA D 286 -31.98 -41.38 4.22
CA ALA D 286 -31.63 -42.46 3.29
C ALA D 286 -32.24 -42.23 1.92
N ALA D 287 -33.50 -41.74 1.88
CA ALA D 287 -34.10 -41.35 0.62
C ALA D 287 -33.28 -40.27 -0.08
N MET D 288 -32.71 -39.35 0.71
CA MET D 288 -31.87 -38.30 0.13
C MET D 288 -30.62 -38.89 -0.52
N LEU D 289 -29.89 -39.72 0.24
CA LEU D 289 -28.67 -40.33 -0.27
C LEU D 289 -28.95 -41.22 -1.48
N ASP D 290 -30.13 -41.82 -1.54
CA ASP D 290 -30.47 -42.70 -2.65
C ASP D 290 -30.60 -41.95 -3.96
N TYR D 291 -30.87 -40.64 -3.92
CA TYR D 291 -30.81 -39.83 -5.14
C TYR D 291 -29.38 -39.41 -5.47
N TRP D 292 -28.68 -38.82 -4.51
CA TRP D 292 -27.28 -38.48 -4.73
C TRP D 292 -26.51 -38.68 -3.43
N ALA D 293 -25.28 -39.20 -3.58
CA ALA D 293 -24.36 -39.39 -2.50
C ALA D 293 -22.96 -39.20 -3.07
N PRO D 294 -22.05 -38.59 -2.32
CA PRO D 294 -20.69 -38.41 -2.82
C PRO D 294 -19.90 -39.70 -2.77
N ASP D 295 -18.92 -39.81 -3.68
CA ASP D 295 -17.97 -40.93 -3.69
C ASP D 295 -16.88 -40.70 -4.75
N MET E 1 -6.22 -23.47 -24.12
CA MET E 1 -4.85 -23.18 -24.53
C MET E 1 -4.08 -24.46 -24.86
N THR E 2 -4.79 -25.56 -25.13
CA THR E 2 -4.14 -26.80 -25.54
C THR E 2 -4.57 -27.20 -26.93
N LEU E 3 -3.69 -27.93 -27.63
CA LEU E 3 -3.92 -28.36 -29.00
C LEU E 3 -4.71 -29.68 -29.06
N ASN E 4 -4.30 -30.68 -28.28
CA ASN E 4 -4.90 -32.00 -28.27
C ASN E 4 -5.11 -32.46 -29.71
N THR E 5 -4.03 -32.74 -30.42
CA THR E 5 -4.13 -32.84 -31.86
C THR E 5 -3.18 -33.89 -32.39
N VAL E 6 -3.42 -34.25 -33.65
CA VAL E 6 -2.50 -35.05 -34.45
C VAL E 6 -2.03 -34.17 -35.58
N ALA E 7 -0.72 -33.99 -35.68
CA ALA E 7 -0.09 -33.10 -36.66
C ALA E 7 0.74 -33.95 -37.62
N LEU E 8 0.40 -33.89 -38.89
CA LEU E 8 1.17 -34.56 -39.94
C LEU E 8 2.15 -33.56 -40.56
N GLU E 9 3.43 -33.92 -40.59
CA GLU E 9 4.43 -33.04 -41.18
C GLU E 9 4.32 -33.08 -42.71
N LEU E 10 4.20 -31.90 -43.32
CA LEU E 10 4.25 -31.72 -44.76
C LEU E 10 5.32 -30.69 -45.10
N VAL E 11 6.36 -31.12 -45.80
CA VAL E 11 7.47 -30.26 -46.19
C VAL E 11 7.04 -29.48 -47.43
N PRO E 12 7.37 -28.19 -47.53
CA PRO E 12 7.07 -27.45 -48.74
C PRO E 12 7.75 -28.07 -49.96
N SER E 13 7.13 -27.92 -51.12
CA SER E 13 7.72 -28.39 -52.36
C SER E 13 8.79 -27.41 -52.85
N ASN E 14 9.63 -27.87 -53.77
CA ASN E 14 10.75 -27.06 -54.23
C ASN E 14 10.27 -25.89 -55.08
N LEU E 15 10.94 -24.74 -54.91
CA LEU E 15 10.54 -23.53 -55.63
C LEU E 15 10.56 -23.75 -57.14
N ASP E 16 11.54 -24.49 -57.66
CA ASP E 16 11.72 -24.53 -59.11
C ASP E 16 10.62 -25.31 -59.83
N LEU E 17 9.74 -25.99 -59.09
CA LEU E 17 8.64 -26.75 -59.67
C LEU E 17 7.38 -25.91 -59.87
N GLY E 18 7.13 -24.94 -59.00
CA GLY E 18 6.00 -24.04 -59.15
C GLY E 18 4.84 -24.39 -58.23
N THR E 19 3.81 -23.55 -58.29
CA THR E 19 2.68 -23.71 -57.37
C THR E 19 1.61 -24.67 -57.90
N ALA E 20 1.29 -24.63 -59.20
CA ALA E 20 0.35 -25.61 -59.73
C ALA E 20 0.82 -27.03 -59.46
N HIS E 21 2.14 -27.26 -59.53
CA HIS E 21 2.68 -28.58 -59.18
C HIS E 21 2.46 -28.89 -57.71
N ALA E 22 2.78 -27.96 -56.82
CA ALA E 22 2.61 -28.20 -55.40
C ALA E 22 1.17 -28.57 -55.07
N LEU E 23 0.21 -27.83 -55.62
CA LEU E 23 -1.20 -28.13 -55.38
C LEU E 23 -1.55 -29.52 -55.88
N ALA E 24 -0.98 -29.91 -57.03
CA ALA E 24 -1.25 -31.23 -57.58
C ALA E 24 -0.74 -32.33 -56.66
N GLU E 25 0.42 -32.15 -56.03
CA GLU E 25 0.91 -33.15 -55.10
C GLU E 25 0.15 -33.10 -53.78
N LEU E 26 -0.34 -31.92 -53.39
CA LEU E 26 -1.18 -31.82 -52.21
C LEU E 26 -2.50 -32.57 -52.42
N GLN E 27 -3.11 -32.41 -53.60
CA GLN E 27 -4.25 -33.23 -53.96
C GLN E 27 -3.92 -34.71 -53.81
N LYS E 28 -2.71 -35.10 -54.24
CA LYS E 28 -2.28 -36.49 -54.11
C LYS E 28 -2.22 -36.91 -52.64
N VAL E 29 -1.78 -36.01 -51.77
CA VAL E 29 -1.63 -36.37 -50.36
C VAL E 29 -3.00 -36.57 -49.71
N ARG E 30 -3.98 -35.72 -50.09
CA ARG E 30 -5.35 -35.90 -49.62
C ARG E 30 -5.87 -37.29 -49.98
N LYS E 31 -5.62 -37.73 -51.22
CA LYS E 31 -6.07 -39.05 -51.64
C LYS E 31 -5.36 -40.16 -50.87
N LEU E 32 -4.08 -39.96 -50.54
CA LEU E 32 -3.37 -40.93 -49.73
C LEU E 32 -3.98 -41.02 -48.34
N ALA E 33 -4.38 -39.89 -47.76
CA ALA E 33 -4.99 -39.88 -46.44
C ALA E 33 -6.30 -40.66 -46.43
N VAL E 34 -7.23 -40.33 -47.33
CA VAL E 34 -8.52 -41.01 -47.36
C VAL E 34 -8.33 -42.50 -47.63
N ASP E 35 -7.41 -42.83 -48.54
CA ASP E 35 -7.06 -44.23 -48.79
C ASP E 35 -6.64 -44.93 -47.51
N ALA E 36 -5.90 -44.23 -46.64
CA ALA E 36 -5.48 -44.83 -45.37
C ALA E 36 -6.53 -44.68 -44.29
N GLY E 37 -7.52 -43.80 -44.49
CA GLY E 37 -8.50 -43.54 -43.47
C GLY E 37 -8.14 -42.44 -42.50
N LEU E 38 -7.18 -41.58 -42.84
CA LEU E 38 -6.73 -40.51 -41.95
C LEU E 38 -7.55 -39.22 -42.05
N ASP E 39 -8.54 -39.17 -42.94
CA ASP E 39 -9.38 -37.98 -43.04
C ASP E 39 -10.26 -37.88 -41.80
N GLY E 40 -10.12 -36.78 -41.07
CA GLY E 40 -10.78 -36.60 -39.79
C GLY E 40 -9.89 -36.88 -38.60
N ARG E 41 -8.86 -37.71 -38.74
CA ARG E 41 -7.96 -37.99 -37.62
C ARG E 41 -6.83 -36.98 -37.49
N ILE E 42 -6.49 -36.30 -38.59
CA ILE E 42 -5.42 -35.29 -38.60
C ILE E 42 -6.08 -33.92 -38.49
N ARG E 43 -5.74 -33.18 -37.43
CA ARG E 43 -6.35 -31.88 -37.18
C ARG E 43 -5.43 -30.71 -37.50
N HIS E 44 -4.11 -30.95 -37.57
CA HIS E 44 -3.15 -29.91 -37.89
C HIS E 44 -2.16 -30.43 -38.93
N ILE E 45 -1.69 -29.53 -39.78
CA ILE E 45 -0.53 -29.78 -40.62
C ILE E 45 0.63 -28.98 -40.06
N MET E 46 1.74 -29.67 -39.79
CA MET E 46 2.98 -29.03 -39.35
C MET E 46 3.86 -28.82 -40.57
N ILE E 47 4.19 -27.57 -40.85
CA ILE E 47 5.02 -27.21 -41.99
C ILE E 47 6.37 -26.73 -41.46
N PRO E 48 7.45 -27.48 -41.67
CA PRO E 48 8.74 -27.09 -41.07
C PRO E 48 9.30 -25.88 -41.79
N GLY E 49 9.95 -25.00 -41.02
CA GLY E 49 10.68 -23.90 -41.61
C GLY E 49 12.02 -24.34 -42.18
N MET E 50 12.73 -23.36 -42.72
CA MET E 50 14.07 -23.60 -43.24
C MET E 50 15.09 -23.60 -42.12
N ILE E 51 15.93 -24.64 -42.08
CA ILE E 51 17.06 -24.67 -41.14
C ILE E 51 18.37 -24.68 -41.93
N GLY E 56 26.18 -31.99 -44.50
CA GLY E 56 26.40 -33.42 -44.61
C GLY E 56 25.10 -34.21 -44.66
N ARG E 57 24.01 -33.51 -44.90
CA ARG E 57 22.70 -34.14 -45.02
C ARG E 57 22.71 -35.11 -46.20
N PRO E 58 22.45 -36.40 -45.98
CA PRO E 58 22.47 -37.36 -47.09
C PRO E 58 21.45 -37.07 -48.18
N VAL E 59 20.46 -36.20 -47.93
CA VAL E 59 19.49 -35.78 -48.93
C VAL E 59 19.51 -34.27 -48.98
N GLU E 60 19.89 -33.71 -50.14
CA GLU E 60 20.41 -32.35 -50.27
C GLU E 60 19.64 -31.26 -49.55
N MET E 61 18.40 -30.98 -49.98
CA MET E 61 17.54 -29.83 -49.66
C MET E 61 17.75 -28.71 -50.67
N LYS E 62 16.77 -28.55 -51.56
CA LYS E 62 16.76 -27.49 -52.55
C LYS E 62 15.99 -26.29 -52.01
N PRO E 63 16.07 -25.15 -52.69
CA PRO E 63 15.26 -24.01 -52.25
C PRO E 63 13.77 -24.31 -52.34
N LYS E 64 13.06 -23.95 -51.28
CA LYS E 64 11.66 -24.29 -51.08
C LYS E 64 10.77 -23.06 -51.18
N LEU E 65 9.49 -23.31 -51.48
CA LEU E 65 8.48 -22.28 -51.26
C LEU E 65 8.51 -21.84 -49.80
N ASP E 66 8.27 -20.55 -49.57
CA ASP E 66 8.15 -20.08 -48.19
C ASP E 66 7.04 -20.82 -47.47
N VAL E 67 7.25 -21.02 -46.16
CA VAL E 67 6.24 -21.63 -45.28
C VAL E 67 4.88 -20.95 -45.46
N LEU E 68 4.90 -19.62 -45.59
CA LEU E 68 3.66 -18.86 -45.65
C LEU E 68 2.86 -19.19 -46.91
N ASP E 69 3.55 -19.35 -48.03
CA ASP E 69 2.86 -19.66 -49.27
C ASP E 69 2.42 -21.11 -49.32
N TYR E 70 3.25 -22.03 -48.83
CA TYR E 70 2.84 -23.43 -48.81
C TYR E 70 1.61 -23.63 -47.94
N TRP E 71 1.48 -22.84 -46.87
CA TRP E 71 0.28 -22.91 -46.05
C TRP E 71 -0.95 -22.44 -46.80
N GLU E 72 -0.79 -21.42 -47.65
CA GLU E 72 -1.84 -21.03 -48.58
C GLU E 72 -2.27 -22.22 -49.43
N LEU E 73 -1.30 -22.95 -49.97
CA LEU E 73 -1.62 -24.06 -50.86
C LEU E 73 -2.21 -25.23 -50.08
N VAL E 74 -1.74 -25.45 -48.85
CA VAL E 74 -2.25 -26.54 -48.03
C VAL E 74 -3.74 -26.37 -47.78
N GLN E 75 -4.17 -25.14 -47.47
CA GLN E 75 -5.56 -24.91 -47.10
C GLN E 75 -6.49 -25.08 -48.30
N ARG E 76 -6.06 -24.65 -49.48
CA ARG E 76 -6.94 -24.74 -50.65
C ARG E 76 -7.29 -26.18 -50.96
N GLU E 77 -6.39 -27.09 -50.69
CA GLU E 77 -6.64 -28.48 -50.87
C GLU E 77 -7.00 -29.29 -49.64
N PRO E 79 -9.10 -28.10 -46.64
CA PRO E 79 -9.69 -27.01 -45.83
C PRO E 79 -10.13 -27.40 -44.47
N ASP E 80 -9.92 -28.65 -44.22
CA ASP E 80 -10.02 -29.24 -42.94
C ASP E 80 -9.08 -28.74 -41.86
N VAL E 81 -7.81 -28.73 -42.20
CA VAL E 81 -6.68 -28.56 -41.29
C VAL E 81 -6.46 -27.19 -40.74
N ARG E 82 -5.79 -27.17 -39.61
CA ARG E 82 -5.30 -25.99 -38.96
C ARG E 82 -3.78 -26.14 -39.11
N GLY E 83 -3.03 -25.05 -39.00
CA GLY E 83 -1.59 -25.02 -39.30
C GLY E 83 -0.72 -24.85 -38.07
N LEU E 84 0.39 -25.57 -38.07
CA LEU E 84 1.54 -25.30 -37.20
C LEU E 84 2.77 -25.16 -38.08
N CYS E 85 3.79 -24.49 -37.56
CA CYS E 85 5.05 -24.44 -38.29
C CYS E 85 6.21 -24.38 -37.31
N THR E 86 7.41 -24.31 -37.87
CA THR E 86 8.70 -24.32 -37.20
C THR E 86 9.50 -23.13 -37.71
N GLN E 87 10.17 -22.42 -36.81
CA GLN E 87 10.93 -21.23 -37.19
C GLN E 87 12.22 -21.17 -36.40
N VAL E 88 13.35 -21.15 -37.10
CA VAL E 88 14.63 -20.84 -36.47
C VAL E 88 14.65 -19.37 -36.09
N THR E 89 15.12 -19.07 -34.87
CA THR E 89 15.17 -17.69 -34.37
C THR E 89 16.57 -17.12 -34.24
N SER E 90 17.59 -17.97 -34.06
CA SER E 90 18.91 -17.55 -33.58
C SER E 90 19.72 -16.76 -34.61
N PHE E 91 19.28 -16.66 -35.86
CA PHE E 91 20.06 -15.96 -36.88
C PHE E 91 19.35 -14.73 -37.44
N LEU E 92 18.23 -14.34 -36.86
CA LEU E 92 17.47 -13.17 -37.28
C LEU E 92 17.51 -12.12 -36.19
N GLY E 93 17.81 -10.87 -36.57
CA GLY E 93 17.70 -9.78 -35.63
C GLY E 93 16.30 -9.68 -35.04
N GLU E 94 16.22 -9.05 -33.87
CA GLU E 94 14.97 -9.05 -33.11
C GLU E 94 13.82 -8.46 -33.91
N ARG E 95 14.05 -7.31 -34.57
CA ARG E 95 12.97 -6.67 -35.31
C ARG E 95 12.60 -7.46 -36.58
N SER E 96 13.55 -8.22 -37.13
CA SER E 96 13.26 -9.04 -38.30
C SER E 96 12.52 -10.32 -37.89
N LEU E 97 12.91 -10.89 -36.76
CA LEU E 97 12.14 -11.99 -36.20
C LEU E 97 10.70 -11.57 -35.92
N ARG E 98 10.53 -10.41 -35.30
CA ARG E 98 9.19 -9.89 -35.01
C ARG E 98 8.31 -9.85 -36.25
N ARG E 99 8.84 -9.34 -37.36
CA ARG E 99 8.04 -9.29 -38.59
C ARG E 99 7.70 -10.70 -39.07
N ARG E 100 8.67 -11.62 -38.99
CA ARG E 100 8.42 -12.99 -39.42
C ARG E 100 7.33 -13.64 -38.59
N LEU E 101 7.43 -13.52 -37.27
CA LEU E 101 6.43 -14.14 -36.40
C LEU E 101 5.05 -13.52 -36.61
N THR E 102 4.97 -12.21 -36.85
CA THR E 102 3.66 -11.59 -37.08
C THR E 102 3.03 -12.11 -38.37
N ALA E 103 3.83 -12.27 -39.43
CA ALA E 103 3.31 -12.78 -40.69
C ALA E 103 2.77 -14.19 -40.54
N LEU E 104 3.50 -15.06 -39.82
CA LEU E 104 3.01 -16.41 -39.60
C LEU E 104 1.69 -16.40 -38.84
N ILE E 105 1.54 -15.50 -37.85
CA ILE E 105 0.30 -15.44 -37.09
C ILE E 105 -0.82 -14.87 -37.95
N GLN E 106 -0.54 -13.83 -38.72
CA GLN E 106 -1.60 -13.20 -39.49
C GLN E 106 -2.02 -14.08 -40.67
N HIS E 107 -1.13 -14.92 -41.19
CA HIS E 107 -1.50 -15.88 -42.23
C HIS E 107 -2.23 -17.12 -41.69
N GLY E 108 -2.35 -17.26 -40.37
CA GLY E 108 -3.25 -18.27 -39.83
C GLY E 108 -2.66 -19.40 -39.01
N PHE E 109 -1.35 -19.35 -38.74
CA PHE E 109 -0.75 -20.43 -37.97
C PHE E 109 -1.19 -20.33 -36.51
N GLU E 110 -1.60 -21.48 -35.94
CA GLU E 110 -2.06 -21.50 -34.56
C GLU E 110 -0.91 -21.63 -33.58
N GLY E 111 0.17 -22.27 -33.98
CA GLY E 111 1.31 -22.48 -33.10
C GLY E 111 2.59 -22.46 -33.86
N ILE E 112 3.65 -22.02 -33.19
CA ILE E 112 5.00 -21.91 -33.76
C ILE E 112 5.98 -22.51 -32.78
N ALA E 113 6.90 -23.34 -33.28
CA ALA E 113 8.00 -23.86 -32.47
C ALA E 113 9.27 -23.09 -32.80
N PHE E 114 9.89 -22.50 -31.77
CA PHE E 114 11.12 -21.73 -31.95
C PHE E 114 12.33 -22.67 -31.91
N VAL E 115 13.18 -22.58 -32.94
CA VAL E 115 14.34 -23.45 -33.10
C VAL E 115 15.61 -22.64 -32.92
N GLY E 116 16.57 -23.21 -32.18
CA GLY E 116 17.88 -22.60 -32.04
C GLY E 116 18.90 -23.18 -32.98
N VAL E 117 20.09 -23.49 -32.47
CA VAL E 117 21.30 -23.62 -33.26
C VAL E 117 21.74 -25.07 -33.46
N PRO E 118 22.54 -25.36 -34.49
CA PRO E 118 22.93 -26.75 -34.76
C PRO E 118 23.94 -27.27 -33.76
N ARG E 119 24.24 -28.58 -33.89
CA ARG E 119 25.15 -29.28 -32.98
C ARG E 119 26.55 -28.66 -32.96
N THR E 120 26.96 -28.02 -34.04
CA THR E 120 28.27 -27.37 -34.06
C THR E 120 28.38 -26.27 -33.02
N MET E 121 27.27 -25.60 -32.72
CA MET E 121 27.26 -24.42 -31.87
C MET E 121 26.82 -24.78 -30.45
N THR E 122 27.04 -23.83 -29.55
CA THR E 122 26.57 -23.94 -28.17
C THR E 122 25.41 -22.98 -27.97
N ASP E 123 24.63 -23.22 -26.90
CA ASP E 123 23.43 -22.43 -26.64
C ASP E 123 23.77 -20.94 -26.60
N GLY E 124 22.88 -20.14 -27.21
CA GLY E 124 22.99 -18.70 -27.22
C GLY E 124 23.95 -18.11 -28.23
N GLU E 125 24.73 -18.92 -28.93
CA GLU E 125 25.87 -18.44 -29.71
C GLU E 125 25.47 -17.69 -30.99
N GLY E 126 24.21 -17.70 -31.38
CA GLY E 126 23.82 -16.94 -32.57
C GLY E 126 23.78 -15.44 -32.31
N ALA E 127 24.07 -14.67 -33.35
CA ALA E 127 23.99 -13.22 -33.29
C ALA E 127 22.55 -12.70 -33.39
N GLY E 128 21.58 -13.59 -33.62
CA GLY E 128 20.17 -13.24 -33.56
C GLY E 128 19.59 -13.52 -32.18
N VAL E 129 18.31 -13.87 -32.14
CA VAL E 129 17.59 -14.06 -30.89
C VAL E 129 17.56 -15.55 -30.55
N ALA E 130 18.16 -15.91 -29.42
CA ALA E 130 18.15 -17.27 -28.94
C ALA E 130 16.71 -17.70 -28.61
N PRO E 131 16.37 -18.98 -28.80
CA PRO E 131 14.98 -19.39 -28.52
C PRO E 131 14.49 -18.99 -27.13
N THR E 132 15.33 -19.09 -26.10
CA THR E 132 14.91 -18.72 -24.74
C THR E 132 14.45 -17.27 -24.68
N ASP E 133 15.19 -16.37 -25.31
CA ASP E 133 14.81 -14.95 -25.34
C ASP E 133 13.54 -14.72 -26.15
N ALA E 134 13.42 -15.37 -27.31
CA ALA E 134 12.24 -15.18 -28.14
C ALA E 134 10.96 -15.54 -27.38
N LEU E 135 11.01 -16.61 -26.58
CA LEU E 135 9.82 -17.01 -25.83
C LEU E 135 9.31 -15.84 -24.98
N SER E 136 10.21 -15.14 -24.31
CA SER E 136 9.81 -14.04 -23.43
C SER E 136 9.37 -12.82 -24.23
N THR E 137 10.20 -12.35 -25.15
CA THR E 137 9.93 -11.08 -25.82
C THR E 137 8.72 -11.16 -26.76
N PHE E 138 8.36 -12.36 -27.21
CA PHE E 138 7.25 -12.53 -28.14
C PHE E 138 6.09 -13.29 -27.50
N SER E 139 6.03 -13.32 -26.16
CA SER E 139 4.90 -13.96 -25.49
C SER E 139 3.58 -13.34 -25.90
N HIS E 140 3.56 -12.02 -26.11
CA HIS E 140 2.36 -11.30 -26.52
C HIS E 140 1.95 -11.60 -27.95
N LEU E 141 2.86 -12.15 -28.76
CA LEU E 141 2.61 -12.35 -30.18
C LEU E 141 2.05 -13.73 -30.50
N VAL E 142 2.62 -14.75 -29.89
CA VAL E 142 2.35 -16.14 -30.22
C VAL E 142 1.73 -16.80 -29.00
N LYS E 143 0.54 -17.38 -29.17
CA LYS E 143 -0.13 -17.98 -28.02
C LYS E 143 0.41 -19.38 -27.74
N HIS E 144 0.61 -20.17 -28.79
CA HIS E 144 1.22 -21.49 -28.67
C HIS E 144 2.66 -21.36 -29.16
N ARG E 145 3.56 -21.16 -28.21
CA ARG E 145 4.98 -20.98 -28.48
C ARG E 145 5.69 -22.29 -28.16
N GLY E 146 6.26 -22.92 -29.18
CA GLY E 146 6.87 -24.22 -29.04
C GLY E 146 8.39 -24.21 -29.08
N VAL E 147 8.93 -25.39 -28.74
CA VAL E 147 10.36 -25.61 -28.56
C VAL E 147 10.69 -27.04 -28.95
N ILE E 148 11.91 -27.25 -29.46
CA ILE E 148 12.39 -28.60 -29.70
C ILE E 148 12.76 -29.26 -28.38
N LEU E 149 12.36 -30.53 -28.24
CA LEU E 149 12.73 -31.37 -27.10
C LEU E 149 13.48 -32.58 -27.62
N ILE E 150 14.72 -32.74 -27.17
CA ILE E 150 15.56 -33.88 -27.47
C ILE E 150 15.87 -34.59 -26.16
N PRO E 151 15.10 -35.63 -25.81
CA PRO E 151 15.27 -36.24 -24.48
C PRO E 151 16.63 -36.84 -24.25
N THR E 152 17.32 -37.28 -25.31
CA THR E 152 18.63 -37.88 -25.13
C THR E 152 19.75 -36.85 -25.05
N ARG E 153 19.47 -35.58 -25.32
CA ARG E 153 20.52 -34.57 -25.45
C ARG E 153 21.10 -34.19 -24.09
N ASP E 154 22.40 -33.89 -24.09
CA ASP E 154 23.08 -33.45 -22.87
C ASP E 154 22.39 -32.24 -22.25
N ASP E 155 22.19 -32.29 -20.93
CA ASP E 155 21.62 -31.20 -20.16
C ASP E 155 20.21 -30.81 -20.60
N GLU E 156 19.46 -31.73 -21.23
CA GLU E 156 18.14 -31.35 -21.75
C GLU E 156 17.14 -31.08 -20.64
N LEU E 157 17.33 -31.68 -19.47
CA LEU E 157 16.46 -31.35 -18.35
C LEU E 157 16.54 -29.86 -18.02
N SER E 158 17.75 -29.31 -17.96
CA SER E 158 17.90 -27.90 -17.65
C SER E 158 17.46 -27.01 -18.81
N ARG E 159 17.83 -27.38 -20.04
CA ARG E 159 17.49 -26.54 -21.19
C ARG E 159 15.98 -26.41 -21.35
N PHE E 160 15.25 -27.53 -21.24
CA PHE E 160 13.80 -27.51 -21.43
C PHE E 160 13.11 -26.79 -20.28
N GLY E 161 13.59 -26.99 -19.04
CA GLY E 161 13.04 -26.25 -17.92
C GLY E 161 13.17 -24.75 -18.10
N PHE E 162 14.37 -24.28 -18.44
CA PHE E 162 14.58 -22.87 -18.77
C PHE E 162 13.61 -22.41 -19.85
N LYS E 163 13.41 -23.23 -20.88
CA LYS E 163 12.51 -22.81 -21.95
C LYS E 163 11.08 -22.73 -21.45
N CYS E 164 10.63 -23.69 -20.65
CA CYS E 164 9.29 -23.61 -20.06
C CYS E 164 9.17 -22.42 -19.11
N LYS E 165 10.27 -22.03 -18.46
CA LYS E 165 10.26 -20.88 -17.58
C LYS E 165 10.04 -19.58 -18.36
N GLU E 166 10.67 -19.46 -19.52
CA GLU E 166 10.47 -18.28 -20.36
C GLU E 166 9.17 -18.30 -21.13
N GLY E 167 8.37 -19.34 -20.99
CA GLY E 167 7.04 -19.38 -21.57
C GLY E 167 6.77 -20.36 -22.71
N ALA E 168 7.62 -21.36 -22.91
CA ALA E 168 7.28 -22.40 -23.88
C ALA E 168 6.04 -23.15 -23.40
N THR E 169 5.04 -23.27 -24.29
CA THR E 169 3.78 -23.92 -23.99
C THR E 169 3.67 -25.32 -24.57
N PHE E 170 4.52 -25.68 -25.54
CA PHE E 170 4.59 -27.04 -26.03
C PHE E 170 6.01 -27.40 -26.39
N GLY E 171 6.36 -28.66 -26.27
CA GLY E 171 7.66 -29.11 -26.70
C GLY E 171 7.55 -30.07 -27.85
N MET E 172 8.31 -29.88 -28.89
CA MET E 172 8.28 -30.76 -30.02
C MET E 172 9.43 -31.75 -30.06
N THR E 173 9.18 -33.04 -29.89
CA THR E 173 10.28 -34.00 -29.75
C THR E 173 10.99 -34.27 -31.04
N GLN E 174 12.25 -34.56 -30.94
CA GLN E 174 12.93 -35.18 -32.05
C GLN E 174 12.29 -36.53 -32.34
N LEU E 175 12.47 -37.02 -33.56
CA LEU E 175 12.05 -38.37 -33.91
C LEU E 175 12.39 -39.34 -32.79
N LEU E 176 11.38 -40.07 -32.34
CA LEU E 176 11.51 -40.96 -31.19
C LEU E 176 11.74 -42.38 -31.67
N TYR E 177 12.91 -42.93 -31.35
CA TYR E 177 13.23 -44.30 -31.70
C TYR E 177 13.63 -45.10 -30.46
N SER E 178 13.30 -44.58 -29.29
CA SER E 178 13.46 -45.25 -28.01
C SER E 178 12.38 -44.72 -27.08
N ASP E 179 12.37 -45.26 -25.85
CA ASP E 179 11.43 -44.84 -24.82
C ASP E 179 12.07 -43.90 -23.79
N ALA E 180 13.20 -43.26 -24.16
CA ALA E 180 13.89 -42.39 -23.21
C ALA E 180 13.03 -41.22 -22.77
N ILE E 181 12.12 -40.77 -23.63
CA ILE E 181 11.22 -39.67 -23.28
C ILE E 181 10.40 -40.00 -22.05
N VAL E 182 10.07 -41.29 -21.84
CA VAL E 182 9.31 -41.67 -20.65
C VAL E 182 10.05 -41.24 -19.39
N ASN E 183 11.31 -41.67 -19.27
CA ASN E 183 12.11 -41.30 -18.10
C ASN E 183 12.27 -39.79 -17.99
N PHE E 184 12.62 -39.12 -19.10
CA PHE E 184 12.80 -37.67 -19.06
C PHE E 184 11.60 -36.98 -18.43
N LEU E 185 10.40 -37.26 -18.95
CA LEU E 185 9.20 -36.62 -18.45
C LEU E 185 8.84 -37.06 -17.04
N THR E 186 9.24 -38.27 -16.62
CA THR E 186 9.08 -38.64 -15.22
C THR E 186 9.98 -37.80 -14.34
N GLU E 187 11.25 -37.66 -14.74
CA GLU E 187 12.18 -36.79 -13.99
C GLU E 187 11.73 -35.34 -14.02
N PHE E 188 11.21 -34.88 -15.17
CA PHE E 188 10.84 -33.47 -15.34
C PHE E 188 9.60 -33.12 -14.54
N SER E 189 8.60 -33.99 -14.54
CA SER E 189 7.41 -33.74 -13.74
C SER E 189 7.68 -33.88 -12.25
N ARG E 190 8.75 -34.58 -11.88
CA ARG E 190 9.14 -34.69 -10.47
C ARG E 190 9.74 -33.38 -9.97
N ASN E 191 10.79 -32.91 -10.65
CA ASN E 191 11.53 -31.74 -10.17
C ASN E 191 10.78 -30.44 -10.38
N THR E 192 9.99 -30.33 -11.46
CA THR E 192 9.41 -29.05 -11.84
C THR E 192 7.89 -29.07 -11.81
N ASP E 193 7.32 -27.87 -11.79
CA ASP E 193 5.88 -27.68 -11.97
C ASP E 193 5.50 -27.48 -13.44
N HIS E 194 6.46 -27.57 -14.36
CA HIS E 194 6.18 -27.32 -15.77
C HIS E 194 5.36 -28.46 -16.37
N ARG E 195 4.27 -28.11 -17.05
CA ARG E 195 3.41 -29.09 -17.71
C ARG E 195 3.07 -28.61 -19.12
N PRO E 196 4.07 -28.46 -19.98
CA PRO E 196 3.76 -28.10 -21.37
C PRO E 196 3.18 -29.29 -22.10
N GLU E 197 2.35 -28.99 -23.10
CA GLU E 197 1.92 -30.01 -24.04
C GLU E 197 3.13 -30.61 -24.72
N ILE E 198 3.10 -31.91 -24.98
CA ILE E 198 4.21 -32.60 -25.64
C ILE E 198 3.75 -33.14 -26.99
N LEU E 199 4.52 -32.83 -28.02
CA LEU E 199 4.29 -33.32 -29.38
C LEU E 199 5.21 -34.51 -29.61
N LEU E 200 4.68 -35.72 -29.38
CA LEU E 200 5.46 -36.94 -29.61
C LEU E 200 5.60 -37.18 -31.10
N SER E 201 6.85 -37.23 -31.57
CA SER E 201 7.16 -37.35 -32.99
C SER E 201 7.60 -38.76 -33.32
N PHE E 202 6.95 -39.36 -34.33
CA PHE E 202 7.30 -40.70 -34.81
C PHE E 202 7.48 -40.66 -36.32
N GLY E 203 8.54 -41.33 -36.79
CA GLY E 203 8.88 -41.28 -38.20
C GLY E 203 8.87 -42.63 -38.89
N PHE E 204 8.12 -42.71 -39.99
CA PHE E 204 8.12 -43.93 -40.80
C PHE E 204 9.49 -44.12 -41.47
N VAL E 205 10.09 -45.29 -41.28
CA VAL E 205 11.41 -45.59 -41.78
C VAL E 205 11.24 -46.46 -43.08
N PRO E 206 11.62 -45.95 -44.23
CA PRO E 206 11.55 -46.80 -45.44
C PRO E 206 12.79 -47.67 -45.58
N LYS E 207 12.68 -48.63 -46.50
CA LYS E 207 13.79 -49.55 -46.74
C LYS E 207 15.01 -48.83 -47.28
N MET E 208 14.79 -47.69 -47.96
CA MET E 208 15.87 -46.88 -48.50
C MET E 208 16.84 -46.41 -47.43
N GLU E 209 16.40 -46.33 -46.18
CA GLU E 209 17.24 -45.89 -45.08
C GLU E 209 18.50 -46.73 -44.93
N SER E 210 18.48 -47.99 -45.37
CA SER E 210 19.69 -48.79 -45.31
C SER E 210 20.73 -48.28 -46.29
N GLU E 211 20.29 -47.67 -47.39
CA GLU E 211 21.20 -47.13 -48.39
C GLU E 211 21.56 -45.67 -48.12
N VAL E 212 20.58 -44.84 -47.75
CA VAL E 212 20.78 -43.39 -47.67
C VAL E 212 21.18 -42.95 -46.27
N GLY E 213 20.44 -43.38 -45.25
CA GLY E 213 20.79 -43.02 -43.89
C GLY E 213 20.46 -41.61 -43.48
N LEU E 214 19.42 -41.00 -44.07
CA LEU E 214 19.00 -39.68 -43.63
C LEU E 214 18.51 -39.72 -42.18
N ILE E 215 17.69 -40.71 -41.82
CA ILE E 215 17.16 -40.77 -40.47
C ILE E 215 18.28 -41.01 -39.45
N ASP E 216 19.29 -41.79 -39.85
CA ASP E 216 20.45 -41.98 -39.00
C ASP E 216 21.20 -40.67 -38.77
N TRP E 217 21.15 -39.76 -39.74
CA TRP E 217 21.87 -38.50 -39.63
C TRP E 217 21.07 -37.48 -38.84
N LEU E 218 19.74 -37.47 -38.96
CA LEU E 218 18.92 -36.54 -38.21
C LEU E 218 19.05 -36.78 -36.70
N ILE E 219 19.10 -38.04 -36.28
CA ILE E 219 19.05 -38.38 -34.86
C ILE E 219 20.46 -38.57 -34.30
N GLN E 220 21.49 -38.22 -35.07
CA GLN E 220 22.86 -38.48 -34.64
C GLN E 220 23.22 -37.64 -33.41
N ASP E 221 24.11 -38.21 -32.59
CA ASP E 221 24.67 -37.60 -31.38
C ASP E 221 25.89 -38.42 -30.96
N PRO E 222 27.11 -37.85 -31.01
CA PRO E 222 28.33 -38.67 -30.99
C PRO E 222 28.46 -39.67 -29.85
N ASP E 223 28.87 -39.21 -28.67
CA ASP E 223 29.26 -40.09 -27.57
C ASP E 223 28.18 -40.08 -26.49
N ASN E 224 27.07 -40.76 -26.77
CA ASN E 224 25.88 -40.66 -25.94
C ASN E 224 25.37 -42.05 -25.53
N GLY E 225 25.51 -43.04 -26.41
CA GLY E 225 25.09 -44.40 -26.10
C GLY E 225 23.59 -44.61 -26.16
N ALA E 226 22.83 -43.71 -25.54
CA ALA E 226 21.38 -43.80 -25.61
C ALA E 226 20.88 -43.60 -27.04
N VAL E 227 21.53 -42.71 -27.81
CA VAL E 227 21.10 -42.46 -29.17
C VAL E 227 21.54 -43.60 -30.08
N ALA E 228 22.70 -44.18 -29.79
CA ALA E 228 23.16 -45.32 -30.61
C ALA E 228 22.15 -46.46 -30.56
N THR E 229 21.53 -46.68 -29.40
CA THR E 229 20.45 -47.66 -29.30
C THR E 229 19.30 -47.32 -30.24
N GLU E 230 19.00 -46.03 -30.38
CA GLU E 230 17.96 -45.60 -31.33
C GLU E 230 18.39 -45.86 -32.76
N GLN E 231 19.63 -45.47 -33.10
CA GLN E 231 20.16 -45.71 -34.44
C GLN E 231 20.11 -47.20 -34.79
N GLN E 232 20.47 -48.05 -33.83
CA GLN E 232 20.34 -49.50 -34.04
C GLN E 232 18.90 -49.87 -34.33
N PHE E 233 17.96 -49.35 -33.52
CA PHE E 233 16.55 -49.58 -33.75
C PHE E 233 16.12 -49.16 -35.15
N VAL E 234 16.66 -48.04 -35.63
CA VAL E 234 16.32 -47.56 -36.97
C VAL E 234 16.84 -48.52 -38.02
N ARG E 235 18.07 -49.01 -37.86
CA ARG E 235 18.60 -50.01 -38.78
C ARG E 235 17.74 -51.28 -38.78
N ARG E 236 17.28 -51.70 -37.60
CA ARG E 236 16.43 -52.88 -37.52
C ARG E 236 15.10 -52.67 -38.25
N LEU E 237 14.59 -51.44 -38.23
CA LEU E 237 13.34 -51.16 -38.93
C LEU E 237 13.54 -51.23 -40.44
N ALA E 238 14.61 -50.62 -40.95
CA ALA E 238 14.81 -50.57 -42.39
C ALA E 238 15.06 -51.95 -42.98
N ALA E 239 15.73 -52.83 -42.24
CA ALA E 239 15.93 -54.19 -42.74
C ALA E 239 14.63 -54.99 -42.69
N SER E 240 13.83 -54.80 -41.65
CA SER E 240 12.54 -55.47 -41.54
C SER E 240 11.62 -55.07 -42.69
N GLU E 241 10.53 -55.82 -42.85
CA GLU E 241 9.61 -55.65 -43.98
C GLU E 241 8.23 -55.22 -43.49
N PRO E 242 7.37 -54.65 -44.39
CA PRO E 242 6.24 -53.83 -43.92
C PRO E 242 5.51 -54.29 -42.67
N ALA E 243 5.16 -55.58 -42.59
CA ALA E 243 4.41 -56.06 -41.43
C ALA E 243 5.29 -56.14 -40.19
N GLN E 244 6.49 -56.70 -40.32
CA GLN E 244 7.38 -56.89 -39.18
C GLN E 244 7.91 -55.56 -38.67
N LYS E 245 8.23 -54.64 -39.59
CA LYS E 245 8.66 -53.31 -39.21
C LYS E 245 7.58 -52.60 -38.41
N ARG E 246 6.35 -52.58 -38.93
CA ARG E 246 5.27 -51.82 -38.28
C ARG E 246 4.90 -52.42 -36.93
N ALA E 247 5.13 -53.72 -36.73
CA ALA E 247 4.81 -54.30 -35.43
C ALA E 247 5.81 -53.85 -34.38
N GLN E 248 7.06 -53.77 -34.75
CA GLN E 248 8.05 -53.21 -33.88
C GLN E 248 7.71 -51.75 -33.55
N MET E 249 7.25 -51.01 -34.53
CA MET E 249 6.92 -49.62 -34.37
C MET E 249 5.74 -49.42 -33.47
N LEU E 250 4.72 -50.23 -33.63
CA LEU E 250 3.59 -50.20 -32.69
C LEU E 250 4.04 -50.55 -31.28
N ASP E 251 5.04 -51.42 -31.16
CA ASP E 251 5.54 -51.81 -29.85
C ASP E 251 6.17 -50.63 -29.12
N LEU E 252 7.12 -49.95 -29.77
CA LEU E 252 7.68 -48.74 -29.19
C LEU E 252 6.57 -47.74 -28.88
N TYR E 253 5.71 -47.48 -29.88
CA TYR E 253 4.61 -46.53 -29.73
C TYR E 253 3.78 -46.82 -28.48
N LYS E 254 3.22 -48.03 -28.40
CA LYS E 254 2.43 -48.40 -27.22
C LYS E 254 3.24 -48.18 -25.94
N ARG E 255 4.53 -48.54 -25.95
CA ARG E 255 5.36 -48.36 -24.77
C ARG E 255 5.52 -46.89 -24.41
N VAL E 256 5.75 -46.04 -25.41
CA VAL E 256 5.87 -44.61 -25.16
C VAL E 256 4.53 -44.04 -24.69
N ILE E 257 3.43 -44.41 -25.34
CA ILE E 257 2.15 -43.84 -24.99
C ILE E 257 1.75 -44.23 -23.56
N ASP E 258 1.79 -45.53 -23.24
CA ASP E 258 1.36 -45.97 -21.91
C ASP E 258 2.21 -45.35 -20.81
N GLY E 259 3.48 -45.06 -21.09
CA GLY E 259 4.34 -44.50 -20.06
C GLY E 259 4.34 -42.99 -19.91
N VAL E 260 3.63 -42.25 -20.76
CA VAL E 260 3.64 -40.79 -20.67
C VAL E 260 2.25 -40.27 -20.33
N ILE E 261 1.20 -40.96 -20.79
CA ILE E 261 -0.14 -40.39 -20.76
C ILE E 261 -0.68 -40.15 -19.36
N ASP E 262 -0.02 -40.64 -18.31
CA ASP E 262 -0.46 -40.36 -16.94
C ASP E 262 0.46 -39.42 -16.18
N LEU E 263 1.51 -38.89 -16.82
CA LEU E 263 2.47 -38.04 -16.14
C LEU E 263 1.98 -36.60 -15.92
N GLY E 264 0.89 -36.18 -16.57
CA GLY E 264 0.35 -34.86 -16.35
C GLY E 264 0.60 -33.86 -17.48
N PHE E 265 1.25 -34.27 -18.61
CA PHE E 265 1.47 -33.37 -19.74
C PHE E 265 0.39 -33.57 -20.80
N PRO E 266 -0.22 -32.53 -21.35
CA PRO E 266 -1.07 -32.72 -22.53
C PRO E 266 -0.27 -33.36 -23.65
N VAL E 267 -0.83 -34.41 -24.27
CA VAL E 267 -0.11 -35.20 -25.25
C VAL E 267 -0.74 -35.02 -26.63
N SER E 268 0.06 -34.54 -27.59
CA SER E 268 -0.27 -34.51 -29.00
C SER E 268 0.71 -35.40 -29.77
N LEU E 269 0.37 -35.68 -31.02
CA LEU E 269 1.18 -36.50 -31.91
C LEU E 269 1.69 -35.71 -33.10
N HIS E 270 2.91 -36.04 -33.54
CA HIS E 270 3.53 -35.47 -34.73
C HIS E 270 4.04 -36.62 -35.59
N PHE E 271 3.42 -36.83 -36.75
CA PHE E 271 3.79 -37.91 -37.66
C PHE E 271 4.64 -37.37 -38.80
N GLU E 272 5.76 -38.04 -39.09
CA GLU E 272 6.67 -37.62 -40.15
C GLU E 272 6.95 -38.76 -41.11
N ALA E 273 7.31 -38.39 -42.34
CA ALA E 273 7.90 -39.33 -43.30
C ALA E 273 9.08 -38.60 -43.91
N PRO E 274 10.26 -38.74 -43.30
CA PRO E 274 11.41 -37.92 -43.74
C PRO E 274 11.79 -38.14 -45.19
N TYR E 275 11.40 -39.25 -45.82
CA TYR E 275 11.60 -39.42 -47.24
C TYR E 275 10.34 -39.12 -48.05
N GLY E 276 9.31 -38.57 -47.43
CA GLY E 276 8.10 -38.28 -48.17
C GLY E 276 6.92 -39.16 -47.77
N VAL E 277 5.73 -38.55 -47.70
CA VAL E 277 4.51 -39.28 -47.36
C VAL E 277 4.23 -40.38 -48.36
N SER E 278 3.64 -41.48 -47.89
CA SER E 278 3.35 -42.62 -48.74
C SER E 278 2.28 -43.50 -48.10
N ALA E 279 1.74 -44.42 -48.89
CA ALA E 279 0.76 -45.35 -48.36
C ALA E 279 1.32 -46.21 -47.24
N PRO E 280 2.53 -46.77 -47.32
CA PRO E 280 3.07 -47.51 -46.17
C PRO E 280 3.13 -46.67 -44.90
N ALA E 281 3.54 -45.41 -45.00
CA ALA E 281 3.67 -44.57 -43.81
C ALA E 281 2.31 -44.27 -43.18
N PHE E 282 1.31 -43.94 -44.00
CA PHE E 282 0.03 -43.51 -43.47
C PHE E 282 -0.74 -44.67 -42.85
N GLU E 283 -0.60 -45.87 -43.40
CA GLU E 283 -1.25 -47.01 -42.77
C GLU E 283 -0.57 -47.38 -41.46
N THR E 284 0.71 -47.08 -41.31
CA THR E 284 1.41 -47.23 -40.03
C THR E 284 1.01 -46.13 -39.05
N PHE E 285 0.80 -44.91 -39.54
CA PHE E 285 0.28 -43.85 -38.68
C PHE E 285 -1.10 -44.23 -38.16
N ALA E 286 -2.02 -44.62 -39.06
CA ALA E 286 -3.37 -44.96 -38.64
C ALA E 286 -3.39 -46.14 -37.69
N ALA E 287 -2.44 -47.06 -37.83
CA ALA E 287 -2.30 -48.14 -36.88
C ALA E 287 -2.02 -47.61 -35.49
N MET E 288 -1.16 -46.59 -35.37
CA MET E 288 -0.87 -46.02 -34.07
C MET E 288 -2.10 -45.36 -33.48
N LEU E 289 -2.77 -44.51 -34.26
CA LEU E 289 -3.96 -43.83 -33.76
C LEU E 289 -5.03 -44.83 -33.33
N ASP E 290 -5.04 -46.01 -33.95
CA ASP E 290 -5.99 -47.05 -33.54
C ASP E 290 -5.64 -47.61 -32.17
N TYR E 291 -4.37 -47.58 -31.78
CA TYR E 291 -4.04 -47.87 -30.39
C TYR E 291 -4.43 -46.70 -29.49
N TRP E 292 -3.86 -45.52 -29.74
CA TRP E 292 -4.17 -44.35 -28.94
C TRP E 292 -4.19 -43.11 -29.81
N ALA E 293 -5.24 -42.31 -29.64
CA ALA E 293 -5.39 -41.00 -30.28
C ALA E 293 -6.04 -40.06 -29.27
N PRO E 294 -5.67 -38.78 -29.29
CA PRO E 294 -6.15 -37.86 -28.26
C PRO E 294 -7.51 -37.26 -28.59
N ASP E 295 -8.17 -36.80 -27.53
CA ASP E 295 -9.25 -35.80 -27.61
C ASP E 295 -9.69 -35.37 -26.22
N MET F 1 -22.71 30.10 36.79
CA MET F 1 -21.40 30.23 37.40
C MET F 1 -20.55 28.99 37.11
N THR F 2 -21.21 27.90 36.71
CA THR F 2 -20.54 26.66 36.36
C THR F 2 -21.01 26.16 35.00
N LEU F 3 -20.10 25.48 34.30
CA LEU F 3 -20.38 24.96 32.96
C LEU F 3 -21.05 23.59 33.01
N ASN F 4 -20.47 22.63 33.75
CA ASN F 4 -21.02 21.27 33.86
C ASN F 4 -21.25 20.68 32.47
N THR F 5 -20.29 20.87 31.59
CA THR F 5 -20.47 20.65 30.17
C THR F 5 -19.56 19.53 29.69
N VAL F 6 -19.83 19.10 28.46
CA VAL F 6 -18.89 18.33 27.64
C VAL F 6 -18.43 19.25 26.54
N ALA F 7 -17.11 19.41 26.40
CA ALA F 7 -16.52 20.24 25.38
C ALA F 7 -15.71 19.38 24.42
N LEU F 8 -15.80 19.69 23.13
CA LEU F 8 -15.04 19.02 22.09
C LEU F 8 -14.02 19.99 21.49
N GLU F 9 -12.77 19.53 21.37
CA GLU F 9 -11.72 20.35 20.79
C GLU F 9 -11.85 20.34 19.29
N LEU F 10 -12.09 21.53 18.71
CA LEU F 10 -12.14 21.72 17.25
C LEU F 10 -11.04 22.72 16.89
N VAL F 11 -9.95 22.22 16.32
CA VAL F 11 -8.82 23.07 15.93
C VAL F 11 -9.19 23.85 14.67
N PRO F 12 -8.94 25.16 14.62
CA PRO F 12 -9.26 25.92 13.41
C PRO F 12 -8.48 25.42 12.20
N SER F 13 -9.11 25.46 11.04
CA SER F 13 -8.50 24.97 9.81
C SER F 13 -7.42 25.92 9.30
N ASN F 14 -6.65 25.45 8.33
CA ASN F 14 -5.57 26.24 7.74
C ASN F 14 -6.12 27.45 6.99
N LEU F 15 -5.50 28.61 7.20
CA LEU F 15 -5.84 29.81 6.44
C LEU F 15 -5.76 29.58 4.94
N ASP F 16 -4.81 28.75 4.51
CA ASP F 16 -4.59 28.32 3.12
C ASP F 16 -5.87 28.00 2.36
N LEU F 17 -6.76 27.27 3.03
CA LEU F 17 -7.89 26.59 2.40
C LEU F 17 -9.11 27.47 2.25
N GLY F 18 -9.19 28.57 2.99
CA GLY F 18 -10.27 29.52 2.82
C GLY F 18 -11.51 29.16 3.61
N THR F 19 -12.48 30.06 3.52
CA THR F 19 -13.66 30.04 4.38
C THR F 19 -14.67 28.96 3.96
N ALA F 20 -15.00 28.87 2.67
CA ALA F 20 -15.99 27.90 2.25
C ALA F 20 -15.59 26.47 2.62
N HIS F 21 -14.30 26.16 2.52
CA HIS F 21 -13.85 24.81 2.82
C HIS F 21 -13.94 24.49 4.32
N ALA F 22 -13.58 25.44 5.17
CA ALA F 22 -13.70 25.21 6.61
C ALA F 22 -15.15 24.92 6.99
N LEU F 23 -16.09 25.66 6.39
CA LEU F 23 -17.51 25.39 6.60
C LEU F 23 -17.86 23.95 6.23
N ALA F 24 -17.45 23.52 5.04
CA ALA F 24 -17.73 22.16 4.60
C ALA F 24 -17.24 21.14 5.62
N GLU F 25 -16.01 21.31 6.11
CA GLU F 25 -15.46 20.33 7.05
C GLU F 25 -16.24 20.31 8.37
N LEU F 26 -16.79 21.45 8.78
CA LEU F 26 -17.65 21.47 9.96
C LEU F 26 -18.92 20.67 9.73
N GLN F 27 -19.46 20.71 8.51
CA GLN F 27 -20.64 19.91 8.19
C GLN F 27 -20.34 18.42 8.32
N LYS F 28 -19.15 18.00 7.88
CA LYS F 28 -18.78 16.59 8.04
C LYS F 28 -18.61 16.24 9.51
N VAL F 29 -18.08 17.17 10.31
CA VAL F 29 -18.03 16.99 11.75
C VAL F 29 -19.43 16.94 12.33
N ARG F 30 -20.34 17.74 11.77
CA ARG F 30 -21.75 17.64 12.13
C ARG F 30 -22.33 16.28 11.77
N LYS F 31 -21.70 15.54 10.86
CA LYS F 31 -22.15 14.21 10.43
C LYS F 31 -21.64 13.09 11.32
N LEU F 32 -20.32 13.04 11.57
CA LEU F 32 -19.79 12.00 12.44
C LEU F 32 -20.41 12.06 13.83
N ALA F 33 -20.76 13.26 14.28
CA ALA F 33 -21.32 13.42 15.62
C ALA F 33 -22.72 12.82 15.72
N VAL F 34 -23.63 13.25 14.82
CA VAL F 34 -24.97 12.69 14.79
C VAL F 34 -24.91 11.18 14.54
N ASP F 35 -24.00 10.74 13.66
CA ASP F 35 -23.87 9.31 13.39
C ASP F 35 -23.49 8.54 14.64
N ALA F 36 -22.70 9.15 15.51
CA ALA F 36 -22.35 8.51 16.77
C ALA F 36 -23.37 8.79 17.86
N GLY F 37 -24.22 9.80 17.69
CA GLY F 37 -25.20 10.17 18.69
C GLY F 37 -24.87 11.40 19.52
N LEU F 38 -23.72 12.03 19.29
CA LEU F 38 -23.18 13.06 20.17
C LEU F 38 -23.80 14.45 19.96
N ASP F 39 -24.67 14.63 18.96
CA ASP F 39 -25.04 15.98 18.54
C ASP F 39 -25.79 16.75 19.62
N GLY F 40 -26.30 16.08 20.64
CA GLY F 40 -26.92 16.76 21.76
C GLY F 40 -26.13 16.59 23.04
N ARG F 41 -25.26 15.59 23.06
CA ARG F 41 -24.43 15.32 24.23
C ARG F 41 -23.25 16.28 24.35
N ILE F 42 -23.09 17.22 23.42
CA ILE F 42 -21.99 18.18 23.41
C ILE F 42 -22.58 19.58 23.28
N ARG F 43 -22.33 20.42 24.28
CA ARG F 43 -22.86 21.78 24.26
C ARG F 43 -21.77 22.85 24.17
N HIS F 44 -20.49 22.47 24.17
CA HIS F 44 -19.41 23.43 24.02
C HIS F 44 -18.39 22.94 23.00
N ILE F 45 -17.92 23.84 22.16
CA ILE F 45 -16.75 23.64 21.32
C ILE F 45 -15.59 24.39 21.95
N MET F 46 -14.50 23.69 22.22
CA MET F 46 -13.26 24.30 22.70
C MET F 46 -12.37 24.54 21.50
N ILE F 47 -12.01 25.80 21.27
CA ILE F 47 -11.21 26.24 20.13
C ILE F 47 -9.86 26.69 20.67
N PRO F 48 -8.78 25.94 20.45
CA PRO F 48 -7.47 26.36 20.95
C PRO F 48 -6.88 27.49 20.12
N GLY F 49 -6.23 28.43 20.82
CA GLY F 49 -5.50 29.49 20.15
C GLY F 49 -4.13 29.02 19.68
N MET F 50 -3.34 29.97 19.18
CA MET F 50 -2.06 29.60 18.58
C MET F 50 -1.06 29.20 19.67
N ILE F 51 0.04 28.57 19.24
CA ILE F 51 1.14 28.23 20.14
C ILE F 51 2.46 28.53 19.46
N ASP F 55 7.64 24.47 15.41
CA ASP F 55 8.51 24.05 16.50
C ASP F 55 9.38 22.89 16.07
N GLY F 56 9.67 22.01 17.04
CA GLY F 56 10.20 20.69 16.75
C GLY F 56 9.06 19.69 16.73
N ARG F 57 7.88 20.16 16.32
CA ARG F 57 6.67 19.34 16.35
C ARG F 57 6.74 18.26 15.28
N PRO F 58 6.26 17.04 15.58
CA PRO F 58 6.19 16.00 14.56
C PRO F 58 5.10 16.22 13.52
N VAL F 59 4.16 17.12 13.77
CA VAL F 59 3.11 17.49 12.82
C VAL F 59 3.24 18.98 12.57
N GLU F 60 3.34 19.37 11.29
CA GLU F 60 4.04 20.60 10.94
C GLU F 60 3.27 21.89 11.26
N MET F 61 1.94 21.85 11.36
CA MET F 61 1.13 22.98 11.83
C MET F 61 1.36 24.31 11.09
N LYS F 62 0.42 24.70 10.24
CA LYS F 62 0.54 25.88 9.39
C LYS F 62 -0.30 27.03 9.94
N PRO F 63 -0.19 28.23 9.34
CA PRO F 63 -1.04 29.35 9.77
C PRO F 63 -2.52 29.01 9.73
N LYS F 64 -3.27 29.50 10.72
CA LYS F 64 -4.66 29.13 10.96
C LYS F 64 -5.58 30.35 10.97
N LEU F 65 -6.86 30.09 10.68
CA LEU F 65 -7.90 31.09 10.90
C LEU F 65 -7.91 31.55 12.36
N ASP F 66 -8.12 32.86 12.57
CA ASP F 66 -8.23 33.36 13.94
C ASP F 66 -9.37 32.64 14.66
N VAL F 67 -9.21 32.45 15.97
CA VAL F 67 -10.21 31.73 16.74
C VAL F 67 -11.54 32.46 16.67
N LEU F 68 -11.51 33.79 16.55
CA LEU F 68 -12.74 34.58 16.43
C LEU F 68 -13.50 34.26 15.14
N ASP F 69 -12.79 33.98 14.06
CA ASP F 69 -13.47 33.71 12.80
C ASP F 69 -13.89 32.27 12.68
N TYR F 70 -13.05 31.34 13.15
CA TYR F 70 -13.48 29.95 13.17
C TYR F 70 -14.71 29.77 14.04
N TRP F 71 -14.84 30.55 15.11
CA TRP F 71 -16.03 30.47 15.96
C TRP F 71 -17.27 31.00 15.26
N GLU F 72 -17.12 31.86 14.25
CA GLU F 72 -18.27 32.29 13.45
C GLU F 72 -18.77 31.14 12.58
N LEU F 73 -17.85 30.40 11.97
CA LEU F 73 -18.26 29.27 11.13
C LEU F 73 -18.76 28.11 11.96
N VAL F 74 -18.17 27.88 13.14
CA VAL F 74 -18.65 26.81 14.01
C VAL F 74 -20.11 27.05 14.36
N GLN F 75 -20.46 28.29 14.68
CA GLN F 75 -21.84 28.62 15.00
C GLN F 75 -22.78 28.30 13.85
N ARG F 76 -22.33 28.50 12.60
CA ARG F 76 -23.21 28.33 11.45
C ARG F 76 -23.67 26.88 11.27
N GLU F 77 -22.74 25.93 11.39
CA GLU F 77 -23.07 24.53 11.16
C GLU F 77 -23.44 23.79 12.42
N LEU F 78 -23.12 24.35 13.58
CA LEU F 78 -23.41 23.76 14.89
C LEU F 78 -24.14 24.82 15.71
N PRO F 79 -25.44 25.01 15.47
CA PRO F 79 -26.13 26.19 16.02
C PRO F 79 -26.45 26.12 17.50
N ASP F 80 -26.46 24.93 18.11
CA ASP F 80 -26.78 24.83 19.53
C ASP F 80 -25.57 25.04 20.43
N VAL F 81 -24.36 24.79 19.92
CA VAL F 81 -23.18 24.76 20.77
C VAL F 81 -22.85 26.15 21.30
N ARG F 82 -22.17 26.18 22.45
CA ARG F 82 -21.54 27.39 22.97
C ARG F 82 -20.04 27.25 22.86
N GLY F 83 -19.32 28.33 23.18
CA GLY F 83 -17.91 28.39 22.85
C GLY F 83 -16.94 28.60 23.99
N LEU F 84 -15.84 27.87 23.96
CA LEU F 84 -14.70 28.08 24.85
C LEU F 84 -13.45 28.17 24.00
N CYS F 85 -12.43 28.84 24.54
CA CYS F 85 -11.20 29.03 23.79
C CYS F 85 -10.00 29.07 24.73
N THR F 86 -8.83 29.07 24.10
CA THR F 86 -7.53 29.09 24.74
C THR F 86 -6.76 30.31 24.23
N GLN F 87 -6.07 31.00 25.14
CA GLN F 87 -5.33 32.21 24.79
C GLN F 87 -4.06 32.28 25.61
N VAL F 88 -2.93 32.43 24.94
CA VAL F 88 -1.66 32.66 25.62
C VAL F 88 -1.57 34.12 26.01
N THR F 89 -1.20 34.39 27.26
CA THR F 89 -1.14 35.75 27.78
C THR F 89 0.27 36.28 27.97
N SER F 90 1.26 35.39 28.14
CA SER F 90 2.59 35.80 28.61
C SER F 90 3.38 36.60 27.59
N PHE F 91 2.93 36.66 26.33
CA PHE F 91 3.68 37.38 25.30
C PHE F 91 2.93 38.60 24.75
N LEU F 92 1.76 38.92 25.30
CA LEU F 92 1.00 40.11 24.91
C LEU F 92 1.07 41.17 26.00
N GLY F 93 1.34 42.41 25.61
CA GLY F 93 1.29 43.51 26.55
C GLY F 93 -0.12 43.71 27.10
N GLU F 94 -0.19 44.45 28.21
CA GLU F 94 -1.46 44.52 28.94
C GLU F 94 -2.56 45.09 28.08
N ARG F 95 -2.30 46.21 27.38
CA ARG F 95 -3.36 46.83 26.60
C ARG F 95 -3.79 45.93 25.44
N SER F 96 -2.83 45.32 24.74
CA SER F 96 -3.16 44.38 23.68
C SER F 96 -3.91 43.18 24.21
N LEU F 97 -3.42 42.59 25.31
CA LEU F 97 -4.14 41.47 25.90
C LEU F 97 -5.56 41.86 26.29
N ARG F 98 -5.72 43.07 26.82
CA ARG F 98 -7.06 43.59 27.10
C ARG F 98 -7.93 43.60 25.85
N ARG F 99 -7.45 44.22 24.77
CA ARG F 99 -8.21 44.24 23.53
C ARG F 99 -8.62 42.84 23.12
N ARG F 100 -7.66 41.91 23.13
CA ARG F 100 -7.91 40.56 22.66
C ARG F 100 -9.00 39.87 23.47
N LEU F 101 -8.98 40.04 24.79
CA LEU F 101 -9.97 39.36 25.62
C LEU F 101 -11.35 40.00 25.49
N THR F 102 -11.42 41.33 25.34
CA THR F 102 -12.71 41.96 25.06
C THR F 102 -13.30 41.42 23.76
N ALA F 103 -12.48 41.25 22.73
CA ALA F 103 -13.01 40.78 21.45
C ALA F 103 -13.59 39.38 21.57
N LEU F 104 -12.86 38.48 22.23
CA LEU F 104 -13.35 37.11 22.40
C LEU F 104 -14.65 37.11 23.21
N ILE F 105 -14.68 37.84 24.32
CA ILE F 105 -15.94 37.99 25.05
C ILE F 105 -17.00 38.65 24.17
N GLN F 106 -16.61 39.67 23.41
CA GLN F 106 -17.53 40.26 22.42
C GLN F 106 -18.11 39.20 21.50
N HIS F 107 -17.25 38.35 20.93
CA HIS F 107 -17.71 37.38 19.93
C HIS F 107 -18.47 36.20 20.54
N GLY F 108 -18.63 36.14 21.85
CA GLY F 108 -19.53 35.19 22.47
C GLY F 108 -18.90 33.97 23.11
N PHE F 109 -17.59 33.96 23.30
CA PHE F 109 -16.98 32.87 24.05
C PHE F 109 -17.42 32.95 25.51
N GLU F 110 -17.79 31.79 26.07
CA GLU F 110 -18.27 31.76 27.44
C GLU F 110 -17.13 31.79 28.45
N GLY F 111 -16.00 31.15 28.11
CA GLY F 111 -14.84 31.18 28.96
C GLY F 111 -13.57 31.11 28.14
N ILE F 112 -12.46 31.52 28.77
CA ILE F 112 -11.15 31.55 28.15
C ILE F 112 -10.16 30.94 29.11
N ALA F 113 -9.34 30.01 28.63
CA ALA F 113 -8.24 29.47 29.42
C ALA F 113 -6.99 30.32 29.17
N PHE F 114 -6.46 30.93 30.23
CA PHE F 114 -5.25 31.73 30.14
C PHE F 114 -4.04 30.80 30.23
N VAL F 115 -3.19 30.81 29.20
CA VAL F 115 -2.08 29.88 29.07
C VAL F 115 -0.76 30.63 29.21
N GLY F 116 0.19 30.03 29.93
CA GLY F 116 1.51 30.60 30.15
C GLY F 116 2.57 30.18 29.15
N VAL F 117 3.78 29.93 29.64
CA VAL F 117 4.97 29.81 28.80
C VAL F 117 5.36 28.35 28.59
N PRO F 118 6.11 28.02 27.51
CA PRO F 118 6.51 26.62 27.28
C PRO F 118 7.54 26.08 28.26
N ARG F 119 8.04 24.86 27.99
CA ARG F 119 8.98 24.21 28.90
C ARG F 119 10.37 24.83 28.85
N THR F 120 10.65 25.65 27.83
CA THR F 120 11.93 26.36 27.71
C THR F 120 11.99 27.60 28.58
N MET F 121 10.97 27.90 29.37
CA MET F 121 10.95 29.10 30.18
C MET F 121 10.45 28.76 31.58
N THR F 122 10.76 29.62 32.54
CA THR F 122 10.26 29.48 33.90
C THR F 122 9.03 30.36 34.09
N ASP F 123 8.35 30.17 35.22
CA ASP F 123 7.09 30.86 35.46
C ASP F 123 7.28 32.38 35.45
N GLY F 124 6.44 33.06 34.68
CA GLY F 124 6.50 34.50 34.55
C GLY F 124 7.47 35.01 33.50
N GLU F 125 8.14 34.12 32.79
CA GLU F 125 9.17 34.50 31.84
C GLU F 125 8.60 34.86 30.47
N GLY F 126 7.69 35.84 30.45
CA GLY F 126 7.36 36.53 29.22
C GLY F 126 7.39 38.03 29.46
N ALA F 127 7.59 38.77 28.37
CA ALA F 127 7.49 40.22 28.43
C ALA F 127 6.05 40.71 28.50
N GLY F 128 5.08 39.84 28.16
CA GLY F 128 3.67 40.16 28.29
C GLY F 128 3.11 39.79 29.64
N VAL F 129 1.81 39.49 29.67
CA VAL F 129 1.07 39.35 30.91
C VAL F 129 1.08 37.88 31.34
N ALA F 130 1.74 37.59 32.46
CA ALA F 130 1.72 36.24 32.99
C ALA F 130 0.29 35.87 33.36
N PRO F 131 -0.12 34.61 33.15
CA PRO F 131 -1.53 34.26 33.39
C PRO F 131 -2.01 34.56 34.81
N THR F 132 -1.17 34.37 35.82
CA THR F 132 -1.59 34.70 37.17
C THR F 132 -1.93 36.19 37.27
N ASP F 133 -1.09 37.05 36.70
CA ASP F 133 -1.43 38.47 36.66
C ASP F 133 -2.69 38.71 35.85
N ALA F 134 -2.89 37.93 34.79
CA ALA F 134 -4.07 38.10 33.95
C ALA F 134 -5.36 37.79 34.70
N LEU F 135 -5.38 36.69 35.46
CA LEU F 135 -6.58 36.33 36.20
C LEU F 135 -7.09 37.46 37.09
N SER F 136 -6.17 38.22 37.70
CA SER F 136 -6.58 39.33 38.56
C SER F 136 -6.96 40.56 37.74
N THR F 137 -6.14 40.91 36.76
CA THR F 137 -6.38 42.13 35.98
C THR F 137 -7.69 42.04 35.19
N PHE F 138 -7.98 40.88 34.64
CA PHE F 138 -9.08 40.66 33.73
C PHE F 138 -10.25 39.91 34.38
N SER F 139 -10.28 39.93 35.68
CA SER F 139 -11.19 39.09 36.47
C SER F 139 -12.67 39.33 36.30
N HIS F 140 -13.03 40.51 35.87
CA HIS F 140 -14.38 40.70 35.42
C HIS F 140 -14.73 41.21 34.06
N LEU F 141 -13.84 41.15 33.09
CA LEU F 141 -14.22 41.04 31.69
C LEU F 141 -14.75 39.65 31.32
N VAL F 142 -14.12 38.65 31.89
CA VAL F 142 -14.29 37.26 31.56
C VAL F 142 -14.85 36.53 32.71
N LYS F 143 -16.00 35.95 32.50
CA LYS F 143 -16.65 35.28 33.57
C LYS F 143 -15.98 34.03 33.93
N HIS F 144 -15.79 33.15 32.98
CA HIS F 144 -15.13 31.87 33.21
C HIS F 144 -13.66 32.03 32.85
N ARG F 145 -12.83 32.23 33.86
CA ARG F 145 -11.39 32.35 33.70
C ARG F 145 -10.74 31.01 33.99
N GLY F 146 -10.03 30.47 33.00
CA GLY F 146 -9.41 29.17 33.10
C GLY F 146 -7.90 29.24 33.05
N VAL F 147 -7.29 28.10 33.40
CA VAL F 147 -5.84 27.90 33.34
C VAL F 147 -5.61 26.44 32.97
N ILE F 148 -4.36 26.11 32.69
CA ILE F 148 -3.94 24.73 32.48
C ILE F 148 -3.59 24.09 33.83
N LEU F 149 -3.94 22.81 33.97
CA LEU F 149 -3.60 21.99 35.14
C LEU F 149 -2.90 20.73 34.66
N ILE F 150 -1.62 20.60 35.00
CA ILE F 150 -0.86 19.40 34.68
C ILE F 150 -0.54 18.67 35.97
N PRO F 151 -1.24 17.57 36.27
CA PRO F 151 -1.10 16.92 37.60
C PRO F 151 0.29 16.39 37.87
N THR F 152 1.04 16.03 36.82
CA THR F 152 2.38 15.51 36.95
C THR F 152 3.46 16.59 37.09
N ARG F 153 3.12 17.87 36.91
CA ARG F 153 4.13 18.90 36.76
C ARG F 153 4.75 19.30 38.09
N ASP F 154 6.06 19.52 38.07
CA ASP F 154 6.80 19.97 39.24
C ASP F 154 6.16 21.20 39.87
N ASP F 155 5.86 21.12 41.17
CA ASP F 155 5.36 22.23 41.96
C ASP F 155 3.96 22.67 41.51
N GLU F 156 3.14 21.73 41.04
CA GLU F 156 1.85 22.15 40.47
C GLU F 156 0.82 22.50 41.53
N LEU F 157 0.90 21.87 42.70
CA LEU F 157 -0.06 22.20 43.75
C LEU F 157 0.10 23.65 44.20
N SER F 158 1.34 24.14 44.26
CA SER F 158 1.55 25.55 44.49
C SER F 158 1.17 26.39 43.27
N ARG F 159 1.60 25.97 42.07
CA ARG F 159 1.25 26.71 40.86
C ARG F 159 -0.27 26.87 40.72
N PHE F 160 -1.00 25.76 40.90
CA PHE F 160 -2.45 25.79 40.72
C PHE F 160 -3.14 26.52 41.86
N GLY F 161 -2.70 26.29 43.10
CA GLY F 161 -3.24 27.07 44.21
C GLY F 161 -3.08 28.56 44.02
N PHE F 162 -1.92 28.99 43.49
CA PHE F 162 -1.67 30.42 43.25
C PHE F 162 -2.64 30.99 42.23
N LYS F 163 -2.87 30.27 41.13
CA LYS F 163 -3.79 30.76 40.10
C LYS F 163 -5.21 30.88 40.66
N CYS F 164 -5.66 29.89 41.44
CA CYS F 164 -6.97 29.94 42.08
C CYS F 164 -7.09 31.11 43.04
N LYS F 165 -6.03 31.40 43.78
CA LYS F 165 -6.00 32.58 44.63
C LYS F 165 -6.21 33.86 43.80
N GLU F 166 -5.63 33.91 42.61
CA GLU F 166 -5.72 35.13 41.81
C GLU F 166 -7.01 35.24 41.02
N GLY F 167 -7.80 34.17 40.89
CA GLY F 167 -9.12 34.28 40.32
C GLY F 167 -9.54 33.14 39.40
N ALA F 168 -8.69 32.14 39.23
CA ALA F 168 -8.97 31.06 38.30
C ALA F 168 -10.27 30.34 38.66
N THR F 169 -11.17 30.23 37.68
CA THR F 169 -12.51 29.71 37.85
C THR F 169 -12.66 28.25 37.41
N PHE F 170 -12.02 27.85 36.32
CA PHE F 170 -11.95 26.44 35.96
C PHE F 170 -10.51 26.04 35.67
N GLY F 171 -10.25 24.77 35.77
CA GLY F 171 -9.03 24.19 35.34
C GLY F 171 -9.26 23.17 34.27
N MET F 172 -8.58 23.32 33.15
CA MET F 172 -8.54 22.36 32.06
C MET F 172 -7.25 21.55 32.05
N THR F 173 -7.36 20.24 32.17
CA THR F 173 -6.19 19.40 32.29
C THR F 173 -5.43 19.21 31.00
N GLN F 174 -4.16 18.91 31.09
CA GLN F 174 -3.53 18.27 29.95
C GLN F 174 -4.18 16.90 29.76
N LEU F 175 -4.02 16.37 28.54
CA LEU F 175 -4.37 15.00 28.24
C LEU F 175 -4.01 14.11 29.44
N LEU F 176 -4.96 13.31 29.87
CA LEU F 176 -4.81 12.44 31.03
C LEU F 176 -4.63 11.01 30.53
N TYR F 177 -3.44 10.45 30.75
CA TYR F 177 -3.16 9.06 30.43
C TYR F 177 -2.71 8.27 31.66
N SER F 178 -3.06 8.76 32.84
CA SER F 178 -2.95 8.03 34.11
C SER F 178 -3.90 8.70 35.09
N ASP F 179 -4.00 8.12 36.30
CA ASP F 179 -4.90 8.66 37.31
C ASP F 179 -4.18 9.57 38.31
N ALA F 180 -3.10 10.23 37.87
CA ALA F 180 -2.38 11.16 38.74
C ALA F 180 -3.25 12.33 39.18
N ILE F 181 -4.30 12.64 38.42
CA ILE F 181 -5.21 13.72 38.79
C ILE F 181 -6.00 13.35 40.04
N VAL F 182 -6.24 12.06 40.28
CA VAL F 182 -6.94 11.65 41.50
C VAL F 182 -6.15 12.09 42.72
N ASN F 183 -4.88 11.67 42.80
CA ASN F 183 -4.05 12.04 43.94
C ASN F 183 -3.86 13.54 44.02
N PHE F 184 -3.79 14.23 42.87
CA PHE F 184 -3.60 15.68 42.86
C PHE F 184 -4.75 16.39 43.55
N LEU F 185 -5.98 16.15 43.08
CA LEU F 185 -7.11 16.86 43.63
C LEU F 185 -7.44 16.41 45.05
N THR F 186 -7.00 15.22 45.46
CA THR F 186 -7.18 14.81 46.85
C THR F 186 -6.30 15.65 47.76
N GLU F 187 -5.00 15.75 47.44
CA GLU F 187 -4.11 16.66 48.13
C GLU F 187 -4.58 18.10 48.04
N PHE F 188 -5.01 18.54 46.85
CA PHE F 188 -5.43 19.92 46.67
C PHE F 188 -6.65 20.26 47.52
N SER F 189 -7.66 19.38 47.50
CA SER F 189 -8.88 19.61 48.26
C SER F 189 -8.63 19.50 49.76
N ARG F 190 -7.61 18.75 50.16
CA ARG F 190 -7.21 18.68 51.57
C ARG F 190 -6.48 19.97 51.99
N ASN F 191 -5.50 20.40 51.19
CA ASN F 191 -4.69 21.56 51.54
C ASN F 191 -5.43 22.89 51.40
N THR F 192 -6.47 22.96 50.56
CA THR F 192 -7.06 24.24 50.17
C THR F 192 -8.58 24.17 50.22
N ASP F 193 -9.20 25.35 50.29
CA ASP F 193 -10.64 25.52 50.10
C ASP F 193 -10.98 25.86 48.65
N HIS F 194 -10.00 25.78 47.75
CA HIS F 194 -10.23 26.08 46.34
C HIS F 194 -10.96 24.91 45.70
N ARG F 195 -12.14 25.19 45.15
CA ARG F 195 -12.91 24.21 44.36
C ARG F 195 -13.20 24.84 43.01
N PRO F 196 -12.19 24.95 42.15
CA PRO F 196 -12.47 25.33 40.76
C PRO F 196 -13.19 24.20 40.05
N GLU F 197 -13.90 24.56 38.99
CA GLU F 197 -14.39 23.56 38.06
C GLU F 197 -13.20 22.91 37.35
N ILE F 198 -13.24 21.60 37.14
CA ILE F 198 -12.12 20.90 36.51
C ILE F 198 -12.59 20.29 35.19
N LEU F 199 -11.90 20.64 34.09
CA LEU F 199 -12.15 20.07 32.76
C LEU F 199 -11.16 18.92 32.54
N LEU F 200 -11.66 17.69 32.62
CA LEU F 200 -10.82 16.50 32.47
C LEU F 200 -10.59 16.19 31.00
N SER F 201 -9.34 16.22 30.55
CA SER F 201 -9.04 16.06 29.13
C SER F 201 -8.66 14.62 28.82
N PHE F 202 -9.39 14.01 27.87
CA PHE F 202 -9.09 12.69 27.36
C PHE F 202 -8.95 12.78 25.84
N GLY F 203 -7.87 12.21 25.31
CA GLY F 203 -7.57 12.28 23.89
C GLY F 203 -7.52 10.94 23.19
N PHE F 204 -8.18 10.82 22.05
CA PHE F 204 -8.18 9.59 21.28
C PHE F 204 -6.78 9.36 20.70
N VAL F 205 -6.32 8.11 20.76
CA VAL F 205 -5.00 7.73 20.28
C VAL F 205 -5.19 6.86 19.04
N PRO F 206 -4.84 7.33 17.84
CA PRO F 206 -4.88 6.48 16.65
C PRO F 206 -3.58 5.70 16.47
N LYS F 207 -3.64 4.71 15.57
CA LYS F 207 -2.49 3.89 15.26
C LYS F 207 -1.32 4.70 14.72
N MET F 208 -1.61 5.87 14.12
CA MET F 208 -0.56 6.74 13.62
C MET F 208 0.44 7.11 14.71
N GLU F 209 -0.01 7.20 15.97
CA GLU F 209 0.86 7.63 17.06
C GLU F 209 2.09 6.74 17.16
N SER F 210 1.93 5.45 16.83
CA SER F 210 3.06 4.52 16.82
C SER F 210 4.15 4.98 15.87
N GLU F 211 3.78 5.75 14.84
CA GLU F 211 4.74 6.19 13.84
C GLU F 211 5.12 7.66 13.97
N VAL F 212 4.22 8.51 14.45
CA VAL F 212 4.45 9.96 14.46
C VAL F 212 4.86 10.47 15.84
N GLY F 213 4.18 10.03 16.89
CA GLY F 213 4.55 10.42 18.24
C GLY F 213 4.10 11.81 18.66
N LEU F 214 2.98 12.30 18.12
CA LEU F 214 2.51 13.63 18.52
C LEU F 214 2.08 13.65 19.99
N ILE F 215 1.24 12.70 20.40
CA ILE F 215 0.76 12.69 21.78
C ILE F 215 1.93 12.48 22.75
N ASP F 216 2.82 11.55 22.42
CA ASP F 216 4.06 11.41 23.19
C ASP F 216 4.79 12.73 23.32
N TRP F 217 4.86 13.48 22.22
CA TRP F 217 5.54 14.77 22.22
C TRP F 217 4.78 15.80 23.03
N LEU F 218 3.45 15.78 22.95
CA LEU F 218 2.63 16.74 23.70
C LEU F 218 2.77 16.57 25.21
N ILE F 219 2.98 15.33 25.68
CA ILE F 219 2.89 15.04 27.11
C ILE F 219 4.25 14.83 27.76
N GLN F 220 5.35 14.90 27.00
CA GLN F 220 6.65 14.51 27.53
C GLN F 220 7.15 15.51 28.56
N ASP F 221 7.75 14.98 29.63
CA ASP F 221 8.37 15.77 30.69
C ASP F 221 9.63 14.99 31.05
N PRO F 222 10.80 15.46 30.65
CA PRO F 222 12.03 14.67 30.82
C PRO F 222 12.28 14.28 32.28
N ASP F 223 12.53 12.99 32.50
CA ASP F 223 12.78 12.44 33.83
C ASP F 223 11.63 12.73 34.80
N ASN F 224 10.40 12.64 34.29
CA ASN F 224 9.21 12.61 35.12
C ASN F 224 8.67 11.18 35.01
N GLY F 225 8.99 10.36 36.02
CA GLY F 225 8.59 8.96 35.99
C GLY F 225 7.08 8.77 35.90
N ALA F 226 6.31 9.75 36.37
CA ALA F 226 4.87 9.68 36.22
C ALA F 226 4.46 9.88 34.76
N VAL F 227 5.14 10.79 34.05
CA VAL F 227 4.85 11.00 32.64
C VAL F 227 5.33 9.80 31.82
N ALA F 228 6.43 9.18 32.22
CA ALA F 228 6.88 7.96 31.53
C ALA F 228 5.81 6.89 31.60
N THR F 229 5.21 6.69 32.78
CA THR F 229 4.08 5.79 32.91
C THR F 229 2.96 6.18 31.95
N GLU F 230 2.72 7.48 31.79
CA GLU F 230 1.73 7.95 30.84
C GLU F 230 2.19 7.68 29.41
N GLN F 231 3.47 7.93 29.13
CA GLN F 231 4.00 7.63 27.81
C GLN F 231 3.93 6.13 27.52
N GLN F 232 4.09 5.30 28.55
CA GLN F 232 3.95 3.85 28.38
C GLN F 232 2.55 3.46 27.95
N PHE F 233 1.53 4.13 28.48
CA PHE F 233 0.14 3.81 28.19
C PHE F 233 -0.27 4.24 26.79
N VAL F 234 0.19 5.42 26.35
CA VAL F 234 -0.17 5.89 25.00
C VAL F 234 0.33 4.94 23.93
N ARG F 235 1.59 4.51 24.06
CA ARG F 235 2.12 3.55 23.09
C ARG F 235 1.40 2.21 23.19
N ARG F 236 1.02 1.81 24.40
CA ARG F 236 0.19 0.62 24.54
C ARG F 236 -1.14 0.79 23.81
N LEU F 237 -1.75 1.98 23.92
CA LEU F 237 -3.01 2.24 23.23
C LEU F 237 -2.81 2.22 21.72
N ALA F 238 -1.70 2.79 21.25
CA ALA F 238 -1.49 2.89 19.81
C ALA F 238 -1.34 1.52 19.16
N ALA F 239 -0.65 0.59 19.84
CA ALA F 239 -0.43 -0.73 19.28
C ALA F 239 -1.62 -1.66 19.45
N SER F 240 -2.72 -1.20 20.03
CA SER F 240 -3.88 -2.05 20.30
C SER F 240 -4.92 -1.88 19.20
N GLU F 241 -5.60 -2.98 18.85
CA GLU F 241 -6.71 -2.91 17.91
C GLU F 241 -7.89 -2.21 18.57
N PRO F 242 -8.77 -1.60 17.77
CA PRO F 242 -9.74 -0.64 18.35
C PRO F 242 -10.59 -1.15 19.51
N ALA F 243 -10.98 -2.43 19.52
CA ALA F 243 -11.86 -2.90 20.59
C ALA F 243 -11.11 -3.07 21.91
N GLN F 244 -9.91 -3.64 21.88
CA GLN F 244 -9.11 -3.69 23.11
C GLN F 244 -8.57 -2.30 23.47
N LYS F 245 -8.31 -1.47 22.47
CA LYS F 245 -7.87 -0.10 22.75
C LYS F 245 -8.95 0.68 23.51
N ARG F 246 -10.19 0.63 23.01
CA ARG F 246 -11.29 1.36 23.64
C ARG F 246 -11.51 0.88 25.07
N ALA F 247 -11.31 -0.40 25.34
CA ALA F 247 -11.49 -0.93 26.69
C ALA F 247 -10.49 -0.31 27.66
N GLN F 248 -9.24 -0.22 27.25
CA GLN F 248 -8.22 0.37 28.04
C GLN F 248 -8.54 1.82 28.44
N MET F 249 -9.01 2.64 27.52
CA MET F 249 -9.26 4.00 27.74
C MET F 249 -10.40 4.11 28.64
N LEU F 250 -11.34 3.21 28.47
CA LEU F 250 -12.50 3.24 29.35
C LEU F 250 -12.10 2.90 30.78
N ASP F 251 -11.23 1.90 30.96
CA ASP F 251 -10.75 1.55 32.28
C ASP F 251 -10.13 2.74 32.99
N LEU F 252 -9.32 3.52 32.26
CA LEU F 252 -8.75 4.73 32.80
C LEU F 252 -9.83 5.74 33.15
N TYR F 253 -10.68 6.06 32.17
CA TYR F 253 -11.82 6.96 32.35
C TYR F 253 -12.61 6.57 33.59
N LYS F 254 -12.90 5.29 33.76
CA LYS F 254 -13.68 4.87 34.92
C LYS F 254 -12.93 5.15 36.21
N ARG F 255 -11.65 4.76 36.28
CA ARG F 255 -10.85 5.02 37.48
C ARG F 255 -10.77 6.51 37.79
N VAL F 256 -10.71 7.35 36.76
CA VAL F 256 -10.57 8.79 36.97
C VAL F 256 -11.88 9.37 37.48
N ILE F 257 -12.98 9.15 36.76
CA ILE F 257 -14.28 9.63 37.18
C ILE F 257 -14.57 9.23 38.62
N ASP F 258 -14.43 7.93 38.93
CA ASP F 258 -14.77 7.44 40.25
C ASP F 258 -13.95 8.15 41.32
N GLY F 259 -12.64 8.32 41.09
CA GLY F 259 -11.79 8.95 42.09
C GLY F 259 -12.00 10.44 42.27
N VAL F 260 -12.78 11.09 41.40
CA VAL F 260 -12.79 12.54 41.29
C VAL F 260 -14.14 13.14 41.70
N ILE F 261 -15.25 12.56 41.23
CA ILE F 261 -16.53 13.29 41.25
C ILE F 261 -17.01 13.59 42.66
N ASP F 262 -16.48 12.91 43.67
CA ASP F 262 -16.84 13.14 45.06
C ASP F 262 -15.86 14.04 45.80
N LEU F 263 -14.87 14.59 45.11
CA LEU F 263 -13.86 15.40 45.77
C LEU F 263 -14.31 16.84 45.99
N GLY F 264 -15.49 17.23 45.53
CA GLY F 264 -15.98 18.58 45.75
C GLY F 264 -15.71 19.57 44.63
N PHE F 265 -15.11 19.14 43.53
CA PHE F 265 -14.97 20.07 42.40
C PHE F 265 -16.06 19.81 41.37
N PRO F 266 -16.67 20.83 40.77
CA PRO F 266 -17.54 20.59 39.61
C PRO F 266 -16.73 19.96 38.49
N VAL F 267 -17.25 18.86 37.93
CA VAL F 267 -16.51 18.04 36.97
C VAL F 267 -17.12 18.23 35.59
N SER F 268 -16.29 18.59 34.62
CA SER F 268 -16.63 18.68 33.19
C SER F 268 -15.66 17.83 32.38
N LEU F 269 -15.99 17.62 31.11
CA LEU F 269 -15.20 16.82 30.18
C LEU F 269 -14.69 17.67 29.01
N HIS F 270 -13.53 17.29 28.48
CA HIS F 270 -12.93 17.94 27.32
C HIS F 270 -12.35 16.85 26.43
N PHE F 271 -13.00 16.60 25.30
CA PHE F 271 -12.63 15.53 24.39
C PHE F 271 -11.74 16.08 23.28
N GLU F 272 -10.62 15.40 23.03
CA GLU F 272 -9.62 15.81 22.06
C GLU F 272 -9.29 14.67 21.13
N ALA F 273 -9.13 14.98 19.85
CA ALA F 273 -8.54 14.07 18.87
C ALA F 273 -7.33 14.79 18.29
N PRO F 274 -6.15 14.60 18.87
CA PRO F 274 -4.97 15.36 18.40
C PRO F 274 -4.68 15.19 16.92
N TYR F 275 -5.00 14.04 16.33
CA TYR F 275 -4.75 13.81 14.92
C TYR F 275 -5.92 14.20 14.02
N GLY F 276 -7.02 14.70 14.60
CA GLY F 276 -8.19 15.07 13.80
C GLY F 276 -9.40 14.25 14.21
N VAL F 277 -10.53 14.94 14.27
CA VAL F 277 -11.85 14.34 14.47
C VAL F 277 -12.06 13.19 13.49
N SER F 278 -12.60 12.07 13.99
CA SER F 278 -12.76 10.86 13.20
C SER F 278 -13.86 10.01 13.84
N ALA F 279 -14.34 9.01 13.09
CA ALA F 279 -15.40 8.16 13.61
C ALA F 279 -14.94 7.26 14.75
N PRO F 280 -13.79 6.57 14.67
CA PRO F 280 -13.31 5.84 15.86
C PRO F 280 -13.22 6.73 17.09
N ALA F 281 -12.74 7.97 16.91
CA ALA F 281 -12.66 8.92 18.01
C ALA F 281 -14.02 9.17 18.64
N PHE F 282 -15.05 9.43 17.81
CA PHE F 282 -16.34 9.85 18.36
C PHE F 282 -17.04 8.73 19.12
N GLU F 283 -16.84 7.48 18.72
CA GLU F 283 -17.52 6.40 19.43
C GLU F 283 -16.76 5.98 20.70
N THR F 284 -15.47 6.28 20.82
CA THR F 284 -14.82 6.22 22.13
C THR F 284 -15.30 7.36 23.02
N PHE F 285 -15.54 8.54 22.45
CA PHE F 285 -16.09 9.65 23.21
C PHE F 285 -17.50 9.34 23.67
N ALA F 286 -18.28 8.64 22.85
CA ALA F 286 -19.63 8.26 23.25
C ALA F 286 -19.60 7.18 24.31
N ALA F 287 -18.66 6.26 24.23
CA ALA F 287 -18.62 5.17 25.20
C ALA F 287 -18.28 5.70 26.59
N MET F 288 -17.35 6.65 26.66
CA MET F 288 -17.06 7.32 27.93
C MET F 288 -18.31 7.98 28.47
N LEU F 289 -19.02 8.73 27.62
CA LEU F 289 -20.26 9.38 28.05
C LEU F 289 -21.29 8.39 28.53
N ASP F 290 -21.32 7.18 27.96
CA ASP F 290 -22.27 6.18 28.41
C ASP F 290 -21.94 5.65 29.80
N TYR F 291 -20.68 5.77 30.25
CA TYR F 291 -20.39 5.42 31.64
C TYR F 291 -20.76 6.56 32.58
N TRP F 292 -20.24 7.76 32.32
CA TRP F 292 -20.58 8.93 33.12
C TRP F 292 -20.54 10.18 32.25
N ALA F 293 -21.53 11.04 32.45
CA ALA F 293 -21.69 12.27 31.70
C ALA F 293 -22.14 13.36 32.65
N PRO F 294 -21.79 14.62 32.37
CA PRO F 294 -22.41 15.73 33.08
C PRO F 294 -23.88 15.86 32.69
N ASP F 295 -24.59 16.72 33.43
CA ASP F 295 -25.88 17.32 33.03
C ASP F 295 -26.46 18.08 34.21
PA NAI G . -18.37 -2.04 -16.82
O1A NAI G . -19.15 -2.60 -17.94
O2A NAI G . -17.42 -2.92 -16.12
O5B NAI G . -19.37 -1.41 -15.74
C5B NAI G . -20.65 -0.96 -16.22
C4B NAI G . -21.58 -0.78 -15.05
O4B NAI G . -21.30 0.47 -14.39
C3B NAI G . -23.07 -0.72 -15.39
O3B NAI G . -23.82 -1.19 -14.27
C2B NAI G . -23.26 0.77 -15.65
O2B NAI G . -24.59 1.17 -15.45
C1B NAI G . -22.35 1.39 -14.60
N9A NAI G . -21.74 2.65 -14.98
C8A NAI G . -21.14 2.93 -16.17
N7A NAI G . -20.61 4.11 -16.22
C5A NAI G . -20.83 4.64 -14.97
C6A NAI G . -20.50 5.88 -14.39
N6A NAI G . -19.81 6.82 -15.03
N1A NAI G . -20.86 6.09 -13.11
C2A NAI G . -21.53 5.12 -12.47
N3A NAI G . -21.92 3.93 -12.92
C4A NAI G . -21.53 3.75 -14.19
O3 NAI G . -17.61 -0.73 -17.30
PN NAI G . -16.48 0.17 -16.62
O1N NAI G . -16.25 -0.32 -15.24
O2N NAI G . -15.33 0.26 -17.55
O5D NAI G . -17.24 1.57 -16.54
C5D NAI G . -17.39 2.34 -17.75
C4D NAI G . -17.49 3.79 -17.38
O4D NAI G . -16.20 4.23 -16.90
C3D NAI G . -17.84 4.77 -18.49
O3D NAI G . -19.24 4.91 -18.63
C2D NAI G . -17.21 6.07 -17.97
O2D NAI G . -18.17 6.91 -17.37
C1D NAI G . -16.18 5.65 -16.92
N1N NAI G . -14.82 6.11 -17.28
C2N NAI G . -14.27 5.74 -18.48
C3N NAI G . -13.09 6.33 -18.89
C7N NAI G . -12.71 6.14 -20.33
O7N NAI G . -11.65 6.59 -20.74
N7N NAI G . -13.55 5.45 -21.11
C4N NAI G . -12.34 7.03 -17.98
C5N NAI G . -12.88 7.38 -16.78
C6N NAI G . -14.12 6.89 -16.44
PA NAI H . 19.34 -35.06 1.18
O1A NAI H . 18.80 -36.40 1.59
O2A NAI H . 18.39 -34.11 0.56
O5B NAI H . 20.58 -35.26 0.21
C5B NAI H . 21.49 -36.34 0.50
C4B NAI H . 22.32 -36.62 -0.74
O4B NAI H . 23.56 -35.88 -0.64
C3B NAI H . 22.77 -38.06 -0.93
O3B NAI H . 23.00 -38.33 -2.31
C2B NAI H . 24.03 -38.11 -0.07
O2B NAI H . 24.92 -39.11 -0.44
C1B NAI H . 24.63 -36.74 -0.34
N9A NAI H . 25.31 -36.14 0.80
C8A NAI H . 24.84 -36.09 2.07
N7A NAI H . 25.61 -35.41 2.88
C5A NAI H . 26.63 -34.97 2.07
C6A NAI H . 27.76 -34.18 2.34
N6A NAI H . 28.00 -33.66 3.54
N1A NAI H . 28.58 -33.89 1.31
C2A NAI H . 28.29 -34.39 0.11
N3A NAI H . 27.26 -35.15 -0.26
C4A NAI H . 26.46 -35.40 0.78
O3 NAI H . 20.01 -34.36 2.45
PN NAI H . 20.52 -32.87 2.76
O1N NAI H . 20.47 -32.06 1.53
O2N NAI H . 19.78 -32.34 3.93
O5D NAI H . 22.04 -33.14 3.15
C5D NAI H . 22.34 -33.77 4.42
C4D NAI H . 23.75 -33.41 4.83
O4D NAI H . 23.83 -32.00 5.07
C3D NAI H . 24.30 -34.05 6.10
O3D NAI H . 24.95 -35.29 5.84
C2D NAI H . 25.36 -33.02 6.53
O2D NAI H . 26.67 -33.45 6.18
C1D NAI H . 25.02 -31.73 5.78
N1N NAI H . 24.77 -30.60 6.70
C2N NAI H . 24.13 -30.82 7.89
C3N NAI H . 23.71 -29.73 8.64
C7N NAI H . 22.76 -29.99 9.77
O7N NAI H . 22.29 -29.03 10.38
N7N NAI H . 22.45 -31.24 10.05
C4N NAI H . 24.16 -28.46 8.31
C5N NAI H . 25.00 -28.31 7.25
C6N NAI H . 25.18 -29.37 6.38
PA NAI I . 3.90 43.85 -2.97
O1A NAI I . 3.38 42.55 -2.51
O2A NAI I . 2.93 44.82 -3.52
O5B NAI I . 5.10 43.62 -4.00
C5B NAI I . 5.84 42.39 -3.87
C4B NAI I . 6.87 42.26 -4.96
O4B NAI I . 8.01 43.10 -4.65
C3B NAI I . 7.45 40.86 -5.17
O3B NAI I . 7.78 40.63 -6.53
C2B NAI I . 8.71 40.89 -4.31
O2B NAI I . 9.71 39.99 -4.75
C1B NAI I . 9.18 42.33 -4.52
N9A NAI I . 9.90 42.89 -3.38
C8A NAI I . 9.49 42.85 -2.08
N7A NAI I . 10.28 43.48 -1.26
C5A NAI I . 11.26 44.01 -2.08
C6A NAI I . 12.38 44.80 -1.82
N6A NAI I . 12.70 45.23 -0.61
N1A NAI I . 13.16 45.18 -2.86
C2A NAI I . 12.81 44.75 -4.08
N3A NAI I . 11.79 43.98 -4.46
C4A NAI I . 11.04 43.65 -3.40
O3 NAI I . 4.69 44.49 -1.73
PN NAI I . 5.10 45.98 -1.36
O1N NAI I . 5.07 46.83 -2.57
O2N NAI I . 4.28 46.40 -0.20
O5D NAI I . 6.60 45.76 -0.92
C5D NAI I . 6.91 45.15 0.35
C4D NAI I . 8.31 45.55 0.72
O4D NAI I . 8.34 46.95 1.02
C3D NAI I . 8.94 44.89 1.94
O3D NAI I . 9.51 43.63 1.64
C2D NAI I . 10.01 45.94 2.31
O2D NAI I . 11.30 45.55 1.91
C1D NAI I . 9.59 47.24 1.62
N1N NAI I . 9.41 48.35 2.59
C2N NAI I . 8.72 48.11 3.74
C3N NAI I . 8.20 49.17 4.45
C7N NAI I . 7.14 48.85 5.47
O7N NAI I . 6.48 49.75 5.94
N7N NAI I . 6.98 47.58 5.80
C4N NAI I . 8.67 50.45 4.17
C5N NAI I . 9.57 50.64 3.16
C6N NAI I . 9.92 49.56 2.36
PA NAI J . -19.63 -14.49 12.30
O1A NAI J . -19.11 -13.77 13.51
O2A NAI J . -18.65 -14.85 11.25
O5B NAI J . -20.81 -13.64 11.66
C5B NAI J . -21.40 -12.61 12.50
C4B NAI J . -22.51 -11.88 11.78
O4B NAI J . -23.60 -12.79 11.53
C3B NAI J . -23.15 -10.71 12.55
O3B NAI J . -23.54 -9.67 11.66
C2B NAI J . -24.40 -11.35 13.17
O2B NAI J . -25.38 -10.38 13.42
C1B NAI J . -24.81 -12.29 12.06
N9A NAI J . -25.57 -13.45 12.49
C8A NAI J . -25.20 -14.34 13.46
N7A NAI J . -26.02 -15.34 13.59
C5A NAI J . -26.99 -15.12 12.61
C6A NAI J . -28.13 -15.84 12.24
N6A NAI J . -28.48 -17.00 12.80
N1A NAI J . -28.86 -15.37 11.22
C2A NAI J . -28.47 -14.22 10.65
N3A NAI J . -27.43 -13.46 10.92
C4A NAI J . -26.71 -13.97 11.92
O3 NAI J . -20.37 -15.82 12.79
PN NAI J . -20.80 -17.17 12.04
O1N NAI J . -20.65 -16.97 10.58
O2N NAI J . -20.11 -18.32 12.66
O5D NAI J . -22.34 -17.23 12.41
C5D NAI J . -22.71 -17.64 13.72
C4D NAI J . -24.10 -18.21 13.68
O4D NAI J . -24.08 -19.47 12.98
C3D NAI J . -24.76 -18.55 15.02
O3D NAI J . -25.38 -17.42 15.62
C2D NAI J . -25.79 -19.58 14.58
O2D NAI J . -27.05 -18.93 14.40
C1D NAI J . -25.30 -20.13 13.23
N1N NAI J . -25.05 -21.59 13.26
C2N NAI J . -24.29 -22.16 14.25
C3N NAI J . -24.03 -23.52 14.25
C7N NAI J . -23.17 -24.09 15.35
O7N NAI J . -22.98 -25.30 15.41
N7N NAI J . -22.64 -23.23 16.20
C4N NAI J . -24.56 -24.30 13.22
C5N NAI J . -25.44 -23.74 12.33
C6N NAI J . -25.60 -22.38 12.31
PA NAI K . 18.95 -24.74 -28.86
O1A NAI K . 19.79 -23.62 -29.35
O2A NAI K . 17.90 -24.46 -27.87
O5B NAI K . 19.92 -25.90 -28.34
C5B NAI K . 21.14 -26.09 -29.10
C4B NAI K . 22.07 -26.96 -28.29
O4B NAI K . 21.81 -28.35 -28.57
C3B NAI K . 23.56 -26.79 -28.59
O3B NAI K . 24.35 -27.20 -27.49
C2B NAI K . 23.73 -27.73 -29.79
O2B NAI K . 25.05 -28.17 -29.95
C1B NAI K . 22.86 -28.89 -29.35
N9A NAI K . 22.25 -29.60 -30.45
C8A NAI K . 21.59 -29.07 -31.53
N7A NAI K . 21.11 -29.97 -32.35
C5A NAI K . 21.45 -31.18 -31.75
C6A NAI K . 21.22 -32.52 -32.12
N6A NAI K . 20.54 -32.89 -33.20
N1A NAI K . 21.67 -33.48 -31.28
C2A NAI K . 22.35 -33.12 -30.19
N3A NAI K . 22.64 -31.90 -29.75
C4A NAI K . 22.14 -30.96 -30.58
O3 NAI K . 18.28 -25.42 -30.13
PN NAI K . 17.10 -26.50 -30.32
O1N NAI K . 16.76 -27.13 -29.03
O2N NAI K . 16.01 -25.87 -31.10
O5D NAI K . 17.90 -27.55 -31.22
C5D NAI K . 17.97 -27.34 -32.64
C4D NAI K . 18.08 -28.70 -33.29
O4D NAI K . 16.81 -29.36 -33.24
C3D NAI K . 18.46 -28.73 -34.78
O3D NAI K . 19.87 -28.69 -34.93
C2D NAI K . 17.86 -30.08 -35.21
O2D NAI K . 18.83 -31.09 -35.35
C1D NAI K . 16.85 -30.46 -34.12
N1N NAI K . 15.51 -30.64 -34.70
C2N NAI K . 15.10 -29.83 -35.70
C3N NAI K . 13.76 -29.72 -35.91
C7N NAI K . 13.26 -28.38 -36.37
O7N NAI K . 12.16 -28.00 -36.03
N7N NAI K . 14.08 -27.65 -37.12
C4N NAI K . 12.95 -30.79 -35.61
C5N NAI K . 13.44 -31.78 -34.80
C6N NAI K . 14.69 -31.62 -34.26
PA NAI L . 2.61 28.58 33.23
O1A NAI L . 3.43 29.72 32.76
O2A NAI L . 1.65 28.82 34.34
O5B NAI L . 3.54 27.35 33.56
C5B NAI L . 4.85 27.36 32.98
C4B NAI L . 5.74 26.45 33.77
O4B NAI L . 5.42 25.08 33.40
C3B NAI L . 7.24 26.58 33.53
O3B NAI L . 7.96 26.18 34.69
C2B NAI L . 7.45 25.64 32.34
O2B NAI L . 8.77 25.21 32.21
C1B NAI L . 6.50 24.51 32.69
N9A NAI L . 5.92 23.82 31.54
C8A NAI L . 5.37 24.41 30.44
N7A NAI L . 4.88 23.55 29.59
C5A NAI L . 5.10 22.32 30.18
C6A NAI L . 4.81 21.01 29.77
N6A NAI L . 4.16 20.73 28.64
N1A NAI L . 5.15 20.00 30.60
C2A NAI L . 5.77 20.29 31.74
N3A NAI L . 6.11 21.48 32.23
C4A NAI L . 5.74 22.46 31.39
O3 NAI L . 1.80 27.96 32.01
PN NAI L . 0.66 26.85 31.92
O1N NAI L . 0.39 26.29 33.27
O2N NAI L . -0.47 27.40 31.14
O5D NAI L . 1.42 25.75 31.04
C5D NAI L . 1.63 26.05 29.66
C4D NAI L . 1.72 24.74 28.90
O4D NAI L . 0.43 24.09 28.94
C3D NAI L . 2.04 24.83 27.41
O3D NAI L . 3.46 24.86 27.19
C2D NAI L . 1.49 23.49 26.93
O2D NAI L . 2.53 22.54 26.94
C1D NAI L . 0.42 23.09 27.94
N1N NAI L . -0.94 23.05 27.33
C2N NAI L . -1.33 24.00 26.44
C3N NAI L . -2.61 23.97 25.91
C7N NAI L . -3.01 25.05 24.95
O7N NAI L . -4.03 24.93 24.29
N7N NAI L . -2.22 26.12 24.88
C4N NAI L . -3.48 22.97 26.29
C5N NAI L . -3.02 21.94 27.07
C6N NAI L . -1.78 22.06 27.66
#